data_3KH7
# 
_entry.id   3KH7 
# 
_audit_conform.dict_name       mmcif_pdbx.dic 
_audit_conform.dict_version    5.378 
_audit_conform.dict_location   http://mmcif.pdb.org/dictionaries/ascii/mmcif_pdbx.dic 
# 
loop_
_database_2.database_id 
_database_2.database_code 
_database_2.pdbx_database_accession 
_database_2.pdbx_DOI 
PDB   3KH7         pdb_00003kh7 10.2210/pdb3kh7/pdb 
RCSB  RCSB055988   ?            ?                   
WWPDB D_1000055988 ?            ?                   
# 
_pdbx_database_related.db_name        PDB 
_pdbx_database_related.db_id          3KH9 
_pdbx_database_related.details        
'Crystal structure of the periplasmic soluble domain of oxidized CcmG from Pseudomonas aeruginosa' 
_pdbx_database_related.content_type   unspecified 
# 
_pdbx_database_status.entry_id                        3KH7 
_pdbx_database_status.deposit_site                    RCSB 
_pdbx_database_status.process_site                    RCSB 
_pdbx_database_status.recvd_initial_deposition_date   2009-10-30 
_pdbx_database_status.status_code                     REL 
_pdbx_database_status.status_code_sf                  REL 
_pdbx_database_status.status_code_mr                  ? 
_pdbx_database_status.SG_entry                        ? 
_pdbx_database_status.pdb_format_compatible           Y 
_pdbx_database_status.status_code_cs                  ? 
_pdbx_database_status.methods_development_category    ? 
_pdbx_database_status.status_code_nmr_data            ? 
# 
loop_
_audit_author.name 
_audit_author.pdbx_ordinal 
'Di Matteo, A.'              1 
'Calosci, N.'                2 
'Gianni, S.'                 3 
'Jemth, P.'                  4 
'Brunori, M.'                5 
'Travaglini Allocatelli, C.' 6 
# 
_citation.id                        primary 
_citation.title                     
;Structural and functional characterization of CcmG from Pseudomonas aeruginosa, a key component of the bacterial cytochrome c maturation apparatus.
;
_citation.journal_abbrev            Proteins 
_citation.journal_volume            78 
_citation.page_first                2213 
_citation.page_last                 2221 
_citation.year                      2010 
_citation.journal_id_ASTM           PSFGEY 
_citation.country                   US 
_citation.journal_id_ISSN           0887-3585 
_citation.journal_id_CSD            0867 
_citation.book_publisher            ? 
_citation.pdbx_database_id_PubMed   20544959 
_citation.pdbx_database_id_DOI      10.1002/prot.22733 
# 
loop_
_citation_author.citation_id 
_citation_author.name 
_citation_author.ordinal 
_citation_author.identifier_ORCID 
primary 'Di Matteo, A.'              1 ? 
primary 'Calosci, N.'                2 ? 
primary 'Gianni, S.'                 3 ? 
primary 'Jemth, P.'                  4 ? 
primary 'Brunori, M.'                5 ? 
primary 'Travaglini-Allocatelli, C.' 6 ? 
# 
_cell.length_a           74.345 
_cell.length_b           74.345 
_cell.length_c           66.746 
_cell.angle_alpha        90.000 
_cell.angle_beta         90.000 
_cell.angle_gamma        90.000 
_cell.entry_id           3KH7 
_cell.pdbx_unique_axis   ? 
_cell.Z_PDB              8 
_cell.length_a_esd       ? 
_cell.length_b_esd       ? 
_cell.length_c_esd       ? 
_cell.angle_alpha_esd    ? 
_cell.angle_beta_esd     ? 
_cell.angle_gamma_esd    ? 
# 
_symmetry.space_group_name_H-M             'P 41 21 2' 
_symmetry.entry_id                         3KH7 
_symmetry.Int_Tables_number                92 
_symmetry.pdbx_full_space_group_name_H-M   ? 
_symmetry.cell_setting                     ? 
_symmetry.space_group_name_Hall            ? 
# 
loop_
_entity.id 
_entity.type 
_entity.src_method 
_entity.pdbx_description 
_entity.formula_weight 
_entity.pdbx_number_of_molecules 
_entity.pdbx_ec 
_entity.pdbx_mutation 
_entity.pdbx_fragment 
_entity.details 
1 polymer man 'Thiol:disulfide interchange protein dsbE' 19560.182 1   ? ? 'Soluble domain residues 26-180' ? 
2 water   nat water                                      18.015    145 ? ? ?                                ? 
# 
_entity_name_com.entity_id   1 
_entity_name_com.name        'Cytochrome c biogenesis protein ccmG' 
# 
_entity_poly.entity_id                      1 
_entity_poly.type                           'polypeptide(L)' 
_entity_poly.nstd_linkage                   no 
_entity_poly.nstd_monomer                   no 
_entity_poly.pdbx_seq_one_letter_code       
;MGSSHHHHHHSSGLVPRGSHMLDPSELPSALIGKPFPAFDLPSVQDPARRLTEADLKGKPALVNVWGTWCPSCRVEHPEL
TRLAEQGVVIYGINYKDDNAAAIKWLNELHNPYLLSISDADGTLGLDLGVYGAPETYLIDKQGIIRHKIVGVVDQKVWRE
QLAPLYQQLLDEPEAR
;
_entity_poly.pdbx_seq_one_letter_code_can   
;MGSSHHHHHHSSGLVPRGSHMLDPSELPSALIGKPFPAFDLPSVQDPARRLTEADLKGKPALVNVWGTWCPSCRVEHPEL
TRLAEQGVVIYGINYKDDNAAAIKWLNELHNPYLLSISDADGTLGLDLGVYGAPETYLIDKQGIIRHKIVGVVDQKVWRE
QLAPLYQQLLDEPEAR
;
_entity_poly.pdbx_strand_id                 A 
_entity_poly.pdbx_target_identifier         ? 
# 
loop_
_entity_poly_seq.entity_id 
_entity_poly_seq.num 
_entity_poly_seq.mon_id 
_entity_poly_seq.hetero 
1 1   MET n 
1 2   GLY n 
1 3   SER n 
1 4   SER n 
1 5   HIS n 
1 6   HIS n 
1 7   HIS n 
1 8   HIS n 
1 9   HIS n 
1 10  HIS n 
1 11  SER n 
1 12  SER n 
1 13  GLY n 
1 14  LEU n 
1 15  VAL n 
1 16  PRO n 
1 17  ARG n 
1 18  GLY n 
1 19  SER n 
1 20  HIS n 
1 21  MET n 
1 22  LEU n 
1 23  ASP n 
1 24  PRO n 
1 25  SER n 
1 26  GLU n 
1 27  LEU n 
1 28  PRO n 
1 29  SER n 
1 30  ALA n 
1 31  LEU n 
1 32  ILE n 
1 33  GLY n 
1 34  LYS n 
1 35  PRO n 
1 36  PHE n 
1 37  PRO n 
1 38  ALA n 
1 39  PHE n 
1 40  ASP n 
1 41  LEU n 
1 42  PRO n 
1 43  SER n 
1 44  VAL n 
1 45  GLN n 
1 46  ASP n 
1 47  PRO n 
1 48  ALA n 
1 49  ARG n 
1 50  ARG n 
1 51  LEU n 
1 52  THR n 
1 53  GLU n 
1 54  ALA n 
1 55  ASP n 
1 56  LEU n 
1 57  LYS n 
1 58  GLY n 
1 59  LYS n 
1 60  PRO n 
1 61  ALA n 
1 62  LEU n 
1 63  VAL n 
1 64  ASN n 
1 65  VAL n 
1 66  TRP n 
1 67  GLY n 
1 68  THR n 
1 69  TRP n 
1 70  CYS n 
1 71  PRO n 
1 72  SER n 
1 73  CYS n 
1 74  ARG n 
1 75  VAL n 
1 76  GLU n 
1 77  HIS n 
1 78  PRO n 
1 79  GLU n 
1 80  LEU n 
1 81  THR n 
1 82  ARG n 
1 83  LEU n 
1 84  ALA n 
1 85  GLU n 
1 86  GLN n 
1 87  GLY n 
1 88  VAL n 
1 89  VAL n 
1 90  ILE n 
1 91  TYR n 
1 92  GLY n 
1 93  ILE n 
1 94  ASN n 
1 95  TYR n 
1 96  LYS n 
1 97  ASP n 
1 98  ASP n 
1 99  ASN n 
1 100 ALA n 
1 101 ALA n 
1 102 ALA n 
1 103 ILE n 
1 104 LYS n 
1 105 TRP n 
1 106 LEU n 
1 107 ASN n 
1 108 GLU n 
1 109 LEU n 
1 110 HIS n 
1 111 ASN n 
1 112 PRO n 
1 113 TYR n 
1 114 LEU n 
1 115 LEU n 
1 116 SER n 
1 117 ILE n 
1 118 SER n 
1 119 ASP n 
1 120 ALA n 
1 121 ASP n 
1 122 GLY n 
1 123 THR n 
1 124 LEU n 
1 125 GLY n 
1 126 LEU n 
1 127 ASP n 
1 128 LEU n 
1 129 GLY n 
1 130 VAL n 
1 131 TYR n 
1 132 GLY n 
1 133 ALA n 
1 134 PRO n 
1 135 GLU n 
1 136 THR n 
1 137 TYR n 
1 138 LEU n 
1 139 ILE n 
1 140 ASP n 
1 141 LYS n 
1 142 GLN n 
1 143 GLY n 
1 144 ILE n 
1 145 ILE n 
1 146 ARG n 
1 147 HIS n 
1 148 LYS n 
1 149 ILE n 
1 150 VAL n 
1 151 GLY n 
1 152 VAL n 
1 153 VAL n 
1 154 ASP n 
1 155 GLN n 
1 156 LYS n 
1 157 VAL n 
1 158 TRP n 
1 159 ARG n 
1 160 GLU n 
1 161 GLN n 
1 162 LEU n 
1 163 ALA n 
1 164 PRO n 
1 165 LEU n 
1 166 TYR n 
1 167 GLN n 
1 168 GLN n 
1 169 LEU n 
1 170 LEU n 
1 171 ASP n 
1 172 GLU n 
1 173 PRO n 
1 174 GLU n 
1 175 ALA n 
1 176 ARG n 
# 
_entity_src_gen.entity_id                          1 
_entity_src_gen.pdbx_src_id                        1 
_entity_src_gen.pdbx_alt_source_flag               sample 
_entity_src_gen.pdbx_seq_type                      ? 
_entity_src_gen.pdbx_beg_seq_num                   ? 
_entity_src_gen.pdbx_end_seq_num                   ? 
_entity_src_gen.gene_src_common_name               ? 
_entity_src_gen.gene_src_genus                     ? 
_entity_src_gen.pdbx_gene_src_gene                 'ccmG, dsbE, PA1481' 
_entity_src_gen.gene_src_species                   ? 
_entity_src_gen.gene_src_strain                    PAO1 
_entity_src_gen.gene_src_tissue                    ? 
_entity_src_gen.gene_src_tissue_fraction           ? 
_entity_src_gen.gene_src_details                   ? 
_entity_src_gen.pdbx_gene_src_fragment             ? 
_entity_src_gen.pdbx_gene_src_scientific_name      'Pseudomonas aeruginosa' 
_entity_src_gen.pdbx_gene_src_ncbi_taxonomy_id     287 
_entity_src_gen.pdbx_gene_src_variant              ? 
_entity_src_gen.pdbx_gene_src_cell_line            ? 
_entity_src_gen.pdbx_gene_src_atcc                 ? 
_entity_src_gen.pdbx_gene_src_organ                ? 
_entity_src_gen.pdbx_gene_src_organelle            ? 
_entity_src_gen.pdbx_gene_src_cell                 ? 
_entity_src_gen.pdbx_gene_src_cellular_location    ? 
_entity_src_gen.host_org_common_name               ? 
_entity_src_gen.pdbx_host_org_scientific_name      'Escherichia coli' 
_entity_src_gen.pdbx_host_org_ncbi_taxonomy_id     562 
_entity_src_gen.host_org_genus                     ? 
_entity_src_gen.pdbx_host_org_gene                 ? 
_entity_src_gen.pdbx_host_org_organ                ? 
_entity_src_gen.host_org_species                   ? 
_entity_src_gen.pdbx_host_org_tissue               ? 
_entity_src_gen.pdbx_host_org_tissue_fraction      ? 
_entity_src_gen.pdbx_host_org_strain               ? 
_entity_src_gen.pdbx_host_org_variant              ? 
_entity_src_gen.pdbx_host_org_cell_line            ? 
_entity_src_gen.pdbx_host_org_atcc                 ? 
_entity_src_gen.pdbx_host_org_culture_collection   ? 
_entity_src_gen.pdbx_host_org_cell                 ? 
_entity_src_gen.pdbx_host_org_organelle            ? 
_entity_src_gen.pdbx_host_org_cellular_location    ? 
_entity_src_gen.pdbx_host_org_vector_type          ? 
_entity_src_gen.pdbx_host_org_vector               ? 
_entity_src_gen.host_org_details                   ? 
_entity_src_gen.expression_system_id               ? 
_entity_src_gen.plasmid_name                       pET28 
_entity_src_gen.plasmid_details                    ? 
_entity_src_gen.pdbx_description                   ? 
# 
_struct_ref.id                         1 
_struct_ref.db_name                    UNP 
_struct_ref.db_code                    DSBE_PSEAE 
_struct_ref.pdbx_db_accession          Q9I3N1 
_struct_ref.entity_id                  1 
_struct_ref.pdbx_seq_one_letter_code   
;LDPSELPSALIGKPFPAFDLPSVQDPARRLTEADLKGKPALVNVWGTWCPSCRVEHPELTRLAEQGVVIYGINYKDDNAA
AIKWLNELHNPYLLSISDADGTLGLDLGVYGAPETYLIDKQGIIRHKIVGVVDQKVWREQLAPLYQQLLDEPEAR
;
_struct_ref.pdbx_align_begin           26 
_struct_ref.pdbx_db_isoform            ? 
# 
_struct_ref_seq.align_id                      1 
_struct_ref_seq.ref_id                        1 
_struct_ref_seq.pdbx_PDB_id_code              3KH7 
_struct_ref_seq.pdbx_strand_id                A 
_struct_ref_seq.seq_align_beg                 22 
_struct_ref_seq.pdbx_seq_align_beg_ins_code   ? 
_struct_ref_seq.seq_align_end                 176 
_struct_ref_seq.pdbx_seq_align_end_ins_code   ? 
_struct_ref_seq.pdbx_db_accession             Q9I3N1 
_struct_ref_seq.db_align_beg                  26 
_struct_ref_seq.pdbx_db_align_beg_ins_code    ? 
_struct_ref_seq.db_align_end                  180 
_struct_ref_seq.pdbx_db_align_end_ins_code    ? 
_struct_ref_seq.pdbx_auth_seq_align_beg       26 
_struct_ref_seq.pdbx_auth_seq_align_end       180 
# 
loop_
_struct_ref_seq_dif.align_id 
_struct_ref_seq_dif.pdbx_pdb_id_code 
_struct_ref_seq_dif.mon_id 
_struct_ref_seq_dif.pdbx_pdb_strand_id 
_struct_ref_seq_dif.seq_num 
_struct_ref_seq_dif.pdbx_pdb_ins_code 
_struct_ref_seq_dif.pdbx_seq_db_name 
_struct_ref_seq_dif.pdbx_seq_db_accession_code 
_struct_ref_seq_dif.db_mon_id 
_struct_ref_seq_dif.pdbx_seq_db_seq_num 
_struct_ref_seq_dif.details 
_struct_ref_seq_dif.pdbx_auth_seq_num 
_struct_ref_seq_dif.pdbx_ordinal 
1 3KH7 MET A 1  ? UNP Q9I3N1 ? ? 'expression tag' 5  1  
1 3KH7 GLY A 2  ? UNP Q9I3N1 ? ? 'expression tag' 6  2  
1 3KH7 SER A 3  ? UNP Q9I3N1 ? ? 'expression tag' 7  3  
1 3KH7 SER A 4  ? UNP Q9I3N1 ? ? 'expression tag' 8  4  
1 3KH7 HIS A 5  ? UNP Q9I3N1 ? ? 'expression tag' 9  5  
1 3KH7 HIS A 6  ? UNP Q9I3N1 ? ? 'expression tag' 10 6  
1 3KH7 HIS A 7  ? UNP Q9I3N1 ? ? 'expression tag' 11 7  
1 3KH7 HIS A 8  ? UNP Q9I3N1 ? ? 'expression tag' 12 8  
1 3KH7 HIS A 9  ? UNP Q9I3N1 ? ? 'expression tag' 13 9  
1 3KH7 HIS A 10 ? UNP Q9I3N1 ? ? 'expression tag' 14 10 
1 3KH7 SER A 11 ? UNP Q9I3N1 ? ? 'expression tag' 15 11 
1 3KH7 SER A 12 ? UNP Q9I3N1 ? ? 'expression tag' 16 12 
1 3KH7 GLY A 13 ? UNP Q9I3N1 ? ? 'expression tag' 17 13 
1 3KH7 LEU A 14 ? UNP Q9I3N1 ? ? 'expression tag' 18 14 
1 3KH7 VAL A 15 ? UNP Q9I3N1 ? ? 'expression tag' 19 15 
1 3KH7 PRO A 16 ? UNP Q9I3N1 ? ? 'expression tag' 20 16 
1 3KH7 ARG A 17 ? UNP Q9I3N1 ? ? 'expression tag' 21 17 
1 3KH7 GLY A 18 ? UNP Q9I3N1 ? ? 'expression tag' 22 18 
1 3KH7 SER A 19 ? UNP Q9I3N1 ? ? 'expression tag' 23 19 
1 3KH7 HIS A 20 ? UNP Q9I3N1 ? ? 'expression tag' 24 20 
1 3KH7 MET A 21 ? UNP Q9I3N1 ? ? 'expression tag' 25 21 
# 
loop_
_chem_comp.id 
_chem_comp.type 
_chem_comp.mon_nstd_flag 
_chem_comp.name 
_chem_comp.pdbx_synonyms 
_chem_comp.formula 
_chem_comp.formula_weight 
ALA 'L-peptide linking' y ALANINE         ? 'C3 H7 N O2'     89.093  
ARG 'L-peptide linking' y ARGININE        ? 'C6 H15 N4 O2 1' 175.209 
ASN 'L-peptide linking' y ASPARAGINE      ? 'C4 H8 N2 O3'    132.118 
ASP 'L-peptide linking' y 'ASPARTIC ACID' ? 'C4 H7 N O4'     133.103 
CYS 'L-peptide linking' y CYSTEINE        ? 'C3 H7 N O2 S'   121.158 
GLN 'L-peptide linking' y GLUTAMINE       ? 'C5 H10 N2 O3'   146.144 
GLU 'L-peptide linking' y 'GLUTAMIC ACID' ? 'C5 H9 N O4'     147.129 
GLY 'peptide linking'   y GLYCINE         ? 'C2 H5 N O2'     75.067  
HIS 'L-peptide linking' y HISTIDINE       ? 'C6 H10 N3 O2 1' 156.162 
HOH non-polymer         . WATER           ? 'H2 O'           18.015  
ILE 'L-peptide linking' y ISOLEUCINE      ? 'C6 H13 N O2'    131.173 
LEU 'L-peptide linking' y LEUCINE         ? 'C6 H13 N O2'    131.173 
LYS 'L-peptide linking' y LYSINE          ? 'C6 H15 N2 O2 1' 147.195 
MET 'L-peptide linking' y METHIONINE      ? 'C5 H11 N O2 S'  149.211 
PHE 'L-peptide linking' y PHENYLALANINE   ? 'C9 H11 N O2'    165.189 
PRO 'L-peptide linking' y PROLINE         ? 'C5 H9 N O2'     115.130 
SER 'L-peptide linking' y SERINE          ? 'C3 H7 N O3'     105.093 
THR 'L-peptide linking' y THREONINE       ? 'C4 H9 N O3'     119.119 
TRP 'L-peptide linking' y TRYPTOPHAN      ? 'C11 H12 N2 O2'  204.225 
TYR 'L-peptide linking' y TYROSINE        ? 'C9 H11 N O3'    181.189 
VAL 'L-peptide linking' y VALINE          ? 'C5 H11 N O2'    117.146 
# 
_exptl.crystals_number   1 
_exptl.entry_id          3KH7 
_exptl.method            'X-RAY DIFFRACTION' 
# 
_exptl_crystal.id                    1 
_exptl_crystal.density_Matthews      2.36 
_exptl_crystal.density_meas          ? 
_exptl_crystal.density_percent_sol   47.83 
_exptl_crystal.description           ? 
_exptl_crystal.F_000                 ? 
_exptl_crystal.preparation           ? 
# 
_exptl_crystal_grow.crystal_id      1 
_exptl_crystal_grow.method          'VAPOR DIFFUSION, HANGING DROP' 
_exptl_crystal_grow.pH              5.6 
_exptl_crystal_grow.temp            294 
_exptl_crystal_grow.temp_details    ? 
_exptl_crystal_grow.pdbx_details    
;18-20% PEG 4000 W/V, 0.1-0.3 M magnesium formate, 0.1M sodium citrate pH 5.6, 5% MPD, VAPOR DIFFUSION, HANGING DROP, temperature 294K
;
_exptl_crystal_grow.pdbx_pH_range   ? 
# 
_diffrn.id                     1 
_diffrn.ambient_temp           100 
_diffrn.ambient_temp_details   ? 
_diffrn.crystal_id             1 
# 
_diffrn_detector.diffrn_id              1 
_diffrn_detector.detector               CCD 
_diffrn_detector.type                   'ADSC QUANTUM 315r' 
_diffrn_detector.pdbx_collection_date   2006-07-21 
_diffrn_detector.details                ? 
# 
_diffrn_radiation.diffrn_id                        1 
_diffrn_radiation.wavelength_id                    1 
_diffrn_radiation.pdbx_diffrn_protocol             'SINGLE WAVELENGTH' 
_diffrn_radiation.monochromator                    ? 
_diffrn_radiation.pdbx_monochromatic_or_laue_m_l   M 
_diffrn_radiation.pdbx_scattering_type             x-ray 
# 
_diffrn_radiation_wavelength.id           1 
_diffrn_radiation_wavelength.wavelength   0.9330 
_diffrn_radiation_wavelength.wt           1.0 
# 
_diffrn_source.diffrn_id                   1 
_diffrn_source.source                      SYNCHROTRON 
_diffrn_source.type                        'ESRF BEAMLINE ID23-1' 
_diffrn_source.pdbx_wavelength             ? 
_diffrn_source.pdbx_wavelength_list        0.9330 
_diffrn_source.pdbx_synchrotron_site       ESRF 
_diffrn_source.pdbx_synchrotron_beamline   ID23-1 
# 
_reflns.entry_id                     3KH7 
_reflns.d_resolution_high            1.750 
_reflns.d_resolution_low             50.000 
_reflns.number_obs                   19387 
_reflns.pdbx_Rmerge_I_obs            0.090 
_reflns.pdbx_netI_over_sigmaI        12.000 
_reflns.pdbx_chi_squared             0.998 
_reflns.pdbx_redundancy              14.300 
_reflns.percent_possible_obs         99.900 
_reflns.observed_criterion_sigma_F   ? 
_reflns.observed_criterion_sigma_I   ? 
_reflns.number_all                   19403 
_reflns.pdbx_Rsym_value              ? 
_reflns.B_iso_Wilson_estimate        ? 
_reflns.R_free_details               ? 
_reflns.limit_h_max                  ? 
_reflns.limit_h_min                  ? 
_reflns.limit_k_max                  ? 
_reflns.limit_k_min                  ? 
_reflns.limit_l_max                  ? 
_reflns.limit_l_min                  ? 
_reflns.observed_criterion_F_max     ? 
_reflns.observed_criterion_F_min     ? 
_reflns.pdbx_scaling_rejects         ? 
_reflns.pdbx_diffrn_id               1 
_reflns.pdbx_ordinal                 1 
# 
_reflns_shell.d_res_high             1.75 
_reflns_shell.d_res_low              1.81 
_reflns_shell.number_measured_obs    ? 
_reflns_shell.number_measured_all    ? 
_reflns_shell.number_unique_obs      ? 
_reflns_shell.Rmerge_I_obs           0.394 
_reflns_shell.meanI_over_sigI_obs    ? 
_reflns_shell.pdbx_Rsym_value        ? 
_reflns_shell.pdbx_chi_squared       0.844 
_reflns_shell.pdbx_redundancy        13.10 
_reflns_shell.percent_possible_obs   ? 
_reflns_shell.number_unique_all      1891 
_reflns_shell.percent_possible_all   99.90 
_reflns_shell.pdbx_diffrn_id         ? 
_reflns_shell.pdbx_ordinal           1 
# 
_refine.entry_id                                 3KH7 
_refine.ls_d_res_high                            1.75 
_refine.ls_d_res_low                             50.000 
_refine.pdbx_ls_sigma_F                          0.00 
_refine.pdbx_data_cutoff_high_absF               ? 
_refine.pdbx_data_cutoff_low_absF                ? 
_refine.ls_percent_reflns_obs                    99.970 
_refine.ls_number_reflns_obs                     17918 
_refine.ls_number_reflns_all                     ? 
_refine.pdbx_ls_cross_valid_method               THROUGHOUT 
_refine.pdbx_R_Free_selection_details            RANDOM 
_refine.details                                  'HYDROGENS HAVE BEEN ADDED IN THE RIDING POSITIONS' 
_refine.ls_R_factor_all                          ? 
_refine.ls_R_factor_obs                          0.192 
_refine.ls_R_factor_R_work                       0.191 
_refine.ls_wR_factor_R_work                      ? 
_refine.ls_R_factor_R_free                       0.221 
_refine.ls_wR_factor_R_free                      ? 
_refine.ls_percent_reflns_R_free                 5.100 
_refine.ls_number_reflns_R_free                  920 
_refine.ls_R_factor_R_free_error                 ? 
_refine.B_iso_mean                               21.816 
_refine.solvent_model_param_bsol                 ? 
_refine.solvent_model_param_ksol                 ? 
_refine.pdbx_isotropic_thermal_model             ? 
_refine.aniso_B[1][1]                            -0.920 
_refine.aniso_B[2][2]                            -0.920 
_refine.aniso_B[3][3]                            1.830 
_refine.aniso_B[1][2]                            0.000 
_refine.aniso_B[1][3]                            0.000 
_refine.aniso_B[2][3]                            0.000 
_refine.correlation_coeff_Fo_to_Fc               0.955 
_refine.correlation_coeff_Fo_to_Fc_free          0.949 
_refine.overall_SU_R_Cruickshank_DPI             ? 
_refine.overall_SU_R_free                        ? 
_refine.pdbx_overall_ESU_R                       0.120 
_refine.pdbx_overall_ESU_R_Free                  0.115 
_refine.overall_SU_ML                            0.074 
_refine.overall_SU_B                             2.313 
_refine.solvent_model_details                    MASK 
_refine.pdbx_solvent_vdw_probe_radii             1.400 
_refine.pdbx_solvent_ion_probe_radii             0.800 
_refine.pdbx_solvent_shrinkage_radii             0.800 
_refine.ls_number_parameters                     ? 
_refine.ls_number_restraints                     ? 
_refine.pdbx_starting_model                      1KNG 
_refine.pdbx_method_to_determine_struct          'MOLECULAR REPLACEMENT' 
_refine.pdbx_stereochemistry_target_values       'MAXIMUM LIKELIHOOD' 
_refine.pdbx_stereochem_target_val_spec_case     ? 
_refine.overall_FOM_work_R_set                   ? 
_refine.B_iso_max                                49.72 
_refine.B_iso_min                                8.03 
_refine.occupancy_max                            1.00 
_refine.occupancy_min                            0.00 
_refine.pdbx_ls_sigma_I                          ? 
_refine.ls_redundancy_reflns_obs                 ? 
_refine.ls_R_factor_R_free_error_details         ? 
_refine.pdbx_data_cutoff_high_rms_absF           ? 
_refine.overall_FOM_free_R_set                   ? 
_refine.pdbx_overall_phase_error                 ? 
_refine.pdbx_refine_id                           'X-RAY DIFFRACTION' 
_refine.pdbx_diffrn_id                           1 
_refine.pdbx_TLS_residual_ADP_flag               ? 
_refine.pdbx_overall_SU_R_free_Cruickshank_DPI   ? 
_refine.pdbx_overall_SU_R_Blow_DPI               ? 
_refine.pdbx_overall_SU_R_free_Blow_DPI          ? 
# 
_refine_hist.pdbx_refine_id                   'X-RAY DIFFRACTION' 
_refine_hist.cycle_id                         LAST 
_refine_hist.pdbx_number_atoms_protein        1206 
_refine_hist.pdbx_number_atoms_nucleic_acid   0 
_refine_hist.pdbx_number_atoms_ligand         0 
_refine_hist.number_atoms_solvent             145 
_refine_hist.number_atoms_total               1351 
_refine_hist.d_res_high                       1.75 
_refine_hist.d_res_low                        50.000 
# 
loop_
_refine_ls_restr.type 
_refine_ls_restr.number 
_refine_ls_restr.dev_ideal 
_refine_ls_restr.dev_ideal_target 
_refine_ls_restr.weight 
_refine_ls_restr.pdbx_refine_id 
_refine_ls_restr.pdbx_restraint_function 
r_bond_refined_d         1254 0.012  0.022  ? 'X-RAY DIFFRACTION' ? 
r_angle_refined_deg      1722 1.362  1.978  ? 'X-RAY DIFFRACTION' ? 
r_dihedral_angle_1_deg   162  5.551  5.000  ? 'X-RAY DIFFRACTION' ? 
r_dihedral_angle_2_deg   53   34.417 24.151 ? 'X-RAY DIFFRACTION' ? 
r_dihedral_angle_3_deg   194  12.162 15.000 ? 'X-RAY DIFFRACTION' ? 
r_dihedral_angle_4_deg   8    20.871 15.000 ? 'X-RAY DIFFRACTION' ? 
r_chiral_restr           195  0.090  0.200  ? 'X-RAY DIFFRACTION' ? 
r_gen_planes_refined     968  0.005  0.020  ? 'X-RAY DIFFRACTION' ? 
r_nbd_refined            523  0.192  0.200  ? 'X-RAY DIFFRACTION' ? 
r_nbtor_refined          850  0.306  0.200  ? 'X-RAY DIFFRACTION' ? 
r_xyhbond_nbd_refined    117  0.135  0.200  ? 'X-RAY DIFFRACTION' ? 
r_symmetry_vdw_refined   57   0.227  0.200  ? 'X-RAY DIFFRACTION' ? 
r_symmetry_hbond_refined 22   0.141  0.200  ? 'X-RAY DIFFRACTION' ? 
r_mcbond_it              815  0.886  1.500  ? 'X-RAY DIFFRACTION' ? 
r_mcangle_it             1282 1.406  2.000  ? 'X-RAY DIFFRACTION' ? 
r_scbond_it              511  2.076  3.000  ? 'X-RAY DIFFRACTION' ? 
r_scangle_it             437  3.148  4.500  ? 'X-RAY DIFFRACTION' ? 
# 
_refine_ls_shell.d_res_high                       1.75 
_refine_ls_shell.d_res_low                        1.847 
_refine_ls_shell.pdbx_total_number_of_bins_used   20 
_refine_ls_shell.percent_reflns_obs               100.000 
_refine_ls_shell.number_reflns_R_work             1251 
_refine_ls_shell.R_factor_all                     ? 
_refine_ls_shell.R_factor_R_work                  0.230 
_refine_ls_shell.R_factor_R_free                  0.289 
_refine_ls_shell.percent_reflns_R_free            ? 
_refine_ls_shell.number_reflns_R_free             63 
_refine_ls_shell.R_factor_R_free_error            ? 
_refine_ls_shell.number_reflns_all                1314 
_refine_ls_shell.number_reflns_obs                ? 
_refine_ls_shell.redundancy_reflns_obs            ? 
_refine_ls_shell.pdbx_refine_id                   'X-RAY DIFFRACTION' 
# 
_struct.entry_id                  3KH7 
_struct.title                     'Crystal structure of the periplasmic soluble domain of reduced CcmG from Pseudomonas aeruginosa' 
_struct.pdbx_model_details        ? 
_struct.pdbx_CASP_flag            ? 
_struct.pdbx_model_type_details   ? 
# 
_struct_keywords.entry_id        3KH7 
_struct_keywords.pdbx_keywords   OXIDOREDUCTASE 
_struct_keywords.text            
;TRX-like, thiol-disulfide exchange, Cell inner membrane, Cytochrome c-type biogenesis, Disulfide bond, Redox-active center, Transmembrane, oxidoreductase
;
# 
loop_
_struct_asym.id 
_struct_asym.pdbx_blank_PDB_chainid_flag 
_struct_asym.pdbx_modified 
_struct_asym.entity_id 
_struct_asym.details 
A N N 1 ? 
B N N 2 ? 
# 
_struct_biol.id        1 
_struct_biol.details   ? 
# 
loop_
_struct_conf.conf_type_id 
_struct_conf.id 
_struct_conf.pdbx_PDB_helix_id 
_struct_conf.beg_label_comp_id 
_struct_conf.beg_label_asym_id 
_struct_conf.beg_label_seq_id 
_struct_conf.pdbx_beg_PDB_ins_code 
_struct_conf.end_label_comp_id 
_struct_conf.end_label_asym_id 
_struct_conf.end_label_seq_id 
_struct_conf.pdbx_end_PDB_ins_code 
_struct_conf.beg_auth_comp_id 
_struct_conf.beg_auth_asym_id 
_struct_conf.beg_auth_seq_id 
_struct_conf.end_auth_comp_id 
_struct_conf.end_auth_asym_id 
_struct_conf.end_auth_seq_id 
_struct_conf.pdbx_PDB_helix_class 
_struct_conf.details 
_struct_conf.pdbx_PDB_helix_length 
HELX_P HELX_P1 1 ASP A 23  ? LEU A 27  ? ASP A 27  LEU A 31  5 ? 5  
HELX_P HELX_P2 2 ALA A 54  ? LYS A 57  ? ALA A 58  LYS A 61  5 ? 4  
HELX_P HELX_P3 3 CYS A 70  ? GLN A 86  ? CYS A 74  GLN A 90  1 ? 17 
HELX_P HELX_P4 4 ASP A 98  ? LEU A 109 ? ASP A 102 LEU A 113 1 ? 12 
HELX_P HELX_P5 5 GLY A 122 ? GLY A 129 ? GLY A 126 GLY A 133 1 ? 8  
HELX_P HELX_P6 6 ASP A 154 ? LEU A 162 ? ASP A 158 LEU A 166 1 ? 9  
HELX_P HELX_P7 7 LEU A 162 ? ASP A 171 ? LEU A 166 ASP A 175 1 ? 10 
# 
_struct_conf_type.id          HELX_P 
_struct_conf_type.criteria    ? 
_struct_conf_type.reference   ? 
# 
_struct_mon_prot_cis.pdbx_id                1 
_struct_mon_prot_cis.label_comp_id          ALA 
_struct_mon_prot_cis.label_seq_id           133 
_struct_mon_prot_cis.label_asym_id          A 
_struct_mon_prot_cis.label_alt_id           . 
_struct_mon_prot_cis.pdbx_PDB_ins_code      ? 
_struct_mon_prot_cis.auth_comp_id           ALA 
_struct_mon_prot_cis.auth_seq_id            137 
_struct_mon_prot_cis.auth_asym_id           A 
_struct_mon_prot_cis.pdbx_label_comp_id_2   PRO 
_struct_mon_prot_cis.pdbx_label_seq_id_2    134 
_struct_mon_prot_cis.pdbx_label_asym_id_2   A 
_struct_mon_prot_cis.pdbx_PDB_ins_code_2    ? 
_struct_mon_prot_cis.pdbx_auth_comp_id_2    PRO 
_struct_mon_prot_cis.pdbx_auth_seq_id_2     138 
_struct_mon_prot_cis.pdbx_auth_asym_id_2    A 
_struct_mon_prot_cis.pdbx_PDB_model_num     1 
_struct_mon_prot_cis.pdbx_omega_angle       -5.93 
# 
loop_
_struct_sheet.id 
_struct_sheet.type 
_struct_sheet.number_strands 
_struct_sheet.details 
A ? 2 ? 
B ? 5 ? 
# 
loop_
_struct_sheet_order.sheet_id 
_struct_sheet_order.range_id_1 
_struct_sheet_order.range_id_2 
_struct_sheet_order.offset 
_struct_sheet_order.sense 
A 1 2 ? anti-parallel 
B 1 2 ? parallel      
B 2 3 ? parallel      
B 3 4 ? anti-parallel 
B 4 5 ? anti-parallel 
# 
loop_
_struct_sheet_range.sheet_id 
_struct_sheet_range.id 
_struct_sheet_range.beg_label_comp_id 
_struct_sheet_range.beg_label_asym_id 
_struct_sheet_range.beg_label_seq_id 
_struct_sheet_range.pdbx_beg_PDB_ins_code 
_struct_sheet_range.end_label_comp_id 
_struct_sheet_range.end_label_asym_id 
_struct_sheet_range.end_label_seq_id 
_struct_sheet_range.pdbx_end_PDB_ins_code 
_struct_sheet_range.beg_auth_comp_id 
_struct_sheet_range.beg_auth_asym_id 
_struct_sheet_range.beg_auth_seq_id 
_struct_sheet_range.end_auth_comp_id 
_struct_sheet_range.end_auth_asym_id 
_struct_sheet_range.end_auth_seq_id 
A 1 ASP A 40  ? PRO A 42  ? ASP A 44  PRO A 46  
A 2 ARG A 50  ? THR A 52  ? ARG A 54  THR A 56  
B 1 LEU A 115 ? ASP A 119 ? LEU A 119 ASP A 123 
B 2 VAL A 89  ? TYR A 95  ? VAL A 93  TYR A 99  
B 3 ALA A 61  ? TRP A 66  ? ALA A 65  TRP A 70  
B 4 GLU A 135 ? ILE A 139 ? GLU A 139 ILE A 143 
B 5 ILE A 145 ? VAL A 150 ? ILE A 149 VAL A 154 
# 
loop_
_pdbx_struct_sheet_hbond.sheet_id 
_pdbx_struct_sheet_hbond.range_id_1 
_pdbx_struct_sheet_hbond.range_id_2 
_pdbx_struct_sheet_hbond.range_1_label_atom_id 
_pdbx_struct_sheet_hbond.range_1_label_comp_id 
_pdbx_struct_sheet_hbond.range_1_label_asym_id 
_pdbx_struct_sheet_hbond.range_1_label_seq_id 
_pdbx_struct_sheet_hbond.range_1_PDB_ins_code 
_pdbx_struct_sheet_hbond.range_1_auth_atom_id 
_pdbx_struct_sheet_hbond.range_1_auth_comp_id 
_pdbx_struct_sheet_hbond.range_1_auth_asym_id 
_pdbx_struct_sheet_hbond.range_1_auth_seq_id 
_pdbx_struct_sheet_hbond.range_2_label_atom_id 
_pdbx_struct_sheet_hbond.range_2_label_comp_id 
_pdbx_struct_sheet_hbond.range_2_label_asym_id 
_pdbx_struct_sheet_hbond.range_2_label_seq_id 
_pdbx_struct_sheet_hbond.range_2_PDB_ins_code 
_pdbx_struct_sheet_hbond.range_2_auth_atom_id 
_pdbx_struct_sheet_hbond.range_2_auth_comp_id 
_pdbx_struct_sheet_hbond.range_2_auth_asym_id 
_pdbx_struct_sheet_hbond.range_2_auth_seq_id 
A 1 2 N LEU A 41  ? N LEU A 45  O LEU A 51  ? O LEU A 55  
B 1 2 O ILE A 117 ? O ILE A 121 N GLY A 92  ? N GLY A 96  
B 2 3 O ILE A 93  ? O ILE A 97  N ASN A 64  ? N ASN A 68  
B 3 4 N VAL A 65  ? N VAL A 69  O GLU A 135 ? O GLU A 139 
B 4 5 N LEU A 138 ? N LEU A 142 O ARG A 146 ? O ARG A 150 
# 
_atom_sites.entry_id                    3KH7 
_atom_sites.fract_transf_matrix[1][1]   0.00919229 
_atom_sites.fract_transf_matrix[1][2]   -0.00335035 
_atom_sites.fract_transf_matrix[1][3]   -0.00923072 
_atom_sites.fract_transf_matrix[2][1]   0.00981063 
_atom_sites.fract_transf_matrix[2][2]   0.00368357 
_atom_sites.fract_transf_matrix[2][3]   0.00843281 
_atom_sites.fract_transf_matrix[3][1]   0.00047607 
_atom_sites.fract_transf_matrix[3][2]   -0.01391767 
_atom_sites.fract_transf_matrix[3][3]   0.00552559 
_atom_sites.fract_transf_vector[1]      -0.091342 
_atom_sites.fract_transf_vector[2]      -0.277629 
_atom_sites.fract_transf_vector[3]      -0.161832 
# 
loop_
_atom_type.symbol 
C 
N 
O 
S 
# 
loop_
_atom_site.group_PDB 
_atom_site.id 
_atom_site.type_symbol 
_atom_site.label_atom_id 
_atom_site.label_alt_id 
_atom_site.label_comp_id 
_atom_site.label_asym_id 
_atom_site.label_entity_id 
_atom_site.label_seq_id 
_atom_site.pdbx_PDB_ins_code 
_atom_site.Cartn_x 
_atom_site.Cartn_y 
_atom_site.Cartn_z 
_atom_site.occupancy 
_atom_site.B_iso_or_equiv 
_atom_site.pdbx_formal_charge 
_atom_site.auth_seq_id 
_atom_site.auth_comp_id 
_atom_site.auth_asym_id 
_atom_site.auth_atom_id 
_atom_site.pdbx_PDB_model_num 
ATOM   1    N N   . VAL A 1 15  ? -17.747 -20.455 20.427  1.00 39.02 ? 19  VAL A N   1 
ATOM   2    C CA  . VAL A 1 15  ? -16.464 -20.099 21.122  1.00 38.39 ? 19  VAL A CA  1 
ATOM   3    C C   . VAL A 1 15  ? -16.426 -18.591 21.429  1.00 37.90 ? 19  VAL A C   1 
ATOM   4    O O   . VAL A 1 15  ? -16.195 -17.762 20.534  1.00 38.70 ? 19  VAL A O   1 
ATOM   5    C CB  . VAL A 1 15  ? -15.208 -20.563 20.317  1.00 38.54 ? 19  VAL A CB  1 
ATOM   6    C CG1 . VAL A 1 15  ? -13.928 -20.213 21.054  1.00 38.61 ? 19  VAL A CG1 1 
ATOM   7    C CG2 . VAL A 1 15  ? -15.260 -22.068 20.050  1.00 38.34 ? 19  VAL A CG2 1 
ATOM   8    N N   . PRO A 1 16  ? -16.683 -18.231 22.697  1.00 36.71 ? 20  PRO A N   1 
ATOM   9    C CA  . PRO A 1 16  ? -16.714 -16.831 23.111  1.00 35.61 ? 20  PRO A CA  1 
ATOM   10   C C   . PRO A 1 16  ? -15.342 -16.134 22.969  1.00 33.97 ? 20  PRO A C   1 
ATOM   11   O O   . PRO A 1 16  ? -14.280 -16.783 23.125  1.00 33.85 ? 20  PRO A O   1 
ATOM   12   C CB  . PRO A 1 16  ? -17.138 -16.904 24.582  1.00 35.72 ? 20  PRO A CB  1 
ATOM   13   C CG  . PRO A 1 16  ? -17.738 -18.277 24.753  1.00 36.65 ? 20  PRO A CG  1 
ATOM   14   C CD  . PRO A 1 16  ? -16.965 -19.142 23.822  1.00 36.77 ? 20  PRO A CD  1 
ATOM   15   N N   . ARG A 1 17  ? -15.389 -14.842 22.629  1.00 31.01 ? 21  ARG A N   1 
ATOM   16   C CA  . ARG A 1 17  ? -14.186 -14.015 22.497  1.00 28.10 ? 21  ARG A CA  1 
ATOM   17   C C   . ARG A 1 17  ? -14.353 -12.689 23.241  1.00 26.22 ? 21  ARG A C   1 
ATOM   18   O O   . ARG A 1 17  ? -15.333 -11.960 23.015  1.00 25.86 ? 21  ARG A O   1 
ATOM   19   C CB  . ARG A 1 17  ? -13.863 -13.754 21.022  1.00 27.75 ? 21  ARG A CB  1 
ATOM   20   C CG  . ARG A 1 17  ? -12.731 -12.781 20.814  1.00 28.31 ? 21  ARG A CG  1 
ATOM   21   C CD  . ARG A 1 17  ? -12.250 -12.791 19.382  1.00 28.54 ? 21  ARG A CD  1 
ATOM   22   N NE  . ARG A 1 17  ? -11.298 -13.873 19.128  1.00 27.99 ? 21  ARG A NE  1 
ATOM   23   C CZ  . ARG A 1 17  ? -10.984 -14.303 17.905  1.00 27.79 ? 21  ARG A CZ  1 
ATOM   24   N NH1 . ARG A 1 17  ? -11.564 -13.744 16.835  1.00 28.10 ? 21  ARG A NH1 1 
ATOM   25   N NH2 . ARG A 1 17  ? -10.109 -15.291 17.748  1.00 23.38 ? 21  ARG A NH2 1 
ATOM   26   N N   . GLY A 1 18  ? -13.386 -12.376 24.105  1.00 23.29 ? 22  GLY A N   1 
ATOM   27   C CA  . GLY A 1 18  ? -13.358 -11.100 24.821  1.00 21.04 ? 22  GLY A CA  1 
ATOM   28   C C   . GLY A 1 18  ? -12.791 -9.946  24.011  1.00 19.72 ? 22  GLY A C   1 
ATOM   29   O O   . GLY A 1 18  ? -12.355 -10.116 22.860  1.00 19.18 ? 22  GLY A O   1 
ATOM   30   N N   . SER A 1 19  ? -12.799 -8.765  24.624  1.00 18.42 ? 23  SER A N   1 
ATOM   31   C CA  . SER A 1 19  ? -12.363 -7.518  24.001  1.00 18.48 ? 23  SER A CA  1 
ATOM   32   C C   . SER A 1 19  ? -10.890 -7.599  23.574  1.00 18.01 ? 23  SER A C   1 
ATOM   33   O O   . SER A 1 19  ? -10.039 -8.063  24.337  1.00 17.47 ? 23  SER A O   1 
ATOM   34   C CB  . SER A 1 19  ? -12.518 -6.376  25.003  1.00 18.86 ? 23  SER A CB  1 
ATOM   35   O OG  . SER A 1 19  ? -12.004 -5.165  24.457  1.00 23.73 ? 23  SER A OG  1 
ATOM   36   N N   . HIS A 1 20  ? -10.615 -7.186  22.339  1.00 16.86 ? 24  HIS A N   1 
ATOM   37   C CA  . HIS A 1 20  ? -9.232  -7.137  21.806  1.00 16.25 ? 24  HIS A CA  1 
ATOM   38   C C   . HIS A 1 20  ? -9.138  -5.774  21.155  1.00 16.81 ? 24  HIS A C   1 
ATOM   39   O O   . HIS A 1 20  ? -9.955  -5.424  20.283  1.00 16.47 ? 24  HIS A O   1 
ATOM   40   C CB  . HIS A 1 20  ? -9.029  -8.263  20.805  1.00 16.06 ? 24  HIS A CB  1 
ATOM   41   C CG  . HIS A 1 20  ? -7.696  -8.260  20.110  1.00 15.80 ? 24  HIS A CG  1 
ATOM   42   N ND1 . HIS A 1 20  ? -7.536  -7.859  18.796  1.00 15.99 ? 24  HIS A ND1 1 
ATOM   43   C CD2 . HIS A 1 20  ? -6.481  -8.711  20.517  1.00 13.40 ? 24  HIS A CD2 1 
ATOM   44   C CE1 . HIS A 1 20  ? -6.270  -8.028  18.440  1.00 15.11 ? 24  HIS A CE1 1 
ATOM   45   N NE2 . HIS A 1 20  ? -5.616  -8.565  19.459  1.00 12.87 ? 24  HIS A NE2 1 
ATOM   46   N N   . MET A 1 21  ? -8.172  -4.968  21.588  1.00 16.11 ? 25  MET A N   1 
ATOM   47   C CA  A MET A 1 21  ? -8.051  -3.585  21.120  0.50 17.30 ? 25  MET A CA  1 
ATOM   48   C CA  B MET A 1 21  ? -8.089  -3.622  21.088  0.50 15.92 ? 25  MET A CA  1 
ATOM   49   C C   . MET A 1 21  ? -6.855  -3.465  20.193  1.00 16.28 ? 25  MET A C   1 
ATOM   50   O O   . MET A 1 21  ? -5.776  -3.933  20.529  1.00 14.72 ? 25  MET A O   1 
ATOM   51   C CB  A MET A 1 21  ? -7.842  -2.616  22.291  0.50 17.81 ? 25  MET A CB  1 
ATOM   52   C CB  B MET A 1 21  ? -8.147  -2.642  22.261  0.50 16.51 ? 25  MET A CB  1 
ATOM   53   C CG  A MET A 1 21  ? -7.864  -1.123  21.880  0.50 18.75 ? 25  MET A CG  1 
ATOM   54   C CG  B MET A 1 21  ? -9.476  -2.796  23.032  0.50 15.91 ? 25  MET A CG  1 
ATOM   55   S SD  A MET A 1 21  ? -6.955  0.000   22.972  0.50 21.89 ? 25  MET A SD  1 
ATOM   56   S SD  B MET A 1 21  ? -9.748  -1.931  24.604  0.50 16.41 ? 25  MET A SD  1 
ATOM   57   C CE  A MET A 1 21  ? -7.309  1.602   22.294  0.50 21.52 ? 25  MET A CE  1 
ATOM   58   C CE  B MET A 1 21  ? -10.044 -0.276  23.993  0.50 17.02 ? 25  MET A CE  1 
ATOM   59   N N   . LEU A 1 22  ? -7.047  -2.843  19.035  1.00 16.31 ? 26  LEU A N   1 
ATOM   60   C CA  . LEU A 1 22  ? -5.913  -2.643  18.126  1.00 17.05 ? 26  LEU A CA  1 
ATOM   61   C C   . LEU A 1 22  ? -4.884  -1.774  18.801  1.00 17.52 ? 26  LEU A C   1 
ATOM   62   O O   . LEU A 1 22  ? -5.236  -0.854  19.560  1.00 17.96 ? 26  LEU A O   1 
ATOM   63   C CB  . LEU A 1 22  ? -6.365  -1.935  16.855  1.00 17.20 ? 26  LEU A CB  1 
ATOM   64   C CG  . LEU A 1 22  ? -7.426  -2.669  16.039  1.00 17.46 ? 26  LEU A CG  1 
ATOM   65   C CD1 . LEU A 1 22  ? -7.765  -1.777  14.822  1.00 17.94 ? 26  LEU A CD1 1 
ATOM   66   C CD2 . LEU A 1 22  ? -6.992  -4.062  15.605  1.00 19.24 ? 26  LEU A CD2 1 
ATOM   67   N N   . ASP A 1 23  ? -3.596  -2.002  18.530  1.00 17.72 ? 27  ASP A N   1 
ATOM   68   C CA  . ASP A 1 23  ? -2.667  -1.036  19.101  1.00 18.45 ? 27  ASP A CA  1 
ATOM   69   C C   . ASP A 1 23  ? -2.707  0.290   18.320  1.00 17.54 ? 27  ASP A C   1 
ATOM   70   O O   . ASP A 1 23  ? -3.087  0.316   17.130  1.00 17.60 ? 27  ASP A O   1 
ATOM   71   C CB  . ASP A 1 23  ? -1.251  -1.577  19.308  1.00 19.43 ? 27  ASP A CB  1 
ATOM   72   C CG  . ASP A 1 23  ? -0.438  -1.498  18.080  1.00 19.98 ? 27  ASP A CG  1 
ATOM   73   O OD1 . ASP A 1 23  ? -0.579  -2.445  17.305  1.00 21.19 ? 27  ASP A OD1 1 
ATOM   74   O OD2 . ASP A 1 23  ? 0.305   -0.492  17.905  1.00 19.99 ? 27  ASP A OD2 1 
ATOM   75   N N   . PRO A 1 24  ? -2.386  1.394   19.009  1.00 17.98 ? 28  PRO A N   1 
ATOM   76   C CA  . PRO A 1 24  ? -2.498  2.738   18.444  1.00 17.62 ? 28  PRO A CA  1 
ATOM   77   C C   . PRO A 1 24  ? -1.878  2.897   17.049  1.00 17.25 ? 28  PRO A C   1 
ATOM   78   O O   . PRO A 1 24  ? -2.400  3.673   16.254  1.00 16.72 ? 28  PRO A O   1 
ATOM   79   C CB  . PRO A 1 24  ? -1.767  3.607   19.469  1.00 17.93 ? 28  PRO A CB  1 
ATOM   80   C CG  . PRO A 1 24  ? -2.022  2.910   20.770  1.00 19.99 ? 28  PRO A CG  1 
ATOM   81   C CD  . PRO A 1 24  ? -1.930  1.432   20.419  1.00 18.12 ? 28  PRO A CD  1 
ATOM   82   N N   . SER A 1 25  ? -0.770  2.193   16.791  1.00 17.02 ? 29  SER A N   1 
ATOM   83   C CA  . SER A 1 25  ? -0.078  2.296   15.487  1.00 17.61 ? 29  SER A CA  1 
ATOM   84   C C   . SER A 1 25  ? -0.923  1.784   14.304  1.00 17.79 ? 29  SER A C   1 
ATOM   85   O O   . SER A 1 25  ? -0.657  2.133   13.150  1.00 17.22 ? 29  SER A O   1 
ATOM   86   C CB  . SER A 1 25  ? 1.282   1.589   15.531  1.00 17.02 ? 29  SER A CB  1 
ATOM   87   O OG  . SER A 1 25  ? 1.128   0.175   15.465  1.00 17.65 ? 29  SER A OG  1 
ATOM   88   N N   . GLU A 1 26  ? -1.961  0.997   14.608  1.00 17.07 ? 30  GLU A N   1 
ATOM   89   C CA  . GLU A 1 26  ? -2.844  0.419   13.588  1.00 17.78 ? 30  GLU A CA  1 
ATOM   90   C C   . GLU A 1 26  ? -4.044  1.273   13.181  1.00 18.40 ? 30  GLU A C   1 
ATOM   91   O O   . GLU A 1 26  ? -4.697  0.979   12.193  1.00 19.41 ? 30  GLU A O   1 
ATOM   92   C CB  . GLU A 1 26  ? -3.291  -0.976  14.046  1.00 17.13 ? 30  GLU A CB  1 
ATOM   93   C CG  . GLU A 1 26  ? -2.118  -1.978  14.096  1.00 17.23 ? 30  GLU A CG  1 
ATOM   94   C CD  . GLU A 1 26  ? -2.475  -3.297  14.729  1.00 17.65 ? 30  GLU A CD  1 
ATOM   95   O OE1 . GLU A 1 26  ? -3.508  -3.408  15.427  1.00 20.81 ? 30  GLU A OE1 1 
ATOM   96   O OE2 . GLU A 1 26  ? -1.718  -4.251  14.553  1.00 15.54 ? 30  GLU A OE2 1 
ATOM   97   N N   . LEU A 1 27  ? -4.306  2.351   13.924  1.00 18.86 ? 31  LEU A N   1 
ATOM   98   C CA  . LEU A 1 27  ? -5.358  3.301   13.595  1.00 19.38 ? 31  LEU A CA  1 
ATOM   99   C C   . LEU A 1 27  ? -5.018  4.071   12.313  1.00 19.11 ? 31  LEU A C   1 
ATOM   100  O O   . LEU A 1 27  ? -3.843  4.414   12.115  1.00 18.38 ? 31  LEU A O   1 
ATOM   101  C CB  . LEU A 1 27  ? -5.532  4.303   14.752  1.00 20.10 ? 31  LEU A CB  1 
ATOM   102  C CG  . LEU A 1 27  ? -6.088  3.768   16.083  1.00 21.57 ? 31  LEU A CG  1 
ATOM   103  C CD1 . LEU A 1 27  ? -6.069  4.879   17.137  1.00 24.69 ? 31  LEU A CD1 1 
ATOM   104  C CD2 . LEU A 1 27  ? -7.523  3.231   15.911  1.00 23.23 ? 31  LEU A CD2 1 
ATOM   105  N N   . PRO A 1 28  ? -6.021  4.333   11.445  1.00 18.98 ? 32  PRO A N   1 
ATOM   106  C CA  . PRO A 1 28  ? -5.802  5.174   10.266  1.00 19.18 ? 32  PRO A CA  1 
ATOM   107  C C   . PRO A 1 28  ? -5.077  6.478   10.585  1.00 19.58 ? 32  PRO A C   1 
ATOM   108  O O   . PRO A 1 28  ? -4.243  6.935   9.803   1.00 19.17 ? 32  PRO A O   1 
ATOM   109  C CB  . PRO A 1 28  ? -7.229  5.464   9.781   1.00 19.54 ? 32  PRO A CB  1 
ATOM   110  C CG  . PRO A 1 28  ? -7.984  4.236   10.150  1.00 19.25 ? 32  PRO A CG  1 
ATOM   111  C CD  . PRO A 1 28  ? -7.403  3.800   11.469  1.00 19.16 ? 32  PRO A CD  1 
ATOM   112  N N   . SER A 1 29  ? -5.379  7.069   11.743  1.00 19.98 ? 33  SER A N   1 
ATOM   113  C CA  . SER A 1 29  ? -4.804  8.373   12.105  1.00 19.33 ? 33  SER A CA  1 
ATOM   114  C C   . SER A 1 29  ? -3.319  8.330   12.541  1.00 19.33 ? 33  SER A C   1 
ATOM   115  O O   . SER A 1 29  ? -2.675  9.390   12.617  1.00 18.49 ? 33  SER A O   1 
ATOM   116  C CB  . SER A 1 29  ? -5.651  8.999   13.221  1.00 19.92 ? 33  SER A CB  1 
ATOM   117  O OG  . SER A 1 29  ? -5.519  8.206   14.386  1.00 20.62 ? 33  SER A OG  1 
ATOM   118  N N   . ALA A 1 30  ? -2.774  7.132   12.801  1.00 18.84 ? 34  ALA A N   1 
ATOM   119  C CA  . ALA A 1 30  ? -1.475  6.990   13.490  1.00 18.83 ? 34  ALA A CA  1 
ATOM   120  C C   . ALA A 1 30  ? -0.314  7.751   12.847  1.00 19.89 ? 34  ALA A C   1 
ATOM   121  O O   . ALA A 1 30  ? 0.451   8.450   13.543  1.00 20.69 ? 34  ALA A O   1 
ATOM   122  C CB  . ALA A 1 30  ? -1.102  5.525   13.686  1.00 18.19 ? 34  ALA A CB  1 
ATOM   123  N N   . LEU A 1 31  ? -0.169  7.615   11.532  1.00 19.17 ? 35  LEU A N   1 
ATOM   124  C CA  . LEU A 1 31  ? 0.982   8.223   10.852  1.00 20.10 ? 35  LEU A CA  1 
ATOM   125  C C   . LEU A 1 31  ? 0.678   9.499   10.066  1.00 20.13 ? 35  LEU A C   1 
ATOM   126  O O   . LEU A 1 31  ? 1.518   9.956   9.283   1.00 19.49 ? 35  LEU A O   1 
ATOM   127  C CB  . LEU A 1 31  ? 1.704   7.181   9.976   1.00 20.24 ? 35  LEU A CB  1 
ATOM   128  C CG  . LEU A 1 31  ? 2.514   6.124   10.740  1.00 20.11 ? 35  LEU A CG  1 
ATOM   129  C CD1 . LEU A 1 31  ? 3.096   5.077   9.773   1.00 18.95 ? 35  LEU A CD1 1 
ATOM   130  C CD2 . LEU A 1 31  ? 3.607   6.736   11.632  1.00 21.39 ? 35  LEU A CD2 1 
ATOM   131  N N   . ILE A 1 32  ? -0.500  10.093  10.277  1.00 20.60 ? 36  ILE A N   1 
ATOM   132  C CA  . ILE A 1 32  ? -0.865  11.307  9.537   1.00 21.39 ? 36  ILE A CA  1 
ATOM   133  C C   . ILE A 1 32  ? 0.137   12.427  9.861   1.00 22.18 ? 36  ILE A C   1 
ATOM   134  O O   . ILE A 1 32  ? 0.445   12.672  11.032  1.00 21.57 ? 36  ILE A O   1 
ATOM   135  C CB  . ILE A 1 32  ? -2.300  11.805  9.859   1.00 22.18 ? 36  ILE A CB  1 
ATOM   136  C CG1 . ILE A 1 32  ? -3.338  10.701  9.635   1.00 23.56 ? 36  ILE A CG1 1 
ATOM   137  C CG2 . ILE A 1 32  ? -2.637  13.050  9.046   1.00 22.43 ? 36  ILE A CG2 1 
ATOM   138  C CD1 . ILE A 1 32  ? -3.469  10.232  8.218   1.00 25.12 ? 36  ILE A CD1 1 
ATOM   139  N N   . GLY A 1 33  ? 0.666   13.074  8.817   1.00 22.60 ? 37  GLY A N   1 
ATOM   140  C CA  . GLY A 1 33  ? 1.702   14.112  8.986   1.00 22.97 ? 37  GLY A CA  1 
ATOM   141  C C   . GLY A 1 33  ? 3.114   13.636  9.291   1.00 23.40 ? 37  GLY A C   1 
ATOM   142  O O   . GLY A 1 33  ? 4.002   14.471  9.536   1.00 24.07 ? 37  GLY A O   1 
ATOM   143  N N   . LYS A 1 34  ? 3.334   12.313  9.297   1.00 22.41 ? 38  LYS A N   1 
ATOM   144  C CA  . LYS A 1 34  ? 4.652   11.720  9.551   1.00 22.10 ? 38  LYS A CA  1 
ATOM   145  C C   . LYS A 1 34  ? 5.326   11.192  8.265   1.00 22.32 ? 38  LYS A C   1 
ATOM   146  O O   . LYS A 1 34  ? 4.634   10.750  7.343   1.00 21.43 ? 38  LYS A O   1 
ATOM   147  C CB  . LYS A 1 34  ? 4.570   10.578  10.564  1.00 22.93 ? 38  LYS A CB  1 
ATOM   148  C CG  . LYS A 1 34  ? 3.845   10.933  11.870  1.00 23.29 ? 38  LYS A CG  1 
ATOM   149  C CD  . LYS A 1 34  ? 4.875   11.562  12.806  0.00 30.05 ? 38  LYS A CD  1 
ATOM   150  C CE  . LYS A 1 34  ? 4.240   11.852  14.170  0.00 31.68 ? 38  LYS A CE  1 
ATOM   151  N NZ  . LYS A 1 34  ? 3.041   12.736  14.047  0.00 34.45 ? 38  LYS A NZ  1 
ATOM   152  N N   . PRO A 1 35  ? 6.674   11.241  8.208   1.00 22.29 ? 39  PRO A N   1 
ATOM   153  C CA  . PRO A 1 35  ? 7.338   10.687  7.017   1.00 22.23 ? 39  PRO A CA  1 
ATOM   154  C C   . PRO A 1 35  ? 7.089   9.185   6.859   1.00 21.81 ? 39  PRO A C   1 
ATOM   155  O O   . PRO A 1 35  ? 7.009   8.447   7.857   1.00 20.91 ? 39  PRO A O   1 
ATOM   156  C CB  . PRO A 1 35  ? 8.830   10.972  7.258   1.00 22.34 ? 39  PRO A CB  1 
ATOM   157  C CG  . PRO A 1 35  ? 8.964   11.289  8.752   1.00 24.04 ? 39  PRO A CG  1 
ATOM   158  C CD  . PRO A 1 35  ? 7.624   11.827  9.181   1.00 22.87 ? 39  PRO A CD  1 
ATOM   159  N N   . PHE A 1 36  ? 6.943   8.733   5.611   1.00 22.02 ? 40  PHE A N   1 
ATOM   160  C CA  . PHE A 1 36  ? 6.908   7.283   5.357   1.00 21.12 ? 40  PHE A CA  1 
ATOM   161  C C   . PHE A 1 36  ? 8.095   6.603   6.035   1.00 21.63 ? 40  PHE A C   1 
ATOM   162  O O   . PHE A 1 36  ? 9.230   7.083   5.931   1.00 21.65 ? 40  PHE A O   1 
ATOM   163  C CB  . PHE A 1 36  ? 6.891   6.965   3.847   1.00 21.29 ? 40  PHE A CB  1 
ATOM   164  C CG  . PHE A 1 36  ? 6.306   5.615   3.533   1.00 19.34 ? 40  PHE A CG  1 
ATOM   165  C CD1 . PHE A 1 36  ? 4.944   5.483   3.276   1.00 20.09 ? 40  PHE A CD1 1 
ATOM   166  C CD2 . PHE A 1 36  ? 7.108   4.475   3.527   1.00 21.84 ? 40  PHE A CD2 1 
ATOM   167  C CE1 . PHE A 1 36  ? 4.391   4.213   2.997   1.00 18.82 ? 40  PHE A CE1 1 
ATOM   168  C CE2 . PHE A 1 36  ? 6.579   3.213   3.252   1.00 18.74 ? 40  PHE A CE2 1 
ATOM   169  C CZ  . PHE A 1 36  ? 5.213   3.092   3.000   1.00 20.73 ? 40  PHE A CZ  1 
ATOM   170  N N   . PRO A 1 37  ? 7.848   5.511   6.786   1.00 21.43 ? 41  PRO A N   1 
ATOM   171  C CA  . PRO A 1 37  ? 8.925   4.831   7.489   1.00 21.68 ? 41  PRO A CA  1 
ATOM   172  C C   . PRO A 1 37  ? 10.100  4.426   6.592   1.00 22.26 ? 41  PRO A C   1 
ATOM   173  O O   . PRO A 1 37  ? 9.895   3.998   5.438   1.00 22.43 ? 41  PRO A O   1 
ATOM   174  C CB  . PRO A 1 37  ? 8.238   3.581   8.055   1.00 22.30 ? 41  PRO A CB  1 
ATOM   175  C CG  . PRO A 1 37  ? 6.832   4.015   8.267   1.00 21.63 ? 41  PRO A CG  1 
ATOM   176  C CD  . PRO A 1 37  ? 6.530   4.914   7.096   1.00 21.11 ? 41  PRO A CD  1 
ATOM   177  N N   . ALA A 1 38  ? 11.319  4.549   7.122   1.00 21.65 ? 42  ALA A N   1 
ATOM   178  C CA  . ALA A 1 38  ? 12.508  4.147   6.368   1.00 21.16 ? 42  ALA A CA  1 
ATOM   179  C C   . ALA A 1 38  ? 12.504  2.645   6.171   1.00 19.92 ? 42  ALA A C   1 
ATOM   180  O O   . ALA A 1 38  ? 12.133  1.903   7.077   1.00 20.73 ? 42  ALA A O   1 
ATOM   181  C CB  . ALA A 1 38  ? 13.785  4.561   7.118   1.00 21.31 ? 42  ALA A CB  1 
ATOM   182  N N   . PHE A 1 39  ? 12.950  2.193   4.999   1.00 19.21 ? 43  PHE A N   1 
ATOM   183  C CA  . PHE A 1 39  ? 13.108  0.768   4.738   1.00 18.36 ? 43  PHE A CA  1 
ATOM   184  C C   . PHE A 1 39  ? 14.193  0.537   3.687   1.00 18.74 ? 43  PHE A C   1 
ATOM   185  O O   . PHE A 1 39  ? 14.567  1.448   2.953   1.00 18.12 ? 43  PHE A O   1 
ATOM   186  C CB  . PHE A 1 39  ? 11.757  0.099   4.328   1.00 18.22 ? 43  PHE A CB  1 
ATOM   187  C CG  . PHE A 1 39  ? 11.213  0.592   3.017   1.00 16.19 ? 43  PHE A CG  1 
ATOM   188  C CD1 . PHE A 1 39  ? 10.412  1.714   2.977   1.00 16.03 ? 43  PHE A CD1 1 
ATOM   189  C CD2 . PHE A 1 39  ? 11.540  -0.053  1.813   1.00 15.65 ? 43  PHE A CD2 1 
ATOM   190  C CE1 . PHE A 1 39  ? 9.919   2.212   1.779   1.00 17.33 ? 43  PHE A CE1 1 
ATOM   191  C CE2 . PHE A 1 39  ? 11.057  0.442   0.586   1.00 15.12 ? 43  PHE A CE2 1 
ATOM   192  C CZ  . PHE A 1 39  ? 10.250  1.568   0.562   1.00 16.47 ? 43  PHE A CZ  1 
ATOM   193  N N   . ASP A 1 40  ? 14.683  -0.691  3.629   1.00 18.97 ? 44  ASP A N   1 
ATOM   194  C CA  . ASP A 1 40  ? 15.584  -1.132  2.579   1.00 19.98 ? 44  ASP A CA  1 
ATOM   195  C C   . ASP A 1 40  ? 15.204  -2.567  2.275   1.00 18.45 ? 44  ASP A C   1 
ATOM   196  O O   . ASP A 1 40  ? 15.547  -3.497  3.026   1.00 17.87 ? 44  ASP A O   1 
ATOM   197  C CB  . ASP A 1 40  ? 17.060  -1.023  3.017   1.00 21.20 ? 44  ASP A CB  1 
ATOM   198  C CG  . ASP A 1 40  ? 18.032  -1.298  1.873   1.00 25.88 ? 44  ASP A CG  1 
ATOM   199  O OD1 . ASP A 1 40  ? 17.714  -2.121  0.985   1.00 29.12 ? 44  ASP A OD1 1 
ATOM   200  O OD2 . ASP A 1 40  ? 19.127  -0.678  1.851   1.00 31.86 ? 44  ASP A OD2 1 
ATOM   201  N N   . LEU A 1 41  ? 14.478  -2.750  1.168   1.00 17.10 ? 45  LEU A N   1 
ATOM   202  C CA  . LEU A 1 41  ? 13.875  -4.039  0.860   1.00 16.81 ? 45  LEU A CA  1 
ATOM   203  C C   . LEU A 1 41  ? 14.025  -4.395  -0.621  1.00 15.68 ? 45  LEU A C   1 
ATOM   204  O O   . LEU A 1 41  ? 14.092  -3.492  -1.454  1.00 17.11 ? 45  LEU A O   1 
ATOM   205  C CB  . LEU A 1 41  ? 12.366  -3.989  1.192   1.00 15.91 ? 45  LEU A CB  1 
ATOM   206  C CG  . LEU A 1 41  ? 12.010  -3.864  2.674   1.00 17.26 ? 45  LEU A CG  1 
ATOM   207  C CD1 . LEU A 1 41  ? 10.524  -3.519  2.788   1.00 17.32 ? 45  LEU A CD1 1 
ATOM   208  C CD2 . LEU A 1 41  ? 12.337  -5.183  3.346   1.00 14.16 ? 45  LEU A CD2 1 
ATOM   209  N N   . PRO A 1 42  ? 14.047  -5.695  -0.947  1.00 16.13 ? 46  PRO A N   1 
ATOM   210  C CA  . PRO A 1 42  ? 14.181  -6.107  -2.341  1.00 16.05 ? 46  PRO A CA  1 
ATOM   211  C C   . PRO A 1 42  ? 12.904  -5.821  -3.115  1.00 16.44 ? 46  PRO A C   1 
ATOM   212  O O   . PRO A 1 42  ? 11.807  -5.841  -2.541  1.00 15.51 ? 46  PRO A O   1 
ATOM   213  C CB  . PRO A 1 42  ? 14.386  -7.626  -2.250  1.00 16.92 ? 46  PRO A CB  1 
ATOM   214  C CG  . PRO A 1 42  ? 13.766  -8.023  -0.941  1.00 16.39 ? 46  PRO A CG  1 
ATOM   215  C CD  . PRO A 1 42  ? 13.948  -6.859  -0.030  1.00 16.10 ? 46  PRO A CD  1 
ATOM   216  N N   . SER A 1 43  ? 13.035  -5.605  -4.417  1.00 15.63 ? 47  SER A N   1 
ATOM   217  C CA  . SER A 1 43  ? 11.845  -5.526  -5.277  1.00 15.77 ? 47  SER A CA  1 
ATOM   218  C C   . SER A 1 43  ? 11.238  -6.931  -5.433  1.00 15.57 ? 47  SER A C   1 
ATOM   219  O O   . SER A 1 43  ? 11.905  -7.958  -5.191  1.00 16.14 ? 47  SER A O   1 
ATOM   220  C CB  . SER A 1 43  ? 12.199  -4.952  -6.647  1.00 16.04 ? 47  SER A CB  1 
ATOM   221  O OG  . SER A 1 43  ? 12.829  -5.954  -7.428  1.00 18.24 ? 47  SER A OG  1 
ATOM   222  N N   . VAL A 1 44  ? 9.966   -6.993  -5.802  1.00 15.19 ? 48  VAL A N   1 
ATOM   223  C CA  . VAL A 1 44  ? 9.311   -8.299  -5.966  1.00 15.15 ? 48  VAL A CA  1 
ATOM   224  C C   . VAL A 1 44  ? 9.888   -9.094  -7.132  1.00 16.38 ? 48  VAL A C   1 
ATOM   225  O O   . VAL A 1 44  ? 10.124  -10.296 -6.995  1.00 15.83 ? 48  VAL A O   1 
ATOM   226  C CB  . VAL A 1 44  ? 7.776   -8.147  -6.121  1.00 15.05 ? 48  VAL A CB  1 
ATOM   227  C CG1 . VAL A 1 44  ? 7.123   -9.481  -6.552  1.00 14.32 ? 48  VAL A CG1 1 
ATOM   228  C CG2 . VAL A 1 44  ? 7.201   -7.735  -4.763  1.00 13.38 ? 48  VAL A CG2 1 
ATOM   229  N N   . GLN A 1 45  ? 10.093  -8.420  -8.265  1.00 17.19 ? 49  GLN A N   1 
ATOM   230  C CA  A GLN A 1 45  ? 10.523  -9.112  -9.485  0.50 17.70 ? 49  GLN A CA  1 
ATOM   231  C CA  B GLN A 1 45  ? 10.528  -9.074  -9.506  0.50 17.72 ? 49  GLN A CA  1 
ATOM   232  C C   . GLN A 1 45  ? 12.020  -9.430  -9.523  1.00 18.75 ? 49  GLN A C   1 
ATOM   233  O O   . GLN A 1 45  ? 12.447  -10.311 -10.291 1.00 19.74 ? 49  GLN A O   1 
ATOM   234  C CB  A GLN A 1 45  ? 10.085  -8.362  -10.744 0.50 17.91 ? 49  GLN A CB  1 
ATOM   235  C CB  B GLN A 1 45  ? 10.181  -8.207  -10.716 0.50 18.08 ? 49  GLN A CB  1 
ATOM   236  C CG  A GLN A 1 45  ? 10.182  -6.855  -10.661 0.50 17.98 ? 49  GLN A CG  1 
ATOM   237  C CG  B GLN A 1 45  ? 8.675   -8.074  -10.998 0.50 17.90 ? 49  GLN A CG  1 
ATOM   238  C CD  A GLN A 1 45  ? 9.050   -6.226  -9.833  0.50 15.94 ? 49  GLN A CD  1 
ATOM   239  C CD  B GLN A 1 45  ? 8.116   -9.137  -11.957 0.50 21.22 ? 49  GLN A CD  1 
ATOM   240  O OE1 A GLN A 1 45  ? 9.308   -5.579  -8.845  0.50 8.03  ? 49  GLN A OE1 1 
ATOM   241  O OE1 B GLN A 1 45  ? 7.065   -8.929  -12.556 0.50 23.88 ? 49  GLN A OE1 1 
ATOM   242  N NE2 A GLN A 1 45  ? 7.803   -6.420  -10.256 0.50 18.82 ? 49  GLN A NE2 1 
ATOM   243  N NE2 B GLN A 1 45  ? 8.811   -10.268 -12.101 0.50 21.18 ? 49  GLN A NE2 1 
ATOM   244  N N   . ASP A 1 46  ? 12.809  -8.759  -8.680  1.00 17.83 ? 50  ASP A N   1 
ATOM   245  C CA  . ASP A 1 46  ? 14.272  -8.970  -8.703  1.00 18.97 ? 50  ASP A CA  1 
ATOM   246  C C   . ASP A 1 46  ? 14.877  -8.761  -7.323  1.00 19.10 ? 50  ASP A C   1 
ATOM   247  O O   . ASP A 1 46  ? 15.008  -7.628  -6.885  1.00 18.55 ? 50  ASP A O   1 
ATOM   248  C CB  . ASP A 1 46  ? 14.910  -8.031  -9.732  1.00 18.46 ? 50  ASP A CB  1 
ATOM   249  C CG  . ASP A 1 46  ? 16.424  -8.243  -9.867  1.00 19.39 ? 50  ASP A CG  1 
ATOM   250  O OD1 . ASP A 1 46  ? 17.003  -9.079  -9.123  1.00 17.44 ? 50  ASP A OD1 1 
ATOM   251  O OD2 . ASP A 1 46  ? 17.014  -7.546  -10.713 1.00 19.32 ? 50  ASP A OD2 1 
ATOM   252  N N   . PRO A 1 47  ? 15.279  -9.849  -6.648  1.00 20.54 ? 51  PRO A N   1 
ATOM   253  C CA  . PRO A 1 47  ? 15.754  -9.715  -5.268  1.00 21.65 ? 51  PRO A CA  1 
ATOM   254  C C   . PRO A 1 47  ? 17.079  -8.940  -5.164  1.00 21.54 ? 51  PRO A C   1 
ATOM   255  O O   . PRO A 1 47  ? 17.458  -8.513  -4.077  1.00 22.01 ? 51  PRO A O   1 
ATOM   256  C CB  . PRO A 1 47  ? 15.907  -11.171 -4.815  1.00 22.21 ? 51  PRO A CB  1 
ATOM   257  C CG  . PRO A 1 47  ? 16.207  -11.927 -6.078  1.00 23.17 ? 51  PRO A CG  1 
ATOM   258  C CD  . PRO A 1 47  ? 15.342  -11.244 -7.124  1.00 21.63 ? 51  PRO A CD  1 
ATOM   259  N N   . ALA A 1 48  ? 17.758  -8.739  -6.298  1.00 20.96 ? 52  ALA A N   1 
ATOM   260  C CA  . ALA A 1 48  ? 19.018  -7.987  -6.338  1.00 20.61 ? 52  ALA A CA  1 
ATOM   261  C C   . ALA A 1 48  ? 18.813  -6.493  -6.542  1.00 20.49 ? 52  ALA A C   1 
ATOM   262  O O   . ALA A 1 48  ? 19.773  -5.712  -6.432  1.00 19.99 ? 52  ALA A O   1 
ATOM   263  C CB  . ALA A 1 48  ? 19.968  -8.561  -7.421  1.00 20.56 ? 52  ALA A CB  1 
ATOM   264  N N   . ARG A 1 49  ? 17.573  -6.087  -6.840  1.00 19.33 ? 53  ARG A N   1 
ATOM   265  C CA  A ARG A 1 49  ? 17.231  -4.675  -6.939  0.50 19.55 ? 53  ARG A CA  1 
ATOM   266  C CA  B ARG A 1 49  ? 17.239  -4.669  -6.933  0.50 19.70 ? 53  ARG A CA  1 
ATOM   267  C C   . ARG A 1 49  ? 16.635  -4.209  -5.609  1.00 19.90 ? 53  ARG A C   1 
ATOM   268  O O   . ARG A 1 49  ? 15.563  -4.682  -5.218  1.00 19.42 ? 53  ARG A O   1 
ATOM   269  C CB  A ARG A 1 49  ? 16.219  -4.462  -8.063  0.50 19.30 ? 53  ARG A CB  1 
ATOM   270  C CB  B ARG A 1 49  ? 16.249  -4.408  -8.070  0.50 19.59 ? 53  ARG A CB  1 
ATOM   271  C CG  A ARG A 1 49  ? 15.868  -3.006  -8.318  0.50 19.61 ? 53  ARG A CG  1 
ATOM   272  C CG  B ARG A 1 49  ? 15.950  -2.927  -8.288  0.50 20.47 ? 53  ARG A CG  1 
ATOM   273  C CD  A ARG A 1 49  ? 14.548  -2.909  -9.058  0.50 19.84 ? 53  ARG A CD  1 
ATOM   274  C CD  B ARG A 1 49  ? 14.599  -2.755  -8.947  0.50 22.14 ? 53  ARG A CD  1 
ATOM   275  N NE  A ARG A 1 49  ? 14.593  -3.535  -10.379 0.50 18.25 ? 53  ARG A NE  1 
ATOM   276  N NE  B ARG A 1 49  ? 14.294  -1.366  -9.276  0.50 22.29 ? 53  ARG A NE  1 
ATOM   277  C CZ  A ARG A 1 49  ? 13.555  -4.127  -10.975 0.50 18.53 ? 53  ARG A CZ  1 
ATOM   278  C CZ  B ARG A 1 49  ? 13.072  -0.907  -9.545  0.50 23.72 ? 53  ARG A CZ  1 
ATOM   279  N NH1 A ARG A 1 49  ? 12.365  -4.208  -10.375 0.50 16.01 ? 53  ARG A NH1 1 
ATOM   280  N NH1 B ARG A 1 49  ? 12.900  0.368   -9.842  0.50 22.17 ? 53  ARG A NH1 1 
ATOM   281  N NH2 A ARG A 1 49  ? 13.701  -4.647  -12.179 0.50 14.15 ? 53  ARG A NH2 1 
ATOM   282  N NH2 B ARG A 1 49  ? 12.021  -1.723  -9.509  0.50 24.66 ? 53  ARG A NH2 1 
ATOM   283  N N   . ARG A 1 50  ? 17.327  -3.299  -4.910  1.00 19.93 ? 54  ARG A N   1 
ATOM   284  C CA  . ARG A 1 50  ? 16.829  -2.816  -3.612  1.00 20.12 ? 54  ARG A CA  1 
ATOM   285  C C   . ARG A 1 50  ? 16.047  -1.513  -3.748  1.00 19.64 ? 54  ARG A C   1 
ATOM   286  O O   . ARG A 1 50  ? 16.393  -0.653  -4.560  1.00 18.10 ? 54  ARG A O   1 
ATOM   287  C CB  . ARG A 1 50  ? 17.968  -2.599  -2.616  1.00 21.63 ? 54  ARG A CB  1 
ATOM   288  C CG  . ARG A 1 50  ? 19.058  -3.672  -2.581  1.00 24.65 ? 54  ARG A CG  1 
ATOM   289  C CD  . ARG A 1 50  ? 18.604  -4.923  -1.881  1.00 28.16 ? 54  ARG A CD  1 
ATOM   290  N NE  . ARG A 1 50  ? 18.106  -4.684  -0.518  1.00 29.76 ? 54  ARG A NE  1 
ATOM   291  C CZ  . ARG A 1 50  ? 17.768  -5.661  0.315   1.00 28.92 ? 54  ARG A CZ  1 
ATOM   292  N NH1 . ARG A 1 50  ? 17.909  -6.923  -0.062  1.00 28.16 ? 54  ARG A NH1 1 
ATOM   293  N NH2 . ARG A 1 50  ? 17.301  -5.382  1.523   1.00 30.27 ? 54  ARG A NH2 1 
ATOM   294  N N   . LEU A 1 51  ? 14.995  -1.367  -2.943  1.00 18.28 ? 55  LEU A N   1 
ATOM   295  C CA  . LEU A 1 51  ? 14.207  -0.146  -2.915  1.00 17.81 ? 55  LEU A CA  1 
ATOM   296  C C   . LEU A 1 51  ? 14.262  0.412   -1.495  1.00 17.42 ? 55  LEU A C   1 
ATOM   297  O O   . LEU A 1 51  ? 14.393  -0.357  -0.546  1.00 17.44 ? 55  LEU A O   1 
ATOM   298  C CB  . LEU A 1 51  ? 12.755  -0.449  -3.286  1.00 17.74 ? 55  LEU A CB  1 
ATOM   299  C CG  . LEU A 1 51  ? 12.594  -1.112  -4.656  1.00 19.12 ? 55  LEU A CG  1 
ATOM   300  C CD1 . LEU A 1 51  ? 11.185  -1.721  -4.839  1.00 20.41 ? 55  LEU A CD1 1 
ATOM   301  C CD2 . LEU A 1 51  ? 12.903  -0.096  -5.746  1.00 21.62 ? 55  LEU A CD2 1 
ATOM   302  N N   . THR A 1 52  ? 14.186  1.734   -1.371  1.00 18.00 ? 56  THR A N   1 
ATOM   303  C CA  . THR A 1 52  ? 14.083  2.413   -0.065  1.00 19.26 ? 56  THR A CA  1 
ATOM   304  C C   . THR A 1 52  ? 12.967  3.447   -0.097  1.00 19.17 ? 56  THR A C   1 
ATOM   305  O O   . THR A 1 52  ? 12.360  3.686   -1.152  1.00 19.44 ? 56  THR A O   1 
ATOM   306  C CB  . THR A 1 52  ? 15.396  3.151   0.322   1.00 19.31 ? 56  THR A CB  1 
ATOM   307  O OG1 . THR A 1 52  ? 15.532  4.344   -0.475  1.00 20.40 ? 56  THR A OG1 1 
ATOM   308  C CG2 . THR A 1 52  ? 16.610  2.239   0.182   1.00 20.41 ? 56  THR A CG2 1 
ATOM   309  N N   . GLU A 1 53  ? 12.714  4.104   1.040   1.00 19.54 ? 57  GLU A N   1 
ATOM   310  C CA  . GLU A 1 53  ? 11.670  5.136   1.108   1.00 19.85 ? 57  GLU A CA  1 
ATOM   311  C C   . GLU A 1 53  ? 11.981  6.325   0.199   1.00 19.83 ? 57  GLU A C   1 
ATOM   312  O O   . GLU A 1 53  ? 11.092  7.056   -0.176  1.00 20.09 ? 57  GLU A O   1 
ATOM   313  C CB  . GLU A 1 53  ? 11.421  5.591   2.561   1.00 20.23 ? 57  GLU A CB  1 
ATOM   314  C CG  . GLU A 1 53  ? 12.506  6.529   3.143   1.00 20.90 ? 57  GLU A CG  1 
ATOM   315  C CD  . GLU A 1 53  ? 13.803  5.831   3.507   1.00 22.97 ? 57  GLU A CD  1 
ATOM   316  O OE1 . GLU A 1 53  ? 13.913  4.589   3.440   1.00 20.42 ? 57  GLU A OE1 1 
ATOM   317  O OE2 . GLU A 1 53  ? 14.754  6.547   3.885   1.00 27.19 ? 57  GLU A OE2 1 
ATOM   318  N N   . ALA A 1 54  ? 13.248  6.497   -0.172  1.00 20.65 ? 58  ALA A N   1 
ATOM   319  C CA  . ALA A 1 54  ? 13.639  7.536   -1.148  1.00 20.68 ? 58  ALA A CA  1 
ATOM   320  C C   . ALA A 1 54  ? 12.936  7.354   -2.505  1.00 21.13 ? 58  ALA A C   1 
ATOM   321  O O   . ALA A 1 54  ? 12.563  8.322   -3.167  1.00 21.17 ? 58  ALA A O   1 
ATOM   322  C CB  . ALA A 1 54  ? 15.161  7.541   -1.322  1.00 21.33 ? 58  ALA A CB  1 
ATOM   323  N N   . ASP A 1 55  ? 12.745  6.098   -2.905  1.00 20.84 ? 59  ASP A N   1 
ATOM   324  C CA  . ASP A 1 55  ? 12.114  5.778   -4.180  1.00 20.56 ? 59  ASP A CA  1 
ATOM   325  C C   . ASP A 1 55  ? 10.633  6.135   -4.227  1.00 20.22 ? 59  ASP A C   1 
ATOM   326  O O   . ASP A 1 55  ? 10.018  6.101   -5.287  1.00 20.22 ? 59  ASP A O   1 
ATOM   327  C CB  . ASP A 1 55  ? 12.295  4.290   -4.482  1.00 19.88 ? 59  ASP A CB  1 
ATOM   328  C CG  . ASP A 1 55  ? 13.729  3.922   -4.726  1.00 22.16 ? 59  ASP A CG  1 
ATOM   329  O OD1 . ASP A 1 55  ? 14.319  4.492   -5.661  1.00 24.38 ? 59  ASP A OD1 1 
ATOM   330  O OD2 . ASP A 1 55  ? 14.266  3.069   -3.995  1.00 22.55 ? 59  ASP A OD2 1 
ATOM   331  N N   . LEU A 1 56  ? 10.061  6.437   -3.067  1.00 20.57 ? 60  LEU A N   1 
ATOM   332  C CA  . LEU A 1 56  ? 8.642   6.792   -2.986  1.00 20.69 ? 60  LEU A CA  1 
ATOM   333  C C   . LEU A 1 56  ? 8.367   8.284   -3.158  1.00 21.05 ? 60  LEU A C   1 
ATOM   334  O O   . LEU A 1 56  ? 7.209   8.692   -3.229  1.00 20.69 ? 60  LEU A O   1 
ATOM   335  C CB  . LEU A 1 56  ? 8.045   6.311   -1.658  1.00 20.38 ? 60  LEU A CB  1 
ATOM   336  C CG  . LEU A 1 56  ? 8.125   4.807   -1.393  1.00 20.45 ? 60  LEU A CG  1 
ATOM   337  C CD1 . LEU A 1 56  ? 7.310   4.503   -0.119  1.00 19.97 ? 60  LEU A CD1 1 
ATOM   338  C CD2 . LEU A 1 56  ? 7.660   3.960   -2.559  1.00 21.61 ? 60  LEU A CD2 1 
ATOM   339  N N   . LYS A 1 57  ? 9.424   9.083   -3.255  1.00 21.61 ? 61  LYS A N   1 
ATOM   340  C CA  . LYS A 1 57  ? 9.290   10.542  -3.266  1.00 23.27 ? 61  LYS A CA  1 
ATOM   341  C C   . LYS A 1 57  ? 9.223   11.090  -4.683  1.00 23.25 ? 61  LYS A C   1 
ATOM   342  O O   . LYS A 1 57  ? 9.794   10.498  -5.611  1.00 23.73 ? 61  LYS A O   1 
ATOM   343  C CB  . LYS A 1 57  ? 10.466  11.187  -2.520  1.00 23.36 ? 61  LYS A CB  1 
ATOM   344  C CG  . LYS A 1 57  ? 10.573  10.783  -1.034  1.00 24.34 ? 61  LYS A CG  1 
ATOM   345  C CD  . LYS A 1 57  ? 11.697  11.542  -0.326  1.00 25.02 ? 61  LYS A CD  1 
ATOM   346  C CE  . LYS A 1 57  ? 11.629  11.355  1.202   1.00 26.53 ? 61  LYS A CE  1 
ATOM   347  N NZ  . LYS A 1 57  ? 12.978  11.259  1.807   1.00 32.49 ? 61  LYS A NZ  1 
ATOM   348  N N   . GLY A 1 58  ? 8.536   12.218  -4.846  1.00 22.99 ? 62  GLY A N   1 
ATOM   349  C CA  . GLY A 1 58  ? 8.466   12.906  -6.130  1.00 23.58 ? 62  GLY A CA  1 
ATOM   350  C C   . GLY A 1 58  ? 7.081   13.352  -6.536  1.00 23.02 ? 62  GLY A C   1 
ATOM   351  O O   . GLY A 1 58  ? 6.911   14.452  -7.073  1.00 23.13 ? 62  GLY A O   1 
ATOM   352  N N   . LYS A 1 59  ? 6.075   12.504  -6.296  1.00 22.16 ? 63  LYS A N   1 
ATOM   353  C CA  . LYS A 1 59  ? 4.713   12.779  -6.744  1.00 21.84 ? 63  LYS A CA  1 
ATOM   354  C C   . LYS A 1 59  ? 3.739   12.329  -5.658  1.00 20.53 ? 63  LYS A C   1 
ATOM   355  O O   . LYS A 1 59  ? 4.043   11.362  -4.950  1.00 20.62 ? 63  LYS A O   1 
ATOM   356  C CB  . LYS A 1 59  ? 4.406   12.026  -8.058  1.00 22.02 ? 63  LYS A CB  1 
ATOM   357  C CG  . LYS A 1 59  ? 5.257   12.474  -9.264  1.00 22.68 ? 63  LYS A CG  1 
ATOM   358  C CD  . LYS A 1 59  ? 4.872   11.764  -10.548 1.00 22.66 ? 63  LYS A CD  1 
ATOM   359  C CE  . LYS A 1 59  ? 5.804   12.172  -11.703 1.00 24.67 ? 63  LYS A CE  1 
ATOM   360  N NZ  . LYS A 1 59  ? 5.613   11.298  -12.906 1.00 23.95 ? 63  LYS A NZ  1 
ATOM   361  N N   . PRO A 1 60  ? 2.570   12.999  -5.537  1.00 20.85 ? 64  PRO A N   1 
ATOM   362  C CA  . PRO A 1 60  ? 1.557   12.451  -4.613  1.00 20.03 ? 64  PRO A CA  1 
ATOM   363  C C   . PRO A 1 60  ? 1.182   11.065  -5.114  1.00 19.58 ? 64  PRO A C   1 
ATOM   364  O O   . PRO A 1 60  ? 1.118   10.853  -6.327  1.00 19.99 ? 64  PRO A O   1 
ATOM   365  C CB  . PRO A 1 60  ? 0.356   13.387  -4.765  1.00 20.60 ? 64  PRO A CB  1 
ATOM   366  C CG  . PRO A 1 60  ? 0.840   14.587  -5.514  1.00 22.21 ? 64  PRO A CG  1 
ATOM   367  C CD  . PRO A 1 60  ? 2.087   14.198  -6.258  1.00 20.80 ? 64  PRO A CD  1 
ATOM   368  N N   . ALA A 1 61  ? 0.953   10.123  -4.204  1.00 18.35 ? 65  ALA A N   1 
ATOM   369  C CA  . ALA A 1 61  ? 0.841   8.707   -4.613  1.00 15.93 ? 65  ALA A CA  1 
ATOM   370  C C   . ALA A 1 61  ? 0.029   7.910   -3.608  1.00 15.88 ? 65  ALA A C   1 
ATOM   371  O O   . ALA A 1 61  ? -0.175  8.350   -2.467  1.00 15.85 ? 65  ALA A O   1 
ATOM   372  C CB  . ALA A 1 61  ? 2.230   8.073   -4.749  1.00 15.46 ? 65  ALA A CB  1 
ATOM   373  N N   . LEU A 1 62  ? -0.419  6.736   -4.042  1.00 14.87 ? 66  LEU A N   1 
ATOM   374  C CA  . LEU A 1 62  ? -1.002  5.758   -3.122  1.00 15.21 ? 66  LEU A CA  1 
ATOM   375  C C   . LEU A 1 62  ? 0.047   4.700   -2.858  1.00 15.29 ? 66  LEU A C   1 
ATOM   376  O O   . LEU A 1 62  ? 0.823   4.356   -3.754  1.00 16.59 ? 66  LEU A O   1 
ATOM   377  C CB  . LEU A 1 62  ? -2.253  5.114   -3.725  1.00 14.57 ? 66  LEU A CB  1 
ATOM   378  C CG  . LEU A 1 62  ? -3.394  6.054   -4.116  1.00 15.85 ? 66  LEU A CG  1 
ATOM   379  C CD1 . LEU A 1 62  ? -4.573  5.252   -4.624  1.00 13.04 ? 66  LEU A CD1 1 
ATOM   380  C CD2 . LEU A 1 62  ? -3.800  6.930   -2.894  1.00 16.75 ? 66  LEU A CD2 1 
ATOM   381  N N   . VAL A 1 63  ? 0.090   4.194   -1.632  1.00 14.16 ? 67  VAL A N   1 
ATOM   382  C CA  . VAL A 1 63  ? 0.912   3.045   -1.292  1.00 12.84 ? 67  VAL A CA  1 
ATOM   383  C C   . VAL A 1 63  ? -0.045  1.948   -0.810  1.00 12.94 ? 67  VAL A C   1 
ATOM   384  O O   . VAL A 1 63  ? -0.703  2.119   0.222   1.00 12.01 ? 67  VAL A O   1 
ATOM   385  C CB  . VAL A 1 63  ? 1.953   3.353   -0.194  1.00 13.19 ? 67  VAL A CB  1 
ATOM   386  C CG1 . VAL A 1 63  ? 2.818   2.122   0.043   1.00 12.17 ? 67  VAL A CG1 1 
ATOM   387  C CG2 . VAL A 1 63  ? 2.836   4.540   -0.593  1.00 13.70 ? 67  VAL A CG2 1 
ATOM   388  N N   . ASN A 1 64  ? -0.120  0.862   -1.576  1.00 11.45 ? 68  ASN A N   1 
ATOM   389  C CA  . ASN A 1 64  ? -1.141  -0.185  -1.395  1.00 11.44 ? 68  ASN A CA  1 
ATOM   390  C C   . ASN A 1 64  ? -0.450  -1.462  -0.914  1.00 11.82 ? 68  ASN A C   1 
ATOM   391  O O   . ASN A 1 64  ? 0.505   -1.964  -1.550  1.00 11.71 ? 68  ASN A O   1 
ATOM   392  C CB  . ASN A 1 64  ? -1.872  -0.400  -2.723  1.00 12.21 ? 68  ASN A CB  1 
ATOM   393  C CG  . ASN A 1 64  ? -2.934  -1.501  -2.662  1.00 12.00 ? 68  ASN A CG  1 
ATOM   394  O OD1 . ASN A 1 64  ? -2.717  -2.608  -3.157  1.00 13.66 ? 68  ASN A OD1 1 
ATOM   395  N ND2 . ASN A 1 64  ? -4.097  -1.184  -2.082  1.00 12.25 ? 68  ASN A ND2 1 
ATOM   396  N N   . VAL A 1 65  ? -0.923  -1.977  0.220   1.00 11.10 ? 69  VAL A N   1 
ATOM   397  C CA  . VAL A 1 65  ? -0.392  -3.177  0.867   1.00 11.74 ? 69  VAL A CA  1 
ATOM   398  C C   . VAL A 1 65  ? -1.264  -4.325  0.416   1.00 12.08 ? 69  VAL A C   1 
ATOM   399  O O   . VAL A 1 65  ? -2.494  -4.261  0.569   1.00 12.47 ? 69  VAL A O   1 
ATOM   400  C CB  . VAL A 1 65  ? -0.514  -3.039  2.407   1.00 11.94 ? 69  VAL A CB  1 
ATOM   401  C CG1 . VAL A 1 65  ? 0.007   -4.289  3.146   1.00 12.08 ? 69  VAL A CG1 1 
ATOM   402  C CG2 . VAL A 1 65  ? 0.225   -1.801  2.860   1.00 11.46 ? 69  VAL A CG2 1 
ATOM   403  N N   . TRP A 1 66  ? -0.644  -5.361  -0.147  1.00 11.95 ? 70  TRP A N   1 
ATOM   404  C CA  . TRP A 1 66  ? -1.405  -6.471  -0.743  1.00 12.43 ? 70  TRP A CA  1 
ATOM   405  C C   . TRP A 1 66  ? -0.691  -7.798  -0.578  1.00 12.57 ? 70  TRP A C   1 
ATOM   406  O O   . TRP A 1 66  ? 0.511   -7.843  -0.226  1.00 11.81 ? 70  TRP A O   1 
ATOM   407  C CB  . TRP A 1 66  ? -1.638  -6.172  -2.222  1.00 12.96 ? 70  TRP A CB  1 
ATOM   408  C CG  . TRP A 1 66  ? -0.364  -6.191  -3.037  1.00 14.74 ? 70  TRP A CG  1 
ATOM   409  C CD1 . TRP A 1 66  ? 0.556   -5.179  -3.156  1.00 13.55 ? 70  TRP A CD1 1 
ATOM   410  C CD2 . TRP A 1 66  ? 0.120   -7.276  -3.843  1.00 14.38 ? 70  TRP A CD2 1 
ATOM   411  N NE1 . TRP A 1 66  ? 1.596   -5.570  -4.001  1.00 15.00 ? 70  TRP A NE1 1 
ATOM   412  C CE2 . TRP A 1 66  ? 1.344   -6.846  -4.442  1.00 16.19 ? 70  TRP A CE2 1 
ATOM   413  C CE3 . TRP A 1 66  ? -0.368  -8.559  -4.141  1.00 17.13 ? 70  TRP A CE3 1 
ATOM   414  C CZ2 . TRP A 1 66  ? 2.082   -7.660  -5.313  1.00 15.63 ? 70  TRP A CZ2 1 
ATOM   415  C CZ3 . TRP A 1 66  ? 0.374   -9.372  -5.015  1.00 15.48 ? 70  TRP A CZ3 1 
ATOM   416  C CH2 . TRP A 1 66  ? 1.578   -8.917  -5.584  1.00 15.28 ? 70  TRP A CH2 1 
ATOM   417  N N   . GLY A 1 67  ? -1.413  -8.887  -0.843  1.00 11.98 ? 71  GLY A N   1 
ATOM   418  C CA  . GLY A 1 67  ? -0.812  -10.222 -0.843  1.00 12.61 ? 71  GLY A CA  1 
ATOM   419  C C   . GLY A 1 67  ? -1.697  -11.167 -1.640  1.00 12.63 ? 71  GLY A C   1 
ATOM   420  O O   . GLY A 1 67  ? -2.908  -10.976 -1.691  1.00 12.54 ? 71  GLY A O   1 
ATOM   421  N N   . THR A 1 68  ? -1.098  -12.185 -2.264  1.00 13.41 ? 72  THR A N   1 
ATOM   422  C CA  . THR A 1 68  ? -1.859  -13.219 -3.005  1.00 14.22 ? 72  THR A CA  1 
ATOM   423  C C   . THR A 1 68  ? -2.729  -14.079 -2.075  1.00 14.75 ? 72  THR A C   1 
ATOM   424  O O   . THR A 1 68  ? -3.645  -14.772 -2.546  1.00 15.10 ? 72  THR A O   1 
ATOM   425  C CB  . THR A 1 68  ? -0.918  -14.168 -3.821  1.00 14.82 ? 72  THR A CB  1 
ATOM   426  O OG1 . THR A 1 68  ? -0.166  -14.999 -2.921  1.00 14.25 ? 72  THR A OG1 1 
ATOM   427  C CG2 . THR A 1 68  ? 0.007   -13.333 -4.715  1.00 15.26 ? 72  THR A CG2 1 
ATOM   428  N N   . TRP A 1 69  ? -2.433  -14.027 -0.777  1.00 14.90 ? 73  TRP A N   1 
ATOM   429  C CA  . TRP A 1 69  ? -3.205  -14.737 0.267   1.00 15.65 ? 73  TRP A CA  1 
ATOM   430  C C   . TRP A 1 69  ? -4.538  -14.028 0.559   1.00 16.70 ? 73  TRP A C   1 
ATOM   431  O O   . TRP A 1 69  ? -5.353  -14.532 1.333   1.00 17.93 ? 73  TRP A O   1 
ATOM   432  C CB  . TRP A 1 69  ? -2.381  -14.845 1.570   1.00 15.82 ? 73  TRP A CB  1 
ATOM   433  C CG  . TRP A 1 69  ? -1.746  -13.518 2.018   1.00 15.25 ? 73  TRP A CG  1 
ATOM   434  C CD1 . TRP A 1 69  ? -0.452  -13.125 1.821   1.00 14.79 ? 73  TRP A CD1 1 
ATOM   435  C CD2 . TRP A 1 69  ? -2.376  -12.459 2.747   1.00 14.58 ? 73  TRP A CD2 1 
ATOM   436  N NE1 . TRP A 1 69  ? -0.244  -11.870 2.368   1.00 13.42 ? 73  TRP A NE1 1 
ATOM   437  C CE2 . TRP A 1 69  ? -1.408  -11.436 2.931   1.00 14.06 ? 73  TRP A CE2 1 
ATOM   438  C CE3 . TRP A 1 69  ? -3.674  -12.263 3.252   1.00 16.03 ? 73  TRP A CE3 1 
ATOM   439  C CZ2 . TRP A 1 69  ? -1.695  -10.228 3.605   1.00 15.57 ? 73  TRP A CZ2 1 
ATOM   440  C CZ3 . TRP A 1 69  ? -3.957  -11.078 3.925   1.00 16.39 ? 73  TRP A CZ3 1 
ATOM   441  C CH2 . TRP A 1 69  ? -2.981  -10.065 4.083   1.00 14.75 ? 73  TRP A CH2 1 
ATOM   442  N N   . CYS A 1 70  ? -4.731  -12.849 -0.030  1.00 16.22 ? 74  CYS A N   1 
ATOM   443  C CA  . CYS A 1 70  ? -5.799  -11.934 0.338   1.00 16.10 ? 74  CYS A CA  1 
ATOM   444  C C   . CYS A 1 70  ? -6.903  -11.837 -0.734  1.00 15.99 ? 74  CYS A C   1 
ATOM   445  O O   . CYS A 1 70  ? -6.745  -11.134 -1.742  1.00 14.97 ? 74  CYS A O   1 
ATOM   446  C CB  . CYS A 1 70  ? -5.209  -10.539 0.566   1.00 15.78 ? 74  CYS A CB  1 
ATOM   447  S SG  . CYS A 1 70  ? -6.469  -9.342  1.129   1.00 19.79 ? 74  CYS A SG  1 
ATOM   448  N N   . PRO A 1 71  ? -8.042  -12.522 -0.518  1.00 15.65 ? 75  PRO A N   1 
ATOM   449  C CA  . PRO A 1 71  ? -9.147  -12.421 -1.473  1.00 15.57 ? 75  PRO A CA  1 
ATOM   450  C C   . PRO A 1 71  ? -9.623  -10.979 -1.746  1.00 14.61 ? 75  PRO A C   1 
ATOM   451  O O   . PRO A 1 71  ? -9.997  -10.645 -2.873  1.00 14.68 ? 75  PRO A O   1 
ATOM   452  C CB  . PRO A 1 71  ? -10.251 -13.282 -0.815  1.00 16.06 ? 75  PRO A CB  1 
ATOM   453  C CG  . PRO A 1 71  ? -9.511  -14.261 -0.012  1.00 16.43 ? 75  PRO A CG  1 
ATOM   454  C CD  . PRO A 1 71  ? -8.349  -13.469 0.569   1.00 16.48 ? 75  PRO A CD  1 
ATOM   455  N N   . SER A 1 72  ? -9.609  -10.121 -0.727  1.00 14.16 ? 76  SER A N   1 
ATOM   456  C CA  . SER A 1 72  ? -9.987  -8.714  -0.914  1.00 15.08 ? 76  SER A CA  1 
ATOM   457  C C   . SER A 1 72  ? -9.093  -7.948  -1.881  1.00 14.86 ? 76  SER A C   1 
ATOM   458  O O   . SER A 1 72  ? -9.540  -6.983  -2.516  1.00 14.31 ? 76  SER A O   1 
ATOM   459  C CB  . SER A 1 72  ? -10.043 -8.004  0.434   1.00 15.68 ? 76  SER A CB  1 
ATOM   460  O OG  . SER A 1 72  ? -11.083 -8.571  1.202   1.00 20.63 ? 76  SER A OG  1 
ATOM   461  N N   . CYS A 1 73  ? -7.823  -8.357  -1.972  1.00 15.16 ? 77  CYS A N   1 
ATOM   462  C CA  . CYS A 1 73  ? -6.905  -7.737  -2.937  1.00 15.58 ? 77  CYS A CA  1 
ATOM   463  C C   . CYS A 1 73  ? -7.271  -8.145  -4.356  1.00 15.77 ? 77  CYS A C   1 
ATOM   464  O O   . CYS A 1 73  ? -7.155  -7.350  -5.284  1.00 16.75 ? 77  CYS A O   1 
ATOM   465  C CB  . CYS A 1 73  ? -5.455  -8.122  -2.627  1.00 14.02 ? 77  CYS A CB  1 
ATOM   466  S SG  . CYS A 1 73  ? -4.885  -7.539  -1.061  1.00 15.29 ? 77  CYS A SG  1 
ATOM   467  N N   . ARG A 1 74  ? -7.723  -9.387  -4.539  1.00 17.02 ? 78  ARG A N   1 
ATOM   468  C CA  . ARG A 1 74  ? -8.163  -9.813  -5.873  1.00 17.48 ? 78  ARG A CA  1 
ATOM   469  C C   . ARG A 1 74  ? -9.285  -8.862  -6.303  1.00 16.75 ? 78  ARG A C   1 
ATOM   470  O O   . ARG A 1 74  ? -9.256  -8.301  -7.398  1.00 17.45 ? 78  ARG A O   1 
ATOM   471  C CB  . ARG A 1 74  ? -8.621  -11.263 -5.841  1.00 18.04 ? 78  ARG A CB  1 
ATOM   472  C CG  . ARG A 1 74  ? -8.755  -11.902 -7.174  1.00 22.85 ? 78  ARG A CG  1 
ATOM   473  C CD  . ARG A 1 74  ? -9.170  -13.356 -7.031  1.00 27.29 ? 78  ARG A CD  1 
ATOM   474  N NE  . ARG A 1 74  ? -8.050  -14.196 -6.615  1.00 29.31 ? 78  ARG A NE  1 
ATOM   475  C CZ  . ARG A 1 74  ? -7.899  -14.703 -5.396  1.00 29.27 ? 78  ARG A CZ  1 
ATOM   476  N NH1 . ARG A 1 74  ? -8.799  -14.466 -4.445  1.00 31.24 ? 78  ARG A NH1 1 
ATOM   477  N NH2 . ARG A 1 74  ? -6.849  -15.452 -5.124  1.00 30.82 ? 78  ARG A NH2 1 
ATOM   478  N N   . VAL A 1 75  ? -10.256 -8.660  -5.414  1.00 16.59 ? 79  VAL A N   1 
ATOM   479  C CA  . VAL A 1 75  ? -11.421 -7.813  -5.683  1.00 16.20 ? 79  VAL A CA  1 
ATOM   480  C C   . VAL A 1 75  ? -11.027 -6.359  -5.942  1.00 16.06 ? 79  VAL A C   1 
ATOM   481  O O   . VAL A 1 75  ? -11.653 -5.667  -6.758  1.00 16.13 ? 79  VAL A O   1 
ATOM   482  C CB  . VAL A 1 75  ? -12.466 -7.927  -4.508  1.00 16.55 ? 79  VAL A CB  1 
ATOM   483  C CG1 . VAL A 1 75  ? -13.530 -6.821  -4.563  1.00 18.04 ? 79  VAL A CG1 1 
ATOM   484  C CG2 . VAL A 1 75  ? -13.115 -9.326  -4.512  1.00 16.89 ? 79  VAL A CG2 1 
ATOM   485  N N   . GLU A 1 76  ? -10.004 -5.879  -5.240  1.00 14.90 ? 80  GLU A N   1 
ATOM   486  C CA  . GLU A 1 76  ? -9.622  -4.458  -5.336  1.00 14.51 ? 80  GLU A CA  1 
ATOM   487  C C   . GLU A 1 76  ? -8.826  -4.126  -6.611  1.00 15.21 ? 80  GLU A C   1 
ATOM   488  O O   . GLU A 1 76  ? -8.731  -2.950  -7.009  1.00 14.92 ? 80  GLU A O   1 
ATOM   489  C CB  . GLU A 1 76  ? -8.759  -4.059  -4.118  1.00 14.48 ? 80  GLU A CB  1 
ATOM   490  C CG  . GLU A 1 76  ? -8.481  -2.557  -4.008  1.00 12.43 ? 80  GLU A CG  1 
ATOM   491  C CD  . GLU A 1 76  ? -7.562  -2.204  -2.823  1.00 14.34 ? 80  GLU A CD  1 
ATOM   492  O OE1 . GLU A 1 76  ? -6.426  -2.712  -2.761  1.00 13.59 ? 80  GLU A OE1 1 
ATOM   493  O OE2 . GLU A 1 76  ? -7.971  -1.383  -1.972  1.00 13.57 ? 80  GLU A OE2 1 
ATOM   494  N N   . HIS A 1 77  ? -8.272  -5.158  -7.240  1.00 16.12 ? 81  HIS A N   1 
ATOM   495  C CA  . HIS A 1 77  ? -7.316  -4.971  -8.337  1.00 17.97 ? 81  HIS A CA  1 
ATOM   496  C C   . HIS A 1 77  ? -7.859  -4.095  -9.484  1.00 17.96 ? 81  HIS A C   1 
ATOM   497  O O   . HIS A 1 77  ? -7.186  -3.143  -9.888  1.00 18.68 ? 81  HIS A O   1 
ATOM   498  C CB  . HIS A 1 77  ? -6.794  -6.308  -8.831  1.00 18.44 ? 81  HIS A CB  1 
ATOM   499  C CG  . HIS A 1 77  ? -5.450  -6.217  -9.493  1.00 21.77 ? 81  HIS A CG  1 
ATOM   500  N ND1 . HIS A 1 77  ? -4.270  -6.200  -8.775  1.00 24.96 ? 81  HIS A ND1 1 
ATOM   501  C CD2 . HIS A 1 77  ? -5.100  -6.134  -10.796 1.00 23.71 ? 81  HIS A CD2 1 
ATOM   502  C CE1 . HIS A 1 77  ? -3.249  -6.119  -9.611  1.00 23.72 ? 81  HIS A CE1 1 
ATOM   503  N NE2 . HIS A 1 77  ? -3.724  -6.078  -10.842 1.00 26.02 ? 81  HIS A NE2 1 
ATOM   504  N N   . PRO A 1 78  ? -9.090  -4.349  -9.962  1.00 18.66 ? 82  PRO A N   1 
ATOM   505  C CA  . PRO A 1 78  ? -9.585  -3.488  -11.058 1.00 18.65 ? 82  PRO A CA  1 
ATOM   506  C C   . PRO A 1 78  ? -9.670  -1.992  -10.737 1.00 18.15 ? 82  PRO A C   1 
ATOM   507  O O   . PRO A 1 78  ? -9.429  -1.152  -11.610 1.00 18.61 ? 82  PRO A O   1 
ATOM   508  C CB  . PRO A 1 78  ? -10.983 -4.047  -11.332 1.00 19.04 ? 82  PRO A CB  1 
ATOM   509  C CG  . PRO A 1 78  ? -10.899 -5.471  -10.897 1.00 20.16 ? 82  PRO A CG  1 
ATOM   510  C CD  . PRO A 1 78  ? -10.067 -5.404  -9.630  1.00 17.46 ? 82  PRO A CD  1 
ATOM   511  N N   . GLU A 1 79  ? -10.007 -1.647  -9.496  1.00 17.73 ? 83  GLU A N   1 
ATOM   512  C CA  . GLU A 1 79  ? -10.020 -0.256  -9.102  1.00 16.69 ? 83  GLU A CA  1 
ATOM   513  C C   . GLU A 1 79  ? -8.633  0.387   -9.125  1.00 16.42 ? 83  GLU A C   1 
ATOM   514  O O   . GLU A 1 79  ? -8.499  1.561   -9.525  1.00 16.18 ? 83  GLU A O   1 
ATOM   515  C CB  . GLU A 1 79  ? -10.700 -0.046  -7.736  1.00 16.78 ? 83  GLU A CB  1 
ATOM   516  C CG  . GLU A 1 79  ? -10.583 1.391   -7.229  1.00 16.95 ? 83  GLU A CG  1 
ATOM   517  C CD  . GLU A 1 79  ? -11.402 2.435   -8.010  1.00 19.94 ? 83  GLU A CD  1 
ATOM   518  O OE1 . GLU A 1 79  ? -12.208 2.089   -8.892  1.00 23.46 ? 83  GLU A OE1 1 
ATOM   519  O OE2 . GLU A 1 79  ? -11.239 3.634   -7.726  1.00 21.87 ? 83  GLU A OE2 1 
ATOM   520  N N   . LEU A 1 80  ? -7.614  -0.348  -8.675  1.00 15.70 ? 84  LEU A N   1 
ATOM   521  C CA  . LEU A 1 80  ? -6.246  0.199   -8.695  1.00 16.85 ? 84  LEU A CA  1 
ATOM   522  C C   . LEU A 1 80  ? -5.845  0.480   -10.147 1.00 17.53 ? 84  LEU A C   1 
ATOM   523  O O   . LEU A 1 80  ? -5.281  1.532   -10.457 1.00 17.49 ? 84  LEU A O   1 
ATOM   524  C CB  . LEU A 1 80  ? -5.265  -0.780  -8.056  1.00 16.80 ? 84  LEU A CB  1 
ATOM   525  C CG  . LEU A 1 80  ? -5.535  -1.081  -6.585  1.00 16.50 ? 84  LEU A CG  1 
ATOM   526  C CD1 . LEU A 1 80  ? -4.401  -1.981  -6.026  1.00 15.73 ? 84  LEU A CD1 1 
ATOM   527  C CD2 . LEU A 1 80  ? -5.690  0.186   -5.758  1.00 19.28 ? 84  LEU A CD2 1 
ATOM   528  N N   . THR A 1 81  ? -6.175  -0.458  -11.023 1.00 18.21 ? 85  THR A N   1 
ATOM   529  C CA  . THR A 1 81  ? -5.898  -0.288  -12.462 1.00 19.81 ? 85  THR A CA  1 
ATOM   530  C C   . THR A 1 81  ? -6.607  0.954   -13.007 1.00 19.61 ? 85  THR A C   1 
ATOM   531  O O   . THR A 1 81  ? -5.991  1.771   -13.688 1.00 20.19 ? 85  THR A O   1 
ATOM   532  C CB  . THR A 1 81  ? -6.299  -1.527  -13.245 1.00 19.51 ? 85  THR A CB  1 
ATOM   533  O OG1 . THR A 1 81  ? -5.612  -2.660  -12.704 1.00 22.09 ? 85  THR A OG1 1 
ATOM   534  C CG2 . THR A 1 81  ? -5.907  -1.377  -14.725 1.00 21.48 ? 85  THR A CG2 1 
ATOM   535  N N   . ARG A 1 82  ? -7.887  1.110   -12.671 1.00 20.37 ? 86  ARG A N   1 
ATOM   536  C CA  . ARG A 1 82  ? -8.688  2.276   -13.063 1.00 21.94 ? 86  ARG A CA  1 
ATOM   537  C C   . ARG A 1 82  ? -8.032  3.616   -12.662 1.00 21.21 ? 86  ARG A C   1 
ATOM   538  O O   . ARG A 1 82  ? -7.973  4.570   -13.450 1.00 20.86 ? 86  ARG A O   1 
ATOM   539  C CB  . ARG A 1 82  ? -10.094 2.158   -12.445 1.00 22.36 ? 86  ARG A CB  1 
ATOM   540  C CG  . ARG A 1 82  ? -11.171 2.997   -13.124 1.00 26.70 ? 86  ARG A CG  1 
ATOM   541  C CD  . ARG A 1 82  ? -12.586 2.557   -12.706 1.00 26.67 ? 86  ARG A CD  1 
ATOM   542  N NE  . ARG A 1 82  ? -12.798 1.117   -12.879 1.00 34.75 ? 86  ARG A NE  1 
ATOM   543  C CZ  . ARG A 1 82  ? -13.123 0.259   -11.906 1.00 37.88 ? 86  ARG A CZ  1 
ATOM   544  N NH1 . ARG A 1 82  ? -13.296 0.664   -10.650 1.00 38.88 ? 86  ARG A NH1 1 
ATOM   545  N NH2 . ARG A 1 82  ? -13.292 -1.026  -12.199 1.00 39.65 ? 86  ARG A NH2 1 
ATOM   546  N N   . LEU A 1 83  ? -7.546  3.682   -11.427 1.00 19.21 ? 87  LEU A N   1 
ATOM   547  C CA  . LEU A 1 83  ? -6.865  4.869   -10.927 1.00 18.79 ? 87  LEU A CA  1 
ATOM   548  C C   . LEU A 1 83  ? -5.543  5.136   -11.659 1.00 18.44 ? 87  LEU A C   1 
ATOM   549  O O   . LEU A 1 83  ? -5.246  6.277   -12.035 1.00 18.59 ? 87  LEU A O   1 
ATOM   550  C CB  . LEU A 1 83  ? -6.605  4.702   -9.434  1.00 18.69 ? 87  LEU A CB  1 
ATOM   551  C CG  . LEU A 1 83  ? -7.898  4.719   -8.602  1.00 18.72 ? 87  LEU A CG  1 
ATOM   552  C CD1 . LEU A 1 83  ? -7.590  4.380   -7.142  1.00 20.46 ? 87  LEU A CD1 1 
ATOM   553  C CD2 . LEU A 1 83  ? -8.602  6.060   -8.715  1.00 20.33 ? 87  LEU A CD2 1 
ATOM   554  N N   . ALA A 1 84  ? -4.766  4.084   -11.875 1.00 18.36 ? 88  ALA A N   1 
ATOM   555  C CA  . ALA A 1 84  ? -3.477  4.242   -12.563 1.00 18.42 ? 88  ALA A CA  1 
ATOM   556  C C   . ALA A 1 84  ? -3.700  4.818   -13.977 1.00 19.45 ? 88  ALA A C   1 
ATOM   557  O O   . ALA A 1 84  ? -2.930  5.670   -14.424 1.00 19.07 ? 88  ALA A O   1 
ATOM   558  C CB  . ALA A 1 84  ? -2.744  2.930   -12.623 1.00 17.82 ? 88  ALA A CB  1 
ATOM   559  N N   . GLU A 1 85  ? -4.741  4.333   -14.661 1.00 19.98 ? 89  GLU A N   1 
ATOM   560  C CA  . GLU A 1 85  ? -5.119  4.837   -15.994 1.00 22.01 ? 89  GLU A CA  1 
ATOM   561  C C   . GLU A 1 85  ? -5.448  6.324   -15.996 1.00 22.40 ? 89  GLU A C   1 
ATOM   562  O O   . GLU A 1 85  ? -5.360  6.985   -17.036 1.00 22.39 ? 89  GLU A O   1 
ATOM   563  C CB  . GLU A 1 85  ? -6.303  4.055   -16.567 1.00 22.56 ? 89  GLU A CB  1 
ATOM   564  C CG  . GLU A 1 85  ? -5.984  2.626   -16.909 1.00 25.78 ? 89  GLU A CG  1 
ATOM   565  C CD  . GLU A 1 85  ? -7.214  1.777   -17.174 1.00 27.93 ? 89  GLU A CD  1 
ATOM   566  O OE1 . GLU A 1 85  ? -8.361  2.261   -17.014 1.00 34.19 ? 89  GLU A OE1 1 
ATOM   567  O OE2 . GLU A 1 85  ? -7.029  0.611   -17.560 1.00 32.46 ? 89  GLU A OE2 1 
ATOM   568  N N   . GLN A 1 86  ? -5.803  6.863   -14.831 1.00 22.78 ? 90  GLN A N   1 
ATOM   569  C CA  . GLN A 1 86  ? -6.095  8.289   -14.710 1.00 23.86 ? 90  GLN A CA  1 
ATOM   570  C C   . GLN A 1 86  ? -4.891  9.096   -14.228 1.00 22.72 ? 90  GLN A C   1 
ATOM   571  O O   . GLN A 1 86  ? -5.029  10.263  -13.835 1.00 23.05 ? 90  GLN A O   1 
ATOM   572  C CB  . GLN A 1 86  ? -7.330  8.502   -13.810 1.00 23.75 ? 90  GLN A CB  1 
ATOM   573  C CG  . GLN A 1 86  ? -8.579  7.828   -14.386 1.00 26.78 ? 90  GLN A CG  1 
ATOM   574  C CD  . GLN A 1 86  ? -9.786  7.910   -13.463 1.00 28.21 ? 90  GLN A CD  1 
ATOM   575  O OE1 . GLN A 1 86  ? -10.418 8.964   -13.340 1.00 35.43 ? 90  GLN A OE1 1 
ATOM   576  N NE2 . GLN A 1 86  ? -10.126 6.790   -12.825 1.00 32.01 ? 90  GLN A NE2 1 
ATOM   577  N N   . GLY A 1 87  ? -3.709  8.475   -14.251 1.00 20.62 ? 91  GLY A N   1 
ATOM   578  C CA  . GLY A 1 87  ? -2.498  9.165   -13.859 1.00 20.07 ? 91  GLY A CA  1 
ATOM   579  C C   . GLY A 1 87  ? -2.108  9.020   -12.398 1.00 19.15 ? 91  GLY A C   1 
ATOM   580  O O   . GLY A 1 87  ? -1.144  9.639   -11.960 1.00 20.16 ? 91  GLY A O   1 
ATOM   581  N N   . VAL A 1 88  ? -2.853  8.225   -11.632 1.00 17.79 ? 92  VAL A N   1 
ATOM   582  C CA  . VAL A 1 88  ? -2.532  8.069   -10.202 1.00 17.34 ? 92  VAL A CA  1 
ATOM   583  C C   . VAL A 1 88  ? -1.357  7.122   -9.985  1.00 16.34 ? 92  VAL A C   1 
ATOM   584  O O   . VAL A 1 88  ? -1.427  5.944   -10.361 1.00 17.24 ? 92  VAL A O   1 
ATOM   585  C CB  . VAL A 1 88  ? -3.761  7.608   -9.358  1.00 17.00 ? 92  VAL A CB  1 
ATOM   586  C CG1 . VAL A 1 88  ? -3.369  7.454   -7.891  1.00 17.82 ? 92  VAL A CG1 1 
ATOM   587  C CG2 . VAL A 1 88  ? -4.903  8.600   -9.506  1.00 17.21 ? 92  VAL A CG2 1 
ATOM   588  N N   . VAL A 1 89  ? -0.285  7.643   -9.382  1.00 16.10 ? 93  VAL A N   1 
ATOM   589  C CA  . VAL A 1 89  ? 0.900   6.866   -9.051  1.00 14.89 ? 93  VAL A CA  1 
ATOM   590  C C   . VAL A 1 89  ? 0.564   5.952   -7.875  1.00 14.35 ? 93  VAL A C   1 
ATOM   591  O O   . VAL A 1 89  ? 0.067   6.423   -6.851  1.00 15.32 ? 93  VAL A O   1 
ATOM   592  C CB  . VAL A 1 89  ? 2.061   7.788   -8.693  1.00 14.94 ? 93  VAL A CB  1 
ATOM   593  C CG1 . VAL A 1 89  ? 3.250   6.991   -8.187  1.00 13.55 ? 93  VAL A CG1 1 
ATOM   594  C CG2 . VAL A 1 89  ? 2.483   8.644   -9.933  1.00 15.81 ? 93  VAL A CG2 1 
ATOM   595  N N   . ILE A 1 90  ? 0.807   4.658   -8.035  1.00 13.67 ? 94  ILE A N   1 
ATOM   596  C CA  . ILE A 1 90  ? 0.512   3.690   -6.967  1.00 14.18 ? 94  ILE A CA  1 
ATOM   597  C C   . ILE A 1 90  ? 1.745   2.827   -6.794  1.00 13.71 ? 94  ILE A C   1 
ATOM   598  O O   . ILE A 1 90  ? 2.282   2.299   -7.785  1.00 13.37 ? 94  ILE A O   1 
ATOM   599  C CB  . ILE A 1 90  ? -0.706  2.780   -7.297  1.00 13.56 ? 94  ILE A CB  1 
ATOM   600  C CG1 . ILE A 1 90  ? -1.954  3.602   -7.678  1.00 13.77 ? 94  ILE A CG1 1 
ATOM   601  C CG2 . ILE A 1 90  ? -0.987  1.797   -6.106  1.00 14.32 ? 94  ILE A CG2 1 
ATOM   602  C CD1 . ILE A 1 90  ? -3.109  2.757   -8.279  1.00 15.04 ? 94  ILE A CD1 1 
ATOM   603  N N   . TYR A 1 91  ? 2.206   2.697   -5.550  1.00 13.53 ? 95  TYR A N   1 
ATOM   604  C CA  . TYR A 1 91  ? 3.316   1.813   -5.220  1.00 13.43 ? 95  TYR A CA  1 
ATOM   605  C C   . TYR A 1 91  ? 2.758   0.655   -4.423  1.00 13.76 ? 95  TYR A C   1 
ATOM   606  O O   . TYR A 1 91  ? 1.850   0.865   -3.621  1.00 13.96 ? 95  TYR A O   1 
ATOM   607  C CB  . TYR A 1 91  ? 4.349   2.535   -4.364  1.00 14.14 ? 95  TYR A CB  1 
ATOM   608  C CG  . TYR A 1 91  ? 4.871   3.805   -5.006  1.00 14.62 ? 95  TYR A CG  1 
ATOM   609  C CD1 . TYR A 1 91  ? 5.585   3.751   -6.204  1.00 14.91 ? 95  TYR A CD1 1 
ATOM   610  C CD2 . TYR A 1 91  ? 4.661   5.051   -4.413  1.00 15.65 ? 95  TYR A CD2 1 
ATOM   611  C CE1 . TYR A 1 91  ? 6.079   4.924   -6.811  1.00 15.34 ? 95  TYR A CE1 1 
ATOM   612  C CE2 . TYR A 1 91  ? 5.173   6.221   -4.987  1.00 15.17 ? 95  TYR A CE2 1 
ATOM   613  C CZ  . TYR A 1 91  ? 5.888   6.146   -6.197  1.00 17.30 ? 95  TYR A CZ  1 
ATOM   614  O OH  . TYR A 1 91  ? 6.367   7.303   -6.801  1.00 15.92 ? 95  TYR A OH  1 
ATOM   615  N N   . GLY A 1 92  ? 3.306   -0.542  -4.621  1.00 12.63 ? 96  GLY A N   1 
ATOM   616  C CA  . GLY A 1 92  ? 2.768   -1.721  -3.925  1.00 12.70 ? 96  GLY A CA  1 
ATOM   617  C C   . GLY A 1 92  ? 3.711   -2.271  -2.900  1.00 14.48 ? 96  GLY A C   1 
ATOM   618  O O   . GLY A 1 92  ? 4.905   -2.418  -3.170  1.00 15.92 ? 96  GLY A O   1 
ATOM   619  N N   . ILE A 1 93  ? 3.183   -2.585  -1.713  1.00 13.77 ? 97  ILE A N   1 
ATOM   620  C CA  . ILE A 1 93  ? 3.959   -3.331  -0.726  1.00 13.62 ? 97  ILE A CA  1 
ATOM   621  C C   . ILE A 1 93  ? 3.367   -4.733  -0.658  1.00 13.53 ? 97  ILE A C   1 
ATOM   622  O O   . ILE A 1 93  ? 2.218   -4.918  -0.233  1.00 12.72 ? 97  ILE A O   1 
ATOM   623  C CB  . ILE A 1 93  ? 3.895   -2.670  0.658   1.00 14.65 ? 97  ILE A CB  1 
ATOM   624  C CG1 . ILE A 1 93  ? 4.479   -1.259  0.603   1.00 17.35 ? 97  ILE A CG1 1 
ATOM   625  C CG2 . ILE A 1 93  ? 4.619   -3.534  1.682   1.00 15.00 ? 97  ILE A CG2 1 
ATOM   626  C CD1 . ILE A 1 93  ? 4.190   -0.434  1.869   1.00 17.41 ? 97  ILE A CD1 1 
ATOM   627  N N   . ASN A 1 94  ? 4.149   -5.708  -1.120  1.00 13.89 ? 98  ASN A N   1 
ATOM   628  C CA  . ASN A 1 94  ? 3.747   -7.106  -1.128  1.00 13.85 ? 98  ASN A CA  1 
ATOM   629  C C   . ASN A 1 94  ? 4.095   -7.689  0.244   1.00 14.66 ? 98  ASN A C   1 
ATOM   630  O O   . ASN A 1 94  ? 5.280   -7.883  0.583   1.00 14.09 ? 98  ASN A O   1 
ATOM   631  C CB  . ASN A 1 94  ? 4.446   -7.850  -2.282  1.00 13.50 ? 98  ASN A CB  1 
ATOM   632  C CG  . ASN A 1 94  ? 4.038   -9.314  -2.369  1.00 15.06 ? 98  ASN A CG  1 
ATOM   633  O OD1 . ASN A 1 94  ? 4.886   -10.199 -2.269  1.00 15.84 ? 98  ASN A OD1 1 
ATOM   634  N ND2 . ASN A 1 94  ? 2.723   -9.576  -2.548  1.00 14.01 ? 98  ASN A ND2 1 
ATOM   635  N N   . TYR A 1 95  ? 3.053   -7.871  1.059   1.00 14.61 ? 99  TYR A N   1 
ATOM   636  C CA  . TYR A 1 95  ? 3.202   -8.080  2.501   1.00 15.56 ? 99  TYR A CA  1 
ATOM   637  C C   . TYR A 1 95  ? 3.111   -9.558  2.913   1.00 16.20 ? 99  TYR A C   1 
ATOM   638  O O   . TYR A 1 95  ? 2.086   -10.199 2.677   1.00 16.02 ? 99  TYR A O   1 
ATOM   639  C CB  . TYR A 1 95  ? 2.136   -7.237  3.238   1.00 15.67 ? 99  TYR A CB  1 
ATOM   640  C CG  . TYR A 1 95  ? 2.168   -7.363  4.758   1.00 16.67 ? 99  TYR A CG  1 
ATOM   641  C CD1 . TYR A 1 95  ? 3.118   -6.678  5.516   1.00 14.61 ? 99  TYR A CD1 1 
ATOM   642  C CD2 . TYR A 1 95  ? 1.231   -8.155  5.442   1.00 17.88 ? 99  TYR A CD2 1 
ATOM   643  C CE1 . TYR A 1 95  ? 3.146   -6.778  6.899   1.00 16.13 ? 99  TYR A CE1 1 
ATOM   644  C CE2 . TYR A 1 95  ? 1.271   -8.279  6.847   1.00 20.42 ? 99  TYR A CE2 1 
ATOM   645  C CZ  . TYR A 1 95  ? 2.212   -7.584  7.564   1.00 18.97 ? 99  TYR A CZ  1 
ATOM   646  O OH  . TYR A 1 95  ? 2.262   -7.669  8.944   1.00 19.63 ? 99  TYR A OH  1 
ATOM   647  N N   . LYS A 1 96  ? 4.171   -10.078 3.553   1.00 16.38 ? 100 LYS A N   1 
ATOM   648  C CA  . LYS A 1 96  ? 4.213   -11.447 4.115   1.00 17.29 ? 100 LYS A CA  1 
ATOM   649  C C   . LYS A 1 96  ? 3.668   -12.500 3.132   1.00 17.62 ? 100 LYS A C   1 
ATOM   650  O O   . LYS A 1 96  ? 2.826   -13.329 3.491   1.00 17.24 ? 100 LYS A O   1 
ATOM   651  C CB  . LYS A 1 96  ? 3.482   -11.515 5.487   1.00 17.09 ? 100 LYS A CB  1 
ATOM   652  C CG  . LYS A 1 96  ? 4.177   -10.748 6.636   1.00 16.61 ? 100 LYS A CG  1 
ATOM   653  C CD  . LYS A 1 96  ? 3.603   -11.215 7.997   1.00 19.47 ? 100 LYS A CD  1 
ATOM   654  C CE  . LYS A 1 96  ? 4.322   -10.603 9.167   1.00 22.06 ? 100 LYS A CE  1 
ATOM   655  N NZ  . LYS A 1 96  ? 3.885   -11.270 10.440  1.00 25.78 ? 100 LYS A NZ  1 
ATOM   656  N N   . ASP A 1 97  ? 4.168   -12.461 1.897   1.00 17.37 ? 101 ASP A N   1 
ATOM   657  C CA  . ASP A 1 97  ? 3.625   -13.251 0.804   1.00 17.86 ? 101 ASP A CA  1 
ATOM   658  C C   . ASP A 1 97  ? 4.656   -14.245 0.262   1.00 18.36 ? 101 ASP A C   1 
ATOM   659  O O   . ASP A 1 97  ? 5.836   -14.193 0.620   1.00 19.23 ? 101 ASP A O   1 
ATOM   660  C CB  . ASP A 1 97  ? 3.169   -12.308 -0.318  1.00 17.98 ? 101 ASP A CB  1 
ATOM   661  C CG  . ASP A 1 97  ? 2.065   -12.889 -1.200  1.00 16.51 ? 101 ASP A CG  1 
ATOM   662  O OD1 . ASP A 1 97  ? 1.628   -14.064 -1.017  1.00 17.27 ? 101 ASP A OD1 1 
ATOM   663  O OD2 . ASP A 1 97  ? 1.642   -12.148 -2.116  1.00 14.75 ? 101 ASP A OD2 1 
ATOM   664  N N   . ASP A 1 98  ? 4.185   -15.114 -0.628  1.00 19.48 ? 102 ASP A N   1 
ATOM   665  C CA  . ASP A 1 98  ? 4.979   -16.069 -1.404  1.00 20.47 ? 102 ASP A CA  1 
ATOM   666  C C   . ASP A 1 98  ? 5.488   -15.314 -2.633  1.00 19.78 ? 102 ASP A C   1 
ATOM   667  O O   . ASP A 1 98  ? 4.698   -14.914 -3.500  1.00 18.91 ? 102 ASP A O   1 
ATOM   668  C CB  . ASP A 1 98  ? 4.022   -17.209 -1.798  1.00 21.20 ? 102 ASP A CB  1 
ATOM   669  C CG  . ASP A 1 98  ? 4.636   -18.293 -2.678  1.00 24.61 ? 102 ASP A CG  1 
ATOM   670  O OD1 . ASP A 1 98  ? 5.527   -18.054 -3.509  1.00 26.28 ? 102 ASP A OD1 1 
ATOM   671  O OD2 . ASP A 1 98  ? 4.122   -19.435 -2.572  1.00 31.39 ? 102 ASP A OD2 1 
ATOM   672  N N   . ASN A 1 99  ? 6.801   -15.116 -2.711  1.00 19.69 ? 103 ASN A N   1 
ATOM   673  C CA  . ASN A 1 99  ? 7.362   -14.315 -3.812  1.00 19.89 ? 103 ASN A CA  1 
ATOM   674  C C   . ASN A 1 99  ? 7.011   -14.842 -5.210  1.00 19.32 ? 103 ASN A C   1 
ATOM   675  O O   . ASN A 1 99  ? 6.661   -14.076 -6.096  1.00 18.36 ? 103 ASN A O   1 
ATOM   676  C CB  . ASN A 1 99  ? 8.877   -14.126 -3.640  1.00 20.45 ? 103 ASN A CB  1 
ATOM   677  C CG  . ASN A 1 99  ? 9.480   -13.340 -4.764  1.00 22.57 ? 103 ASN A CG  1 
ATOM   678  O OD1 . ASN A 1 99  ? 10.101  -13.914 -5.656  1.00 26.58 ? 103 ASN A OD1 1 
ATOM   679  N ND2 . ASN A 1 99  ? 9.254   -12.031 -4.771  1.00 22.12 ? 103 ASN A ND2 1 
ATOM   680  N N   . ALA A 1 100 ? 7.090   -16.159 -5.412  1.00 20.30 ? 104 ALA A N   1 
ATOM   681  C CA  . ALA A 1 100 ? 6.726   -16.743 -6.702  1.00 19.48 ? 104 ALA A CA  1 
ATOM   682  C C   . ALA A 1 100 ? 5.276   -16.432 -7.095  1.00 19.20 ? 104 ALA A C   1 
ATOM   683  O O   . ALA A 1 100 ? 4.975   -16.086 -8.260  1.00 18.19 ? 104 ALA A O   1 
ATOM   684  C CB  . ALA A 1 100 ? 6.976   -18.260 -6.690  1.00 21.25 ? 104 ALA A CB  1 
ATOM   685  N N   . ALA A 1 101 ? 4.380   -16.546 -6.106  1.00 18.15 ? 105 ALA A N   1 
ATOM   686  C CA  . ALA A 1 101 ? 2.958   -16.278 -6.311  1.00 17.12 ? 105 ALA A CA  1 
ATOM   687  C C   . ALA A 1 101 ? 2.738   -14.801 -6.638  1.00 16.35 ? 105 ALA A C   1 
ATOM   688  O O   . ALA A 1 101 ? 1.976   -14.480 -7.551  1.00 16.03 ? 105 ALA A O   1 
ATOM   689  C CB  . ALA A 1 101 ? 2.172   -16.669 -5.057  1.00 16.92 ? 105 ALA A CB  1 
ATOM   690  N N   . ALA A 1 102 ? 3.402   -13.923 -5.881  1.00 15.66 ? 106 ALA A N   1 
ATOM   691  C CA  . ALA A 1 102 ? 3.343   -12.467 -6.125  1.00 15.75 ? 106 ALA A CA  1 
ATOM   692  C C   . ALA A 1 102 ? 3.778   -12.097 -7.549  1.00 16.68 ? 106 ALA A C   1 
ATOM   693  O O   . ALA A 1 102 ? 3.130   -11.288 -8.228  1.00 16.33 ? 106 ALA A O   1 
ATOM   694  C CB  . ALA A 1 102 ? 4.174   -11.720 -5.079  1.00 15.69 ? 106 ALA A CB  1 
ATOM   695  N N   . ILE A 1 103 ? 4.871   -12.722 -8.009  1.00 17.27 ? 107 ILE A N   1 
ATOM   696  C CA  . ILE A 1 103 ? 5.334   -12.493 -9.374  1.00 18.73 ? 107 ILE A CA  1 
ATOM   697  C C   . ILE A 1 103 ? 4.265   -12.896 -10.391 1.00 19.22 ? 107 ILE A C   1 
ATOM   698  O O   . ILE A 1 103 ? 3.979   -12.136 -11.304 1.00 19.99 ? 107 ILE A O   1 
ATOM   699  C CB  . ILE A 1 103 ? 6.690   -13.180 -9.655  1.00 18.46 ? 107 ILE A CB  1 
ATOM   700  C CG1 . ILE A 1 103 ? 7.814   -12.381 -8.979  1.00 19.29 ? 107 ILE A CG1 1 
ATOM   701  C CG2 . ILE A 1 103 ? 6.935   -13.278 -11.188 1.00 18.10 ? 107 ILE A CG2 1 
ATOM   702  C CD1 . ILE A 1 103 ? 9.074   -13.176 -8.727  1.00 22.97 ? 107 ILE A CD1 1 
ATOM   703  N N   . LYS A 1 104 ? 3.688   -14.081 -10.227 1.00 21.18 ? 108 LYS A N   1 
ATOM   704  C CA  . LYS A 1 104 ? 2.623   -14.535 -11.115 1.00 22.47 ? 108 LYS A CA  1 
ATOM   705  C C   . LYS A 1 104 ? 1.469   -13.537 -11.147 1.00 23.56 ? 108 LYS A C   1 
ATOM   706  O O   . LYS A 1 104 ? 0.967   -13.184 -12.214 1.00 24.23 ? 108 LYS A O   1 
ATOM   707  C CB  . LYS A 1 104 ? 2.114   -15.912 -10.681 1.00 22.99 ? 108 LYS A CB  1 
ATOM   708  C CG  . LYS A 1 104 ? 2.917   -17.075 -11.240 1.00 24.82 ? 108 LYS A CG  1 
ATOM   709  C CD  . LYS A 1 104 ? 2.083   -18.345 -11.296 1.00 27.22 ? 108 LYS A CD  1 
ATOM   710  C CE  . LYS A 1 104 ? 0.602   -18.040 -11.136 0.00 33.24 ? 108 LYS A CE  1 
ATOM   711  N NZ  . LYS A 1 104 ? -0.238  -18.876 -12.037 0.00 36.12 ? 108 LYS A NZ  1 
ATOM   712  N N   . TRP A 1 105 ? 1.059   -13.086 -9.967  1.00 23.73 ? 109 TRP A N   1 
ATOM   713  C CA  . TRP A 1 105 ? -0.007  -12.094 -9.834  1.00 25.22 ? 109 TRP A CA  1 
ATOM   714  C C   . TRP A 1 105 ? 0.309   -10.800 -10.605 1.00 25.47 ? 109 TRP A C   1 
ATOM   715  O O   . TRP A 1 105 ? -0.549  -10.264 -11.310 1.00 26.79 ? 109 TRP A O   1 
ATOM   716  C CB  . TRP A 1 105 ? -0.199  -11.881 -8.320  1.00 25.68 ? 109 TRP A CB  1 
ATOM   717  C CG  . TRP A 1 105 ? -1.218  -10.934 -7.839  1.00 26.93 ? 109 TRP A CG  1 
ATOM   718  C CD1 . TRP A 1 105 ? -1.196  -9.568  -7.957  1.00 27.13 ? 109 TRP A CD1 1 
ATOM   719  C CD2 . TRP A 1 105 ? -2.367  -11.251 -7.030  1.00 24.88 ? 109 TRP A CD2 1 
ATOM   720  N NE1 . TRP A 1 105 ? -2.282  -9.026  -7.312  1.00 27.35 ? 109 TRP A NE1 1 
ATOM   721  C CE2 . TRP A 1 105 ? -3.014  -10.034 -6.734  1.00 26.00 ? 109 TRP A CE2 1 
ATOM   722  C CE3 . TRP A 1 105 ? -2.925  -12.446 -6.560  1.00 24.75 ? 109 TRP A CE3 1 
ATOM   723  C CZ2 . TRP A 1 105 ? -4.196  -9.972  -5.981  1.00 25.53 ? 109 TRP A CZ2 1 
ATOM   724  C CZ3 . TRP A 1 105 ? -4.095  -12.393 -5.800  1.00 25.80 ? 109 TRP A CZ3 1 
ATOM   725  C CH2 . TRP A 1 105 ? -4.722  -11.163 -5.525  1.00 26.80 ? 109 TRP A CH2 1 
ATOM   726  N N   . LEU A 1 106 ? 1.547   -10.327 -10.512 1.00 25.73 ? 110 LEU A N   1 
ATOM   727  C CA  . LEU A 1 106 ? 1.973   -9.109  -11.205 1.00 26.26 ? 110 LEU A CA  1 
ATOM   728  C C   . LEU A 1 106 ? 2.124   -9.300  -12.721 1.00 28.10 ? 110 LEU A C   1 
ATOM   729  O O   . LEU A 1 106 ? 2.160   -8.321  -13.475 1.00 28.37 ? 110 LEU A O   1 
ATOM   730  C CB  . LEU A 1 106 ? 3.293   -8.607  -10.644 1.00 26.09 ? 110 LEU A CB  1 
ATOM   731  C CG  . LEU A 1 106 ? 3.268   -8.052  -9.223  1.00 24.66 ? 110 LEU A CG  1 
ATOM   732  C CD1 . LEU A 1 106 ? 4.680   -7.746  -8.828  1.00 24.77 ? 110 LEU A CD1 1 
ATOM   733  C CD2 . LEU A 1 106 ? 2.340   -6.842  -9.105  1.00 26.13 ? 110 LEU A CD2 1 
ATOM   734  N N   . ASN A 1 107 ? 2.238   -10.555 -13.147 1.00 29.49 ? 111 ASN A N   1 
ATOM   735  C CA  . ASN A 1 107 ? 2.396   -10.884 -14.569 1.00 31.60 ? 111 ASN A CA  1 
ATOM   736  C C   . ASN A 1 107 ? 1.064   -11.224 -15.264 1.00 32.55 ? 111 ASN A C   1 
ATOM   737  O O   . ASN A 1 107 ? 0.850   -10.835 -16.417 1.00 34.12 ? 111 ASN A O   1 
ATOM   738  C CB  . ASN A 1 107 ? 3.388   -12.047 -14.751 1.00 31.80 ? 111 ASN A CB  1 
ATOM   739  C CG  . ASN A 1 107 ? 4.847   -11.645 -14.517 1.00 33.10 ? 111 ASN A CG  1 
ATOM   740  O OD1 . ASN A 1 107 ? 5.709   -12.509 -14.323 1.00 36.95 ? 111 ASN A OD1 1 
ATOM   741  N ND2 . ASN A 1 107 ? 5.132   -10.350 -14.544 1.00 35.39 ? 111 ASN A ND2 1 
ATOM   742  N N   . GLU A 1 108 ? 0.183   -11.939 -14.572 1.00 33.03 ? 112 GLU A N   1 
ATOM   743  C CA  . GLU A 1 108 ? -1.064  -12.446 -15.156 1.00 33.63 ? 112 GLU A CA  1 
ATOM   744  C C   . GLU A 1 108 ? -2.239  -11.478 -15.003 1.00 34.04 ? 112 GLU A C   1 
ATOM   745  O O   . GLU A 1 108 ? -3.281  -11.639 -15.646 1.00 33.44 ? 112 GLU A O   1 
ATOM   746  C CB  . GLU A 1 108 ? -1.411  -13.803 -14.556 1.00 34.16 ? 112 GLU A CB  1 
ATOM   747  N N   . LEU A 1 109 ? -2.063  -10.481 -14.138 1.00 34.44 ? 113 LEU A N   1 
ATOM   748  C CA  . LEU A 1 109 ? -3.039  -9.407  -13.950 1.00 34.77 ? 113 LEU A CA  1 
ATOM   749  C C   . LEU A 1 109 ? -2.421  -8.094  -14.448 1.00 33.78 ? 113 LEU A C   1 
ATOM   750  O O   . LEU A 1 109 ? -1.199  -7.983  -14.554 1.00 34.78 ? 113 LEU A O   1 
ATOM   751  C CB  . LEU A 1 109 ? -3.455  -9.341  -12.480 1.00 35.03 ? 113 LEU A CB  1 
ATOM   752  C CG  . LEU A 1 109 ? -4.600  -10.206 -11.923 1.00 37.02 ? 113 LEU A CG  1 
ATOM   753  C CD1 . LEU A 1 109 ? -4.885  -11.520 -12.689 1.00 38.52 ? 113 LEU A CD1 1 
ATOM   754  C CD2 . LEU A 1 109 ? -4.419  -10.493 -10.442 1.00 35.77 ? 113 LEU A CD2 1 
ATOM   755  N N   . HIS A 1 110 ? -3.250  -7.113  -14.801 1.00 32.91 ? 114 HIS A N   1 
ATOM   756  C CA  . HIS A 1 110 ? -2.752  -5.813  -15.294 1.00 31.13 ? 114 HIS A CA  1 
ATOM   757  C C   . HIS A 1 110 ? -2.085  -4.969  -14.181 1.00 30.23 ? 114 HIS A C   1 
ATOM   758  O O   . HIS A 1 110 ? -2.783  -4.219  -13.465 1.00 31.13 ? 114 HIS A O   1 
ATOM   759  C CB  . HIS A 1 110 ? -3.895  -5.023  -15.958 1.00 31.58 ? 114 HIS A CB  1 
ATOM   760  N N   . ASN A 1 111 ? -0.752  -5.093  -14.059 1.00 27.19 ? 115 ASN A N   1 
ATOM   761  C CA  . ASN A 1 111 ? 0.045   -4.506  -12.956 1.00 23.35 ? 115 ASN A CA  1 
ATOM   762  C C   . ASN A 1 111 ? -0.171  -2.982  -12.838 1.00 21.43 ? 115 ASN A C   1 
ATOM   763  O O   . ASN A 1 111 ? 0.204   -2.229  -13.743 1.00 20.76 ? 115 ASN A O   1 
ATOM   764  C CB  . ASN A 1 111 ? 1.542   -4.834  -13.147 1.00 23.41 ? 115 ASN A CB  1 
ATOM   765  C CG  . ASN A 1 111 ? 2.421   -4.365  -11.984 1.00 22.19 ? 115 ASN A CG  1 
ATOM   766  O OD1 . ASN A 1 111 ? 1.937   -3.813  -10.991 1.00 22.16 ? 115 ASN A OD1 1 
ATOM   767  N ND2 . ASN A 1 111 ? 3.716   -4.580  -12.107 1.00 20.22 ? 115 ASN A ND2 1 
ATOM   768  N N   . PRO A 1 112 ? -0.803  -2.529  -11.736 1.00 19.04 ? 116 PRO A N   1 
ATOM   769  C CA  . PRO A 1 112 ? -1.044  -1.101  -11.586 1.00 17.41 ? 116 PRO A CA  1 
ATOM   770  C C   . PRO A 1 112 ? 0.112   -0.340  -10.895 1.00 16.21 ? 116 PRO A C   1 
ATOM   771  O O   . PRO A 1 112 ? 0.035   0.896   -10.767 1.00 15.44 ? 116 PRO A O   1 
ATOM   772  C CB  . PRO A 1 112 ? -2.295  -1.065  -10.697 1.00 18.21 ? 116 PRO A CB  1 
ATOM   773  C CG  . PRO A 1 112 ? -2.110  -2.282  -9.770  1.00 17.67 ? 116 PRO A CG  1 
ATOM   774  C CD  . PRO A 1 112 ? -1.352  -3.314  -10.600 1.00 18.96 ? 116 PRO A CD  1 
ATOM   775  N N   . TYR A 1 113 ? 1.152   -1.052  -10.466 1.00 14.46 ? 117 TYR A N   1 
ATOM   776  C CA  . TYR A 1 113 ? 2.137   -0.495  -9.529  1.00 14.36 ? 117 TYR A CA  1 
ATOM   777  C C   . TYR A 1 113 ? 3.404   -0.032  -10.219 1.00 14.26 ? 117 TYR A C   1 
ATOM   778  O O   . TYR A 1 113 ? 4.011   -0.804  -10.968 1.00 14.32 ? 117 TYR A O   1 
ATOM   779  C CB  . TYR A 1 113 ? 2.552   -1.567  -8.518  1.00 13.16 ? 117 TYR A CB  1 
ATOM   780  C CG  . TYR A 1 113 ? 1.427   -2.142  -7.681  1.00 13.38 ? 117 TYR A CG  1 
ATOM   781  C CD1 . TYR A 1 113 ? 1.115   -3.491  -7.753  1.00 13.95 ? 117 TYR A CD1 1 
ATOM   782  C CD2 . TYR A 1 113 ? 0.685   -1.337  -6.810  1.00 13.71 ? 117 TYR A CD2 1 
ATOM   783  C CE1 . TYR A 1 113 ? 0.106   -4.049  -6.957  1.00 13.15 ? 117 TYR A CE1 1 
ATOM   784  C CE2 . TYR A 1 113 ? -0.351  -1.882  -6.017  1.00 14.56 ? 117 TYR A CE2 1 
ATOM   785  C CZ  . TYR A 1 113 ? -0.610  -3.247  -6.091  1.00 14.17 ? 117 TYR A CZ  1 
ATOM   786  O OH  . TYR A 1 113 ? -1.613  -3.832  -5.336  1.00 13.80 ? 117 TYR A OH  1 
ATOM   787  N N   . LEU A 1 114 ? 3.841   1.188   -9.918  1.00 14.62 ? 118 LEU A N   1 
ATOM   788  C CA  . LEU A 1 114 ? 5.122   1.690   -10.459 1.00 14.94 ? 118 LEU A CA  1 
ATOM   789  C C   . LEU A 1 114 ? 6.335   1.090   -9.788  1.00 15.63 ? 118 LEU A C   1 
ATOM   790  O O   . LEU A 1 114 ? 7.436   1.043   -10.386 1.00 16.35 ? 118 LEU A O   1 
ATOM   791  C CB  . LEU A 1 114 ? 5.214   3.230   -10.428 1.00 14.39 ? 118 LEU A CB  1 
ATOM   792  C CG  . LEU A 1 114 ? 4.103   3.981   -11.139 1.00 16.96 ? 118 LEU A CG  1 
ATOM   793  C CD1 . LEU A 1 114 ? 4.564   5.407   -11.439 1.00 16.20 ? 118 LEU A CD1 1 
ATOM   794  C CD2 . LEU A 1 114 ? 3.609   3.257   -12.423 1.00 19.06 ? 118 LEU A CD2 1 
ATOM   795  N N   . LEU A 1 115 ? 6.164   0.669   -8.537  1.00 14.93 ? 119 LEU A N   1 
ATOM   796  C CA  . LEU A 1 115 ? 7.173   -0.086  -7.802  1.00 15.02 ? 119 LEU A CA  1 
ATOM   797  C C   . LEU A 1 115 ? 6.464   -1.159  -7.003  1.00 14.50 ? 119 LEU A C   1 
ATOM   798  O O   . LEU A 1 115 ? 5.333   -0.950  -6.520  1.00 13.96 ? 119 LEU A O   1 
ATOM   799  C CB  . LEU A 1 115 ? 7.941   0.803   -6.815  1.00 15.60 ? 119 LEU A CB  1 
ATOM   800  C CG  . LEU A 1 115 ? 8.803   1.940   -7.347  1.00 17.99 ? 119 LEU A CG  1 
ATOM   801  C CD1 . LEU A 1 115 ? 9.208   2.848   -6.188  1.00 20.41 ? 119 LEU A CD1 1 
ATOM   802  C CD2 . LEU A 1 115 ? 10.038  1.399   -8.063  1.00 21.79 ? 119 LEU A CD2 1 
ATOM   803  N N   . SER A 1 116 ? 7.127   -2.298  -6.873  1.00 14.22 ? 120 SER A N   1 
ATOM   804  C CA  . SER A 1 116 ? 6.608   -3.412  -6.075  1.00 14.48 ? 120 SER A CA  1 
ATOM   805  C C   . SER A 1 116 ? 7.676   -3.832  -5.055  1.00 14.45 ? 120 SER A C   1 
ATOM   806  O O   . SER A 1 116 ? 8.730   -4.381  -5.415  1.00 14.45 ? 120 SER A O   1 
ATOM   807  C CB  . SER A 1 116 ? 6.200   -4.578  -7.008  1.00 15.04 ? 120 SER A CB  1 
ATOM   808  O OG  . SER A 1 116 ? 5.057   -4.227  -7.804  1.00 17.00 ? 120 SER A OG  1 
ATOM   809  N N   . ILE A 1 117 ? 7.405   -3.530  -3.782  1.00 13.41 ? 121 ILE A N   1 
ATOM   810  C CA  . ILE A 1 117 ? 8.333   -3.739  -2.684  1.00 14.34 ? 121 ILE A CA  1 
ATOM   811  C C   . ILE A 1 117 ? 8.014   -5.081  -2.027  1.00 14.58 ? 121 ILE A C   1 
ATOM   812  O O   . ILE A 1 117 ? 6.877   -5.316  -1.646  1.00 14.71 ? 121 ILE A O   1 
ATOM   813  C CB  . ILE A 1 117 ? 8.167   -2.595  -1.641  1.00 14.35 ? 121 ILE A CB  1 
ATOM   814  C CG1 . ILE A 1 117 ? 8.476   -1.223  -2.300  1.00 17.08 ? 121 ILE A CG1 1 
ATOM   815  C CG2 . ILE A 1 117 ? 8.973   -2.893  -0.364  1.00 15.56 ? 121 ILE A CG2 1 
ATOM   816  C CD1 . ILE A 1 117 ? 7.726   -0.056  -1.625  1.00 19.45 ? 121 ILE A CD1 1 
ATOM   817  N N   . SER A 1 118 ? 9.021   -5.942  -1.868  1.00 14.82 ? 122 SER A N   1 
ATOM   818  C CA  . SER A 1 118 ? 8.804   -7.204  -1.193  1.00 15.20 ? 122 SER A CA  1 
ATOM   819  C C   . SER A 1 118 ? 9.024   -7.054  0.316   1.00 15.08 ? 122 SER A C   1 
ATOM   820  O O   . SER A 1 118 ? 10.162  -6.919  0.769   1.00 15.32 ? 122 SER A O   1 
ATOM   821  C CB  . SER A 1 118 ? 9.716   -8.294  -1.760  1.00 15.56 ? 122 SER A CB  1 
ATOM   822  O OG  . SER A 1 118 ? 9.427   -9.536  -1.136  1.00 15.02 ? 122 SER A OG  1 
ATOM   823  N N   . ASP A 1 119 ? 7.930   -7.069  1.073   1.00 15.15 ? 123 ASP A N   1 
ATOM   824  C CA  . ASP A 1 119 ? 7.993   -7.023  2.529   1.00 15.61 ? 123 ASP A CA  1 
ATOM   825  C C   . ASP A 1 119 ? 7.716   -8.398  3.127   1.00 16.27 ? 123 ASP A C   1 
ATOM   826  O O   . ASP A 1 119 ? 6.709   -8.603  3.805   1.00 15.45 ? 123 ASP A O   1 
ATOM   827  C CB  . ASP A 1 119 ? 6.996   -6.001  3.077   1.00 15.78 ? 123 ASP A CB  1 
ATOM   828  C CG  . ASP A 1 119 ? 7.206   -5.712  4.550   1.00 16.71 ? 123 ASP A CG  1 
ATOM   829  O OD1 . ASP A 1 119 ? 8.329   -5.942  5.048   1.00 16.01 ? 123 ASP A OD1 1 
ATOM   830  O OD2 . ASP A 1 119 ? 6.249   -5.257  5.211   1.00 15.97 ? 123 ASP A OD2 1 
ATOM   831  N N   . ALA A 1 120 ? 8.620   -9.336  2.867   1.00 16.66 ? 124 ALA A N   1 
ATOM   832  C CA  . ALA A 1 120 ? 8.386   -10.751 3.155   1.00 17.55 ? 124 ALA A CA  1 
ATOM   833  C C   . ALA A 1 120 ? 8.268   -11.082 4.645   1.00 18.22 ? 124 ALA A C   1 
ATOM   834  O O   . ALA A 1 120 ? 7.510   -11.971 5.022   1.00 19.10 ? 124 ALA A O   1 
ATOM   835  C CB  . ALA A 1 120 ? 9.453   -11.642 2.463   1.00 17.43 ? 124 ALA A CB  1 
ATOM   836  N N   . ASP A 1 121 ? 9.006   -10.367 5.486   1.00 19.35 ? 125 ASP A N   1 
ATOM   837  C CA  . ASP A 1 121 ? 8.931   -10.587 6.938   1.00 19.84 ? 125 ASP A CA  1 
ATOM   838  C C   . ASP A 1 121 ? 7.959   -9.641  7.625   1.00 19.36 ? 125 ASP A C   1 
ATOM   839  O O   . ASP A 1 121 ? 7.703   -9.769  8.842   1.00 19.27 ? 125 ASP A O   1 
ATOM   840  C CB  . ASP A 1 121 ? 10.324  -10.490 7.570   1.00 20.17 ? 125 ASP A CB  1 
ATOM   841  C CG  . ASP A 1 121 ? 11.264  -11.591 7.062   1.00 23.96 ? 125 ASP A CG  1 
ATOM   842  O OD1 . ASP A 1 121 ? 10.823  -12.745 6.899   1.00 26.74 ? 125 ASP A OD1 1 
ATOM   843  O OD2 . ASP A 1 121 ? 12.433  -11.285 6.793   1.00 27.72 ? 125 ASP A OD2 1 
ATOM   844  N N   . GLY A 1 122 ? 7.399   -8.708  6.848   1.00 17.85 ? 126 GLY A N   1 
ATOM   845  C CA  . GLY A 1 122 ? 6.487   -7.706  7.373   1.00 17.39 ? 126 GLY A CA  1 
ATOM   846  C C   . GLY A 1 122 ? 7.063   -6.612  8.247   1.00 17.19 ? 126 GLY A C   1 
ATOM   847  O O   . GLY A 1 122 ? 6.324   -5.932  8.964   1.00 16.35 ? 126 GLY A O   1 
ATOM   848  N N   . THR A 1 123 ? 8.382   -6.402  8.187   1.00 17.49 ? 127 THR A N   1 
ATOM   849  C CA  . THR A 1 123 ? 9.011   -5.336  8.968   1.00 17.40 ? 127 THR A CA  1 
ATOM   850  C C   . THR A 1 123 ? 8.586   -3.922  8.573   1.00 16.91 ? 127 THR A C   1 
ATOM   851  O O   . THR A 1 123 ? 8.524   -3.027  9.428   1.00 17.66 ? 127 THR A O   1 
ATOM   852  C CB  . THR A 1 123 ? 10.568  -5.430  8.923   1.00 17.77 ? 127 THR A CB  1 
ATOM   853  O OG1 . THR A 1 123 ? 11.013  -5.316  7.563   1.00 18.52 ? 127 THR A OG1 1 
ATOM   854  C CG2 . THR A 1 123 ? 11.023  -6.763  9.491   1.00 18.69 ? 127 THR A CG2 1 
ATOM   855  N N   . LEU A 1 124 ? 8.313   -3.693  7.285   1.00 15.52 ? 128 LEU A N   1 
ATOM   856  C CA  . LEU A 1 124 ? 7.825   -2.399  6.861   1.00 15.01 ? 128 LEU A CA  1 
ATOM   857  C C   . LEU A 1 124 ? 6.357   -2.248  7.328   1.00 15.17 ? 128 LEU A C   1 
ATOM   858  O O   . LEU A 1 124 ? 5.979   -1.221  7.927   1.00 14.93 ? 128 LEU A O   1 
ATOM   859  C CB  . LEU A 1 124 ? 7.964   -2.188  5.337   1.00 15.07 ? 128 LEU A CB  1 
ATOM   860  C CG  . LEU A 1 124 ? 7.313   -0.924  4.723   1.00 15.17 ? 128 LEU A CG  1 
ATOM   861  C CD1 . LEU A 1 124 ? 7.724   0.383   5.431   1.00 15.65 ? 128 LEU A CD1 1 
ATOM   862  C CD2 . LEU A 1 124 ? 7.578   -0.848  3.205   1.00 15.16 ? 128 LEU A CD2 1 
ATOM   863  N N   . GLY A 1 125 ? 5.556   -3.283  7.083   1.00 15.64 ? 129 GLY A N   1 
ATOM   864  C CA  . GLY A 1 125 ? 4.164   -3.325  7.600   1.00 16.03 ? 129 GLY A CA  1 
ATOM   865  C C   . GLY A 1 125 ? 4.117   -3.029  9.102   1.00 16.81 ? 129 GLY A C   1 
ATOM   866  O O   . GLY A 1 125 ? 3.240   -2.311  9.573   1.00 17.81 ? 129 GLY A O   1 
ATOM   867  N N   . LEU A 1 126 ? 5.053   -3.586  9.854   1.00 17.33 ? 130 LEU A N   1 
ATOM   868  C CA  . LEU A 1 126 ? 5.112   -3.340  11.306  1.00 19.09 ? 130 LEU A CA  1 
ATOM   869  C C   . LEU A 1 126 ? 5.213   -1.864  11.636  1.00 19.29 ? 130 LEU A C   1 
ATOM   870  O O   . LEU A 1 126 ? 4.486   -1.363  12.514  1.00 19.17 ? 130 LEU A O   1 
ATOM   871  C CB  . LEU A 1 126 ? 6.253   -4.140  11.962  1.00 19.01 ? 130 LEU A CB  1 
ATOM   872  C CG  . LEU A 1 126 ? 6.515   -3.865  13.454  1.00 20.94 ? 130 LEU A CG  1 
ATOM   873  C CD1 . LEU A 1 126 ? 5.315   -4.318  14.317  1.00 18.83 ? 130 LEU A CD1 1 
ATOM   874  C CD2 . LEU A 1 126 ? 7.796   -4.604  13.855  1.00 19.95 ? 130 LEU A CD2 1 
ATOM   875  N N   . ASP A 1 127 ? 6.085   -1.144  10.931  1.00 19.59 ? 131 ASP A N   1 
ATOM   876  C CA  . ASP A 1 127 ? 6.224   0.287   11.145  1.00 21.22 ? 131 ASP A CA  1 
ATOM   877  C C   . ASP A 1 127 ? 4.978   1.049   10.711  1.00 22.15 ? 131 ASP A C   1 
ATOM   878  O O   . ASP A 1 127 ? 4.668   2.109   11.264  1.00 22.81 ? 131 ASP A O   1 
ATOM   879  C CB  . ASP A 1 127 ? 7.440   0.843   10.408  1.00 21.55 ? 131 ASP A CB  1 
ATOM   880  C CG  . ASP A 1 127 ? 8.752   0.414   11.042  1.00 24.12 ? 131 ASP A CG  1 
ATOM   881  O OD1 . ASP A 1 127 ? 8.745   0.029   12.234  1.00 28.16 ? 131 ASP A OD1 1 
ATOM   882  O OD2 . ASP A 1 127 ? 9.791   0.462   10.351  1.00 23.53 ? 131 ASP A OD2 1 
ATOM   883  N N   . LEU A 1 128 ? 4.285   0.514   9.706   1.00 21.27 ? 132 LEU A N   1 
ATOM   884  C CA  . LEU A 1 128 ? 3.083   1.154   9.165   1.00 21.10 ? 132 LEU A CA  1 
ATOM   885  C C   . LEU A 1 128 ? 1.816   0.876   9.965   1.00 21.33 ? 132 LEU A C   1 
ATOM   886  O O   . LEU A 1 128 ? 0.799   1.528   9.733   1.00 23.71 ? 132 LEU A O   1 
ATOM   887  C CB  . LEU A 1 128 ? 2.850   0.705   7.714   1.00 20.61 ? 132 LEU A CB  1 
ATOM   888  C CG  . LEU A 1 128 ? 3.840   1.236   6.679   1.00 18.71 ? 132 LEU A CG  1 
ATOM   889  C CD1 . LEU A 1 128 ? 3.599   0.507   5.331   1.00 18.80 ? 132 LEU A CD1 1 
ATOM   890  C CD2 . LEU A 1 128 ? 3.695   2.723   6.498   1.00 19.55 ? 132 LEU A CD2 1 
ATOM   891  N N   . GLY A 1 129 ? 1.859   -0.094  10.868  1.00 20.65 ? 133 GLY A N   1 
ATOM   892  C CA  . GLY A 1 129 ? 0.656   -0.541  11.588  1.00 20.04 ? 133 GLY A CA  1 
ATOM   893  C C   . GLY A 1 129 ? -0.254  -1.405  10.723  1.00 19.05 ? 133 GLY A C   1 
ATOM   894  O O   . GLY A 1 129 ? -1.482  -1.382  10.866  1.00 19.13 ? 133 GLY A O   1 
ATOM   895  N N   . VAL A 1 130 ? 0.339   -2.169  9.810   1.00 17.48 ? 134 VAL A N   1 
ATOM   896  C CA  . VAL A 1 130 ? -0.449  -3.037  8.936   1.00 15.91 ? 134 VAL A CA  1 
ATOM   897  C C   . VAL A 1 130 ? -0.891  -4.228  9.754   1.00 16.32 ? 134 VAL A C   1 
ATOM   898  O O   . VAL A 1 130 ? -0.101  -4.803  10.518  1.00 17.34 ? 134 VAL A O   1 
ATOM   899  C CB  . VAL A 1 130 ? 0.399   -3.521  7.706   1.00 15.79 ? 134 VAL A CB  1 
ATOM   900  C CG1 . VAL A 1 130 ? -0.243  -4.776  7.025   1.00 14.60 ? 134 VAL A CG1 1 
ATOM   901  C CG2 . VAL A 1 130 ? 0.617   -2.380  6.720   1.00 14.57 ? 134 VAL A CG2 1 
ATOM   902  N N   . TYR A 1 131 ? -2.159  -4.620  9.607   1.00 14.74 ? 135 TYR A N   1 
ATOM   903  C CA  . TYR A 1 131 ? -2.639  -5.838  10.265  1.00 14.58 ? 135 TYR A CA  1 
ATOM   904  C C   . TYR A 1 131 ? -3.517  -6.682  9.362   1.00 13.82 ? 135 TYR A C   1 
ATOM   905  O O   . TYR A 1 131 ? -4.208  -7.611  9.813   1.00 13.92 ? 135 TYR A O   1 
ATOM   906  C CB  . TYR A 1 131 ? -3.343  -5.539  11.604  1.00 14.77 ? 135 TYR A CB  1 
ATOM   907  C CG  . TYR A 1 131 ? -4.600  -4.718  11.526  1.00 14.35 ? 135 TYR A CG  1 
ATOM   908  C CD1 . TYR A 1 131 ? -5.832  -5.299  11.811  1.00 14.31 ? 135 TYR A CD1 1 
ATOM   909  C CD2 . TYR A 1 131 ? -4.556  -3.361  11.200  1.00 13.70 ? 135 TYR A CD2 1 
ATOM   910  C CE1 . TYR A 1 131 ? -7.008  -4.557  11.772  1.00 15.46 ? 135 TYR A CE1 1 
ATOM   911  C CE2 . TYR A 1 131 ? -5.720  -2.607  11.132  1.00 16.77 ? 135 TYR A CE2 1 
ATOM   912  C CZ  . TYR A 1 131 ? -6.941  -3.227  11.430  1.00 15.03 ? 135 TYR A CZ  1 
ATOM   913  O OH  . TYR A 1 131 ? -8.079  -2.475  11.386  1.00 16.99 ? 135 TYR A OH  1 
ATOM   914  N N   . GLY A 1 132 ? -3.457  -6.383  8.071   1.00 14.21 ? 136 GLY A N   1 
ATOM   915  C CA  . GLY A 1 132 ? -4.219  -7.166  7.108   1.00 13.61 ? 136 GLY A CA  1 
ATOM   916  C C   . GLY A 1 132 ? -4.141  -6.466  5.771   1.00 12.90 ? 136 GLY A C   1 
ATOM   917  O O   . GLY A 1 132 ? -3.325  -5.568  5.568   1.00 13.21 ? 136 GLY A O   1 
ATOM   918  N N   . ALA A 1 133 ? -4.979  -6.885  4.840   1.00 13.00 ? 137 ALA A N   1 
ATOM   919  C CA  . ALA A 1 133 ? -4.958  -6.246  3.531   1.00 12.67 ? 137 ALA A CA  1 
ATOM   920  C C   . ALA A 1 133 ? -6.354  -6.268  2.894   1.00 12.98 ? 137 ALA A C   1 
ATOM   921  O O   . ALA A 1 133 ? -7.217  -7.090  3.274   1.00 13.56 ? 137 ALA A O   1 
ATOM   922  C CB  . ALA A 1 133 ? -3.905  -6.971  2.601   1.00 13.54 ? 137 ALA A CB  1 
ATOM   923  N N   . PRO A 1 134 ? -6.579  -5.374  1.909   1.00 12.28 ? 138 PRO A N   1 
ATOM   924  C CA  . PRO A 1 134 ? -5.625  -4.337  1.525   1.00 12.39 ? 138 PRO A CA  1 
ATOM   925  C C   . PRO A 1 134 ? -5.676  -3.162  2.501   1.00 12.75 ? 138 PRO A C   1 
ATOM   926  O O   . PRO A 1 134 ? -6.679  -2.983  3.196   1.00 12.59 ? 138 PRO A O   1 
ATOM   927  C CB  . PRO A 1 134 ? -6.143  -3.896  0.160   1.00 12.58 ? 138 PRO A CB  1 
ATOM   928  C CG  . PRO A 1 134 ? -7.664  -4.115  0.243   1.00 11.39 ? 138 PRO A CG  1 
ATOM   929  C CD  . PRO A 1 134 ? -7.816  -5.343  1.100   1.00 13.06 ? 138 PRO A CD  1 
ATOM   930  N N   . GLU A 1 135 ? -4.607  -2.369  2.540   1.00 11.97 ? 139 GLU A N   1 
ATOM   931  C CA  . GLU A 1 135 ? -4.589  -1.079  3.210   1.00 12.15 ? 139 GLU A CA  1 
ATOM   932  C C   . GLU A 1 135 ? -3.903  -0.111  2.246   1.00 13.04 ? 139 GLU A C   1 
ATOM   933  O O   . GLU A 1 135 ? -2.963  -0.509  1.515   1.00 12.60 ? 139 GLU A O   1 
ATOM   934  C CB  . GLU A 1 135 ? -3.797  -1.158  4.527   1.00 12.47 ? 139 GLU A CB  1 
ATOM   935  C CG  . GLU A 1 135 ? -4.371  -2.179  5.505   1.00 11.42 ? 139 GLU A CG  1 
ATOM   936  C CD  . GLU A 1 135 ? -3.625  -2.261  6.823   1.00 12.50 ? 139 GLU A CD  1 
ATOM   937  O OE1 . GLU A 1 135 ? -2.732  -1.413  7.064   1.00 14.79 ? 139 GLU A OE1 1 
ATOM   938  O OE2 . GLU A 1 135 ? -3.924  -3.211  7.604   1.00 12.10 ? 139 GLU A OE2 1 
ATOM   939  N N   . THR A 1 136 ? -4.365  1.139   2.229   1.00 13.36 ? 140 THR A N   1 
ATOM   940  C CA  . THR A 1 136 ? -3.819  2.121   1.281   1.00 14.64 ? 140 THR A CA  1 
ATOM   941  C C   . THR A 1 136 ? -3.472  3.430   1.968   1.00 15.63 ? 140 THR A C   1 
ATOM   942  O O   . THR A 1 136 ? -4.304  4.018   2.677   1.00 15.58 ? 140 THR A O   1 
ATOM   943  C CB  . THR A 1 136 ? -4.810  2.366   0.116   1.00 14.41 ? 140 THR A CB  1 
ATOM   944  O OG1 . THR A 1 136 ? -5.029  1.131   -0.572  1.00 15.17 ? 140 THR A OG1 1 
ATOM   945  C CG2 . THR A 1 136 ? -4.291  3.435   -0.868  1.00 14.95 ? 140 THR A CG2 1 
ATOM   946  N N   . TYR A 1 137 ? -2.243  3.898   1.730   1.00 15.42 ? 141 TYR A N   1 
ATOM   947  C CA  . TYR A 1 137 ? -1.793  5.183   2.241   1.00 16.73 ? 141 TYR A CA  1 
ATOM   948  C C   . TYR A 1 137 ? -1.765  6.191   1.123   1.00 17.80 ? 141 TYR A C   1 
ATOM   949  O O   . TYR A 1 137 ? -1.398  5.849   0.002   1.00 18.82 ? 141 TYR A O   1 
ATOM   950  C CB  . TYR A 1 137 ? -0.377  5.059   2.789   1.00 17.31 ? 141 TYR A CB  1 
ATOM   951  C CG  . TYR A 1 137 ? -0.315  4.211   4.016   1.00 17.43 ? 141 TYR A CG  1 
ATOM   952  C CD1 . TYR A 1 137 ? -0.294  2.830   3.925   1.00 19.59 ? 141 TYR A CD1 1 
ATOM   953  C CD2 . TYR A 1 137 ? -0.284  4.801   5.286   1.00 19.36 ? 141 TYR A CD2 1 
ATOM   954  C CE1 . TYR A 1 137 ? -0.244  2.046   5.071   1.00 20.17 ? 141 TYR A CE1 1 
ATOM   955  C CE2 . TYR A 1 137 ? -0.231  4.036   6.417   1.00 18.14 ? 141 TYR A CE2 1 
ATOM   956  C CZ  . TYR A 1 137 ? -0.224  2.675   6.313   1.00 20.78 ? 141 TYR A CZ  1 
ATOM   957  O OH  . TYR A 1 137 ? -0.165  1.928   7.459   1.00 22.02 ? 141 TYR A OH  1 
ATOM   958  N N   . LEU A 1 138 ? -2.156  7.420   1.433   1.00 16.86 ? 142 LEU A N   1 
ATOM   959  C CA  . LEU A 1 138 ? -1.915  8.562   0.557   1.00 17.65 ? 142 LEU A CA  1 
ATOM   960  C C   . LEU A 1 138 ? -0.682  9.322   1.071   1.00 17.48 ? 142 LEU A C   1 
ATOM   961  O O   . LEU A 1 138 ? -0.614  9.706   2.255   1.00 16.61 ? 142 LEU A O   1 
ATOM   962  C CB  . LEU A 1 138 ? -3.137  9.477   0.511   1.00 17.51 ? 142 LEU A CB  1 
ATOM   963  C CG  . LEU A 1 138 ? -2.927  10.803  -0.231  1.00 18.12 ? 142 LEU A CG  1 
ATOM   964  C CD1 . LEU A 1 138 ? -2.734  10.566  -1.768  1.00 17.54 ? 142 LEU A CD1 1 
ATOM   965  C CD2 . LEU A 1 138 ? -4.079  11.725  0.044   1.00 19.82 ? 142 LEU A CD2 1 
ATOM   966  N N   . ILE A 1 139 ? 0.307   9.473   0.188   1.00 16.92 ? 143 ILE A N   1 
ATOM   967  C CA  . ILE A 1 139 ? 1.513   10.239  0.502   1.00 17.22 ? 143 ILE A CA  1 
ATOM   968  C C   . ILE A 1 139 ? 1.583   11.458  -0.421  1.00 17.66 ? 143 ILE A C   1 
ATOM   969  O O   . ILE A 1 139 ? 1.066   11.420  -1.542  1.00 17.60 ? 143 ILE A O   1 
ATOM   970  C CB  . ILE A 1 139 ? 2.808   9.391   0.427   1.00 17.03 ? 143 ILE A CB  1 
ATOM   971  C CG1 . ILE A 1 139 ? 3.074   8.881   -1.019  1.00 17.08 ? 143 ILE A CG1 1 
ATOM   972  C CG2 . ILE A 1 139 ? 2.763   8.230   1.466   1.00 16.60 ? 143 ILE A CG2 1 
ATOM   973  C CD1 . ILE A 1 139 ? 4.420   8.168   -1.174  1.00 16.63 ? 143 ILE A CD1 1 
ATOM   974  N N   . ASP A 1 140 ? 2.176   12.553  0.077   1.00 19.29 ? 144 ASP A N   1 
ATOM   975  C CA  . ASP A 1 140 ? 2.463   13.727  -0.757  1.00 20.05 ? 144 ASP A CA  1 
ATOM   976  C C   . ASP A 1 140 ? 3.846   13.572  -1.437  1.00 20.78 ? 144 ASP A C   1 
ATOM   977  O O   . ASP A 1 140 ? 4.521   12.563  -1.249  1.00 19.19 ? 144 ASP A O   1 
ATOM   978  C CB  . ASP A 1 140 ? 2.375   15.030  0.070   1.00 20.70 ? 144 ASP A CB  1 
ATOM   979  C CG  . ASP A 1 140 ? 3.440   15.136  1.182   1.00 20.79 ? 144 ASP A CG  1 
ATOM   980  O OD1 . ASP A 1 140 ? 4.547   14.537  1.108   1.00 21.46 ? 144 ASP A OD1 1 
ATOM   981  O OD2 . ASP A 1 140 ? 3.172   15.879  2.163   1.00 23.48 ? 144 ASP A OD2 1 
ATOM   982  N N   . LYS A 1 141 ? 4.248   14.577  -2.223  1.00 21.67 ? 145 LYS A N   1 
ATOM   983  C CA  . LYS A 1 141 ? 5.523   14.562  -2.982  1.00 23.03 ? 145 LYS A CA  1 
ATOM   984  C C   . LYS A 1 141 ? 6.779   14.305  -2.154  1.00 23.60 ? 145 LYS A C   1 
ATOM   985  O O   . LYS A 1 141 ? 7.806   13.839  -2.678  1.00 24.28 ? 145 LYS A O   1 
ATOM   986  C CB  . LYS A 1 141 ? 5.673   15.881  -3.767  1.00 23.56 ? 145 LYS A CB  1 
ATOM   987  N N   . GLN A 1 142 ? 6.706   14.617  -0.865  1.00 23.88 ? 146 GLN A N   1 
ATOM   988  C CA  . GLN A 1 142 ? 7.829   14.427  0.045   1.00 24.72 ? 146 GLN A CA  1 
ATOM   989  C C   . GLN A 1 142 ? 7.821   13.092  0.787   1.00 23.77 ? 146 GLN A C   1 
ATOM   990  O O   . GLN A 1 142 ? 8.697   12.822  1.618   1.00 24.31 ? 146 GLN A O   1 
ATOM   991  C CB  . GLN A 1 142 ? 7.869   15.581  1.053   1.00 25.69 ? 146 GLN A CB  1 
ATOM   992  C CG  . GLN A 1 142 ? 8.594   16.810  0.537   1.00 29.89 ? 146 GLN A CG  1 
ATOM   993  C CD  . GLN A 1 142 ? 7.791   17.617  -0.467  1.00 36.71 ? 146 GLN A CD  1 
ATOM   994  O OE1 . GLN A 1 142 ? 6.618   17.953  -0.232  1.00 40.33 ? 146 GLN A OE1 1 
ATOM   995  N NE2 . GLN A 1 142 ? 8.430   17.953  -1.596  1.00 38.75 ? 146 GLN A NE2 1 
ATOM   996  N N   . GLY A 1 143 ? 6.843   12.248  0.484   1.00 23.33 ? 147 GLY A N   1 
ATOM   997  C CA  . GLY A 1 143 ? 6.726   10.964  1.168   1.00 22.42 ? 147 GLY A CA  1 
ATOM   998  C C   . GLY A 1 143 ? 6.050   11.088  2.537   1.00 21.67 ? 147 GLY A C   1 
ATOM   999  O O   . GLY A 1 143 ? 6.066   10.139  3.329   1.00 21.47 ? 147 GLY A O   1 
ATOM   1000 N N   . ILE A 1 144 ? 5.456   12.242  2.825   1.00 20.81 ? 148 ILE A N   1 
ATOM   1001 C CA  . ILE A 1 144 ? 4.723   12.381  4.095   1.00 20.29 ? 148 ILE A CA  1 
ATOM   1002 C C   . ILE A 1 144 ? 3.349   11.716  3.973   1.00 19.22 ? 148 ILE A C   1 
ATOM   1003 O O   . ILE A 1 144 ? 2.634   11.945  3.006   1.00 19.22 ? 148 ILE A O   1 
ATOM   1004 C CB  . ILE A 1 144 ? 4.520   13.855  4.556   1.00 20.94 ? 148 ILE A CB  1 
ATOM   1005 C CG1 . ILE A 1 144 ? 5.852   14.618  4.646   1.00 22.24 ? 148 ILE A CG1 1 
ATOM   1006 C CG2 . ILE A 1 144 ? 3.753   13.896  5.897   1.00 20.36 ? 148 ILE A CG2 1 
ATOM   1007 C CD1 . ILE A 1 144 ? 6.919   13.920  5.419   1.00 24.37 ? 148 ILE A CD1 1 
ATOM   1008 N N   . ILE A 1 145 ? 3.002   10.908  4.968   1.00 18.61 ? 149 ILE A N   1 
ATOM   1009 C CA  . ILE A 1 145 ? 1.705   10.237  4.989   1.00 18.80 ? 149 ILE A CA  1 
ATOM   1010 C C   . ILE A 1 145 ? 0.572   11.221  5.288   1.00 19.19 ? 149 ILE A C   1 
ATOM   1011 O O   . ILE A 1 145 ? 0.659   11.994  6.241   1.00 20.06 ? 149 ILE A O   1 
ATOM   1012 C CB  . ILE A 1 145 ? 1.717   9.037   5.957   1.00 18.81 ? 149 ILE A CB  1 
ATOM   1013 C CG1 . ILE A 1 145 ? 2.629   7.930   5.399   1.00 18.93 ? 149 ILE A CG1 1 
ATOM   1014 C CG2 . ILE A 1 145 ? 0.281   8.501   6.175   1.00 18.87 ? 149 ILE A CG2 1 
ATOM   1015 C CD1 . ILE A 1 145 ? 3.013   6.857   6.353   1.00 18.29 ? 149 ILE A CD1 1 
ATOM   1016 N N   . ARG A 1 146 ? -0.469  11.222  4.464   1.00 18.10 ? 150 ARG A N   1 
ATOM   1017 C CA  . ARG A 1 146 ? -1.544  12.207  4.629   1.00 19.06 ? 150 ARG A CA  1 
ATOM   1018 C C   . ARG A 1 146 ? -2.908  11.608  4.918   1.00 18.82 ? 150 ARG A C   1 
ATOM   1019 O O   . ARG A 1 146 ? -3.830  12.333  5.353   1.00 18.59 ? 150 ARG A O   1 
ATOM   1020 C CB  . ARG A 1 146 ? -1.621  13.143  3.418   1.00 18.64 ? 150 ARG A CB  1 
ATOM   1021 C CG  . ARG A 1 146 ? -0.339  13.929  3.186   1.00 22.10 ? 150 ARG A CG  1 
ATOM   1022 C CD  . ARG A 1 146 ? -0.114  14.948  4.306   1.00 25.67 ? 150 ARG A CD  1 
ATOM   1023 N NE  . ARG A 1 146 ? 1.150   15.665  4.143   1.00 30.13 ? 150 ARG A NE  1 
ATOM   1024 C CZ  . ARG A 1 146 ? 1.675   16.504  5.036   1.00 32.46 ? 150 ARG A CZ  1 
ATOM   1025 N NH1 . ARG A 1 146 ? 1.073   16.751  6.199   1.00 33.16 ? 150 ARG A NH1 1 
ATOM   1026 N NH2 . ARG A 1 146 ? 2.832   17.096  4.769   1.00 34.23 ? 150 ARG A NH2 1 
ATOM   1027 N N   . HIS A 1 147 ? -3.059  10.312  4.627   1.00 18.55 ? 151 HIS A N   1 
ATOM   1028 C CA  . HIS A 1 147 ? -4.308  9.575   4.888   1.00 18.44 ? 151 HIS A CA  1 
ATOM   1029 C C   . HIS A 1 147 ? -4.051  8.077   4.814   1.00 17.79 ? 151 HIS A C   1 
ATOM   1030 O O   . HIS A 1 147 ? -3.147  7.634   4.089   1.00 17.39 ? 151 HIS A O   1 
ATOM   1031 C CB  . HIS A 1 147 ? -5.408  9.956   3.894   1.00 18.69 ? 151 HIS A CB  1 
ATOM   1032 C CG  . HIS A 1 147 ? -6.787  9.657   4.389   1.00 22.11 ? 151 HIS A CG  1 
ATOM   1033 N ND1 . HIS A 1 147 ? -7.403  10.413  5.366   1.00 23.84 ? 151 HIS A ND1 1 
ATOM   1034 C CD2 . HIS A 1 147 ? -7.670  8.689   4.045   1.00 22.97 ? 151 HIS A CD2 1 
ATOM   1035 C CE1 . HIS A 1 147 ? -8.608  9.921   5.601   1.00 25.37 ? 151 HIS A CE1 1 
ATOM   1036 N NE2 . HIS A 1 147 ? -8.795  8.876   4.815   1.00 24.25 ? 151 HIS A NE2 1 
ATOM   1037 N N   . LYS A 1 148 ? -4.835  7.299   5.562   1.00 17.19 ? 152 LYS A N   1 
ATOM   1038 C CA  . LYS A 1 148 ? -4.801  5.830   5.451   1.00 16.00 ? 152 LYS A CA  1 
ATOM   1039 C C   . LYS A 1 148 ? -6.214  5.256   5.374   1.00 16.58 ? 152 LYS A C   1 
ATOM   1040 O O   . LYS A 1 148 ? -7.115  5.649   6.146   1.00 15.81 ? 152 LYS A O   1 
ATOM   1041 C CB  . LYS A 1 148 ? -4.046  5.194   6.609   1.00 15.88 ? 152 LYS A CB  1 
ATOM   1042 C CG  . LYS A 1 148 ? -4.007  3.697   6.531   1.00 14.88 ? 152 LYS A CG  1 
ATOM   1043 C CD  . LYS A 1 148 ? -3.484  3.100   7.827   1.00 18.57 ? 152 LYS A CD  1 
ATOM   1044 C CE  . LYS A 1 148 ? -3.494  1.592   7.705   1.00 20.74 ? 152 LYS A CE  1 
ATOM   1045 N NZ  . LYS A 1 148 ? -2.654  0.936   8.763   1.00 22.93 ? 152 LYS A NZ  1 
ATOM   1046 N N   . ILE A 1 149 ? -6.396  4.323   4.441   1.00 15.78 ? 153 ILE A N   1 
ATOM   1047 C CA  . ILE A 1 149 ? -7.640  3.569   4.278   1.00 15.29 ? 153 ILE A CA  1 
ATOM   1048 C C   . ILE A 1 149 ? -7.370  2.144   4.683   1.00 15.40 ? 153 ILE A C   1 
ATOM   1049 O O   . ILE A 1 149 ? -6.375  1.540   4.251   1.00 14.21 ? 153 ILE A O   1 
ATOM   1050 C CB  . ILE A 1 149 ? -8.144  3.542   2.803   1.00 15.54 ? 153 ILE A CB  1 
ATOM   1051 C CG1 . ILE A 1 149 ? -8.336  4.959   2.255   1.00 16.90 ? 153 ILE A CG1 1 
ATOM   1052 C CG2 . ILE A 1 149 ? -9.420  2.633   2.666   1.00 16.25 ? 153 ILE A CG2 1 
ATOM   1053 C CD1 . ILE A 1 149 ? -9.389  5.783   2.992   1.00 19.99 ? 153 ILE A CD1 1 
ATOM   1054 N N   . VAL A 1 150 ? -8.239  1.613   5.546   1.00 14.57 ? 154 VAL A N   1 
ATOM   1055 C CA  . VAL A 1 150 ? -8.176  0.209   5.920   1.00 15.79 ? 154 VAL A CA  1 
ATOM   1056 C C   . VAL A 1 150 ? -9.289  -0.502  5.151   1.00 16.13 ? 154 VAL A C   1 
ATOM   1057 O O   . VAL A 1 150 ? -10.465 -0.097  5.220   1.00 16.99 ? 154 VAL A O   1 
ATOM   1058 C CB  . VAL A 1 150 ? -8.361  0.034   7.444   1.00 17.11 ? 154 VAL A CB  1 
ATOM   1059 C CG1 . VAL A 1 150 ? -8.552  -1.446  7.808   1.00 17.43 ? 154 VAL A CG1 1 
ATOM   1060 C CG2 . VAL A 1 150 ? -7.149  0.627   8.168   1.00 17.98 ? 154 VAL A CG2 1 
ATOM   1061 N N   . GLY A 1 151 ? -8.923  -1.546  4.417   1.00 15.36 ? 155 GLY A N   1 
ATOM   1062 C CA  . GLY A 1 151 ? -9.894  -2.252  3.570   1.00 14.67 ? 155 GLY A CA  1 
ATOM   1063 C C   . GLY A 1 151 ? -9.960  -1.758  2.131   1.00 14.58 ? 155 GLY A C   1 
ATOM   1064 O O   . GLY A 1 151 ? -9.378  -0.730  1.765   1.00 14.15 ? 155 GLY A O   1 
ATOM   1065 N N   . VAL A 1 152 ? -10.705 -2.508  1.316   1.00 14.76 ? 156 VAL A N   1 
ATOM   1066 C CA  . VAL A 1 152 ? -10.870 -2.242  -0.121  1.00 14.94 ? 156 VAL A CA  1 
ATOM   1067 C C   . VAL A 1 152 ? -11.245 -0.788  -0.455  1.00 16.08 ? 156 VAL A C   1 
ATOM   1068 O O   . VAL A 1 152 ? -12.191 -0.213  0.127   1.00 16.66 ? 156 VAL A O   1 
ATOM   1069 C CB  . VAL A 1 152 ? -11.945 -3.189  -0.753  1.00 15.63 ? 156 VAL A CB  1 
ATOM   1070 C CG1 . VAL A 1 152 ? -12.201 -2.797  -2.211  1.00 14.98 ? 156 VAL A CG1 1 
ATOM   1071 C CG2 . VAL A 1 152 ? -11.552 -4.674  -0.651  1.00 14.82 ? 156 VAL A CG2 1 
ATOM   1072 N N   . VAL A 1 153 ? -10.483 -0.204  -1.382  1.00 16.02 ? 157 VAL A N   1 
ATOM   1073 C CA  . VAL A 1 153 ? -10.810 1.071   -2.005  1.00 17.27 ? 157 VAL A CA  1 
ATOM   1074 C C   . VAL A 1 153 ? -11.635 0.752   -3.253  1.00 18.27 ? 157 VAL A C   1 
ATOM   1075 O O   . VAL A 1 153 ? -11.173 0.045   -4.157  1.00 17.72 ? 157 VAL A O   1 
ATOM   1076 C CB  . VAL A 1 153 ? -9.522  1.859   -2.399  1.00 16.82 ? 157 VAL A CB  1 
ATOM   1077 C CG1 . VAL A 1 153 ? -9.859  3.170   -3.103  1.00 15.72 ? 157 VAL A CG1 1 
ATOM   1078 C CG2 . VAL A 1 153 ? -8.650  2.148   -1.155  1.00 17.41 ? 157 VAL A CG2 1 
ATOM   1079 N N   . ASP A 1 154 ? -12.863 1.257   -3.279  1.00 19.93 ? 158 ASP A N   1 
ATOM   1080 C CA  . ASP A 1 154 ? -13.692 1.181   -4.474  1.00 21.87 ? 158 ASP A CA  1 
ATOM   1081 C C   . ASP A 1 154 ? -13.910 2.609   -4.977  1.00 22.78 ? 158 ASP A C   1 
ATOM   1082 O O   . ASP A 1 154 ? -13.289 3.538   -4.446  1.00 22.77 ? 158 ASP A O   1 
ATOM   1083 C CB  . ASP A 1 154 ? -14.989 0.399   -4.196  1.00 22.75 ? 158 ASP A CB  1 
ATOM   1084 C CG  . ASP A 1 154 ? -15.954 1.128   -3.265  1.00 23.76 ? 158 ASP A CG  1 
ATOM   1085 O OD1 . ASP A 1 154 ? -15.655 2.248   -2.788  1.00 23.99 ? 158 ASP A OD1 1 
ATOM   1086 O OD2 . ASP A 1 154 ? -17.045 0.564   -3.031  1.00 26.51 ? 158 ASP A OD2 1 
ATOM   1087 N N   . GLN A 1 155 ? -14.749 2.793   -5.999  1.00 24.26 ? 159 GLN A N   1 
ATOM   1088 C CA  . GLN A 1 155 ? -14.946 4.126   -6.590  1.00 26.42 ? 159 GLN A CA  1 
ATOM   1089 C C   . GLN A 1 155 ? -15.496 5.135   -5.573  1.00 25.36 ? 159 GLN A C   1 
ATOM   1090 O O   . GLN A 1 155 ? -15.077 6.305   -5.551  1.00 24.82 ? 159 GLN A O   1 
ATOM   1091 C CB  . GLN A 1 155 ? -15.828 4.042   -7.839  1.00 26.47 ? 159 GLN A CB  1 
ATOM   1092 C CG  . GLN A 1 155 ? -15.144 3.330   -9.022  1.00 29.86 ? 159 GLN A CG  1 
ATOM   1093 C CD  . GLN A 1 155 ? -16.130 2.847   -10.090 1.00 31.12 ? 159 GLN A CD  1 
ATOM   1094 O OE1 . GLN A 1 155 ? -16.367 3.530   -11.091 1.00 36.91 ? 159 GLN A OE1 1 
ATOM   1095 N NE2 . GLN A 1 155 ? -16.725 1.673   -9.867  1.00 35.98 ? 159 GLN A NE2 1 
ATOM   1096 N N   . LYS A 1 156 ? -16.403 4.672   -4.711  1.00 25.70 ? 160 LYS A N   1 
ATOM   1097 C CA  . LYS A 1 156 ? -16.981 5.539   -3.675  1.00 25.42 ? 160 LYS A CA  1 
ATOM   1098 C C   . LYS A 1 156 ? -15.964 5.924   -2.609  1.00 25.26 ? 160 LYS A C   1 
ATOM   1099 O O   . LYS A 1 156 ? -15.881 7.099   -2.251  1.00 25.93 ? 160 LYS A O   1 
ATOM   1100 C CB  . LYS A 1 156 ? -18.238 4.907   -3.057  1.00 26.30 ? 160 LYS A CB  1 
ATOM   1101 N N   . VAL A 1 157 ? -15.169 4.952   -2.125  1.00 24.33 ? 161 VAL A N   1 
ATOM   1102 C CA  . VAL A 1 157 ? -14.081 5.251   -1.181  1.00 23.94 ? 161 VAL A CA  1 
ATOM   1103 C C   . VAL A 1 157 ? -13.091 6.240   -1.799  1.00 23.44 ? 161 VAL A C   1 
ATOM   1104 O O   . VAL A 1 157 ? -12.695 7.199   -1.144  1.00 22.81 ? 161 VAL A O   1 
ATOM   1105 C CB  . VAL A 1 157 ? -13.330 3.972   -0.667  1.00 23.74 ? 161 VAL A CB  1 
ATOM   1106 C CG1 . VAL A 1 157 ? -12.065 4.354   0.106   1.00 23.33 ? 161 VAL A CG1 1 
ATOM   1107 C CG2 . VAL A 1 157 ? -14.251 3.090   0.207   1.00 23.87 ? 161 VAL A CG2 1 
ATOM   1108 N N   . TRP A 1 158 ? -12.707 6.010   -3.058  1.00 23.32 ? 162 TRP A N   1 
ATOM   1109 C CA  . TRP A 1 158 ? -11.811 6.937   -3.742  1.00 23.56 ? 162 TRP A CA  1 
ATOM   1110 C C   . TRP A 1 158 ? -12.405 8.354   -3.771  1.00 24.60 ? 162 TRP A C   1 
ATOM   1111 O O   . TRP A 1 158 ? -11.750 9.311   -3.366  1.00 24.18 ? 162 TRP A O   1 
ATOM   1112 C CB  . TRP A 1 158 ? -11.473 6.470   -5.177  1.00 23.09 ? 162 TRP A CB  1 
ATOM   1113 C CG  . TRP A 1 158 ? -10.718 7.537   -5.958  1.00 22.17 ? 162 TRP A CG  1 
ATOM   1114 C CD1 . TRP A 1 158 ? -11.217 8.324   -6.972  1.00 22.25 ? 162 TRP A CD1 1 
ATOM   1115 C CD2 . TRP A 1 158 ? -9.358  7.964   -5.758  1.00 22.14 ? 162 TRP A CD2 1 
ATOM   1116 N NE1 . TRP A 1 158 ? -10.248 9.196   -7.417  1.00 21.39 ? 162 TRP A NE1 1 
ATOM   1117 C CE2 . TRP A 1 158 ? -9.101  9.002   -6.690  1.00 20.59 ? 162 TRP A CE2 1 
ATOM   1118 C CE3 . TRP A 1 158 ? -8.327  7.558   -4.905  1.00 20.21 ? 162 TRP A CE3 1 
ATOM   1119 C CZ2 . TRP A 1 158 ? -7.852  9.636   -6.790  1.00 21.72 ? 162 TRP A CZ2 1 
ATOM   1120 C CZ3 . TRP A 1 158 ? -7.086  8.205   -4.994  1.00 20.13 ? 162 TRP A CZ3 1 
ATOM   1121 C CH2 . TRP A 1 158 ? -6.864  9.232   -5.927  1.00 21.84 ? 162 TRP A CH2 1 
ATOM   1122 N N   . ARG A 1 159 ? -13.648 8.453   -4.235  1.00 26.60 ? 163 ARG A N   1 
ATOM   1123 C CA  . ARG A 1 159 ? -14.312 9.732   -4.528  1.00 29.36 ? 163 ARG A CA  1 
ATOM   1124 C C   . ARG A 1 159 ? -14.499 10.590  -3.280  1.00 29.65 ? 163 ARG A C   1 
ATOM   1125 O O   . ARG A 1 159 ? -14.280 11.810  -3.301  1.00 29.72 ? 163 ARG A O   1 
ATOM   1126 C CB  . ARG A 1 159 ? -15.668 9.456   -5.195  1.00 29.49 ? 163 ARG A CB  1 
ATOM   1127 C CG  . ARG A 1 159 ? -16.448 10.694  -5.621  1.00 32.44 ? 163 ARG A CG  1 
ATOM   1128 C CD  . ARG A 1 159 ? -17.793 10.325  -6.284  1.00 32.82 ? 163 ARG A CD  1 
ATOM   1129 N NE  . ARG A 1 159 ? -18.663 9.523   -5.420  1.00 39.27 ? 163 ARG A NE  1 
ATOM   1130 C CZ  . ARG A 1 159 ? -19.015 8.262   -5.667  1.00 40.91 ? 163 ARG A CZ  1 
ATOM   1131 N NH1 . ARG A 1 159 ? -18.595 7.638   -6.767  1.00 43.23 ? 163 ARG A NH1 1 
ATOM   1132 N NH2 . ARG A 1 159 ? -19.807 7.622   -4.818  1.00 43.95 ? 163 ARG A NH2 1 
ATOM   1133 N N   . GLU A 1 160 ? -14.887 9.931   -2.194  1.00 29.94 ? 164 GLU A N   1 
ATOM   1134 C CA  . GLU A 1 160 ? -15.238 10.605  -0.959  1.00 31.16 ? 164 GLU A CA  1 
ATOM   1135 C C   . GLU A 1 160 ? -14.074 10.750  0.020   1.00 29.97 ? 164 GLU A C   1 
ATOM   1136 O O   . GLU A 1 160 ? -13.981 11.768  0.711   1.00 30.46 ? 164 GLU A O   1 
ATOM   1137 C CB  . GLU A 1 160 ? -16.404 9.871   -0.294  1.00 31.17 ? 164 GLU A CB  1 
ATOM   1138 C CG  . GLU A 1 160 ? -17.719 9.935   -1.083  1.00 33.90 ? 164 GLU A CG  1 
ATOM   1139 C CD  . GLU A 1 160 ? -18.809 9.038   -0.498  1.00 34.92 ? 164 GLU A CD  1 
ATOM   1140 O OE1 . GLU A 1 160 ? -18.725 8.686   0.703   1.00 39.87 ? 164 GLU A OE1 1 
ATOM   1141 O OE2 . GLU A 1 160 ? -19.753 8.673   -1.244  1.00 41.09 ? 164 GLU A OE2 1 
ATOM   1142 N N   . GLN A 1 161 ? -13.176 9.757   0.058   1.00 28.67 ? 165 GLN A N   1 
ATOM   1143 C CA  . GLN A 1 161 ? -12.181 9.653   1.131   1.00 27.07 ? 165 GLN A CA  1 
ATOM   1144 C C   . GLN A 1 161 ? -10.722 9.913   0.724   1.00 26.37 ? 165 GLN A C   1 
ATOM   1145 O O   . GLN A 1 161 ? -9.883  10.159  1.597   1.00 25.68 ? 165 GLN A O   1 
ATOM   1146 C CB  . GLN A 1 161 ? -12.281 8.292   1.840   1.00 27.15 ? 165 GLN A CB  1 
ATOM   1147 C CG  . GLN A 1 161 ? -13.667 7.957   2.422   1.00 27.40 ? 165 GLN A CG  1 
ATOM   1148 C CD  . GLN A 1 161 ? -13.767 6.528   2.958   1.00 27.95 ? 165 GLN A CD  1 
ATOM   1149 O OE1 . GLN A 1 161 ? -12.843 6.013   3.602   1.00 28.52 ? 165 GLN A OE1 1 
ATOM   1150 N NE2 . GLN A 1 161 ? -14.899 5.886   2.698   1.00 29.98 ? 165 GLN A NE2 1 
ATOM   1151 N N   . LEU A 1 162 ? -10.421 9.855   -0.579  1.00 24.31 ? 166 LEU A N   1 
ATOM   1152 C CA  . LEU A 1 162 ? -9.044  10.082  -1.051  1.00 23.95 ? 166 LEU A CA  1 
ATOM   1153 C C   . LEU A 1 162 ? -8.912  11.208  -2.057  1.00 24.23 ? 166 LEU A C   1 
ATOM   1154 O O   . LEU A 1 162 ? -8.035  12.063  -1.927  1.00 24.21 ? 166 LEU A O   1 
ATOM   1155 C CB  . LEU A 1 162 ? -8.435  8.795   -1.642  1.00 22.95 ? 166 LEU A CB  1 
ATOM   1156 C CG  . LEU A 1 162 ? -8.179  7.679   -0.643  1.00 20.58 ? 166 LEU A CG  1 
ATOM   1157 C CD1 . LEU A 1 162 ? -7.912  6.356   -1.376  1.00 19.75 ? 166 LEU A CD1 1 
ATOM   1158 C CD2 . LEU A 1 162 ? -7.024  8.040   0.310   1.00 19.63 ? 166 LEU A CD2 1 
ATOM   1159 N N   . ALA A 1 163 ? -9.782  11.191  -3.059  1.00 24.92 ? 167 ALA A N   1 
ATOM   1160 C CA  . ALA A 1 163 ? -9.677  12.098  -4.197  1.00 26.02 ? 167 ALA A CA  1 
ATOM   1161 C C   . ALA A 1 163 ? -9.581  13.586  -3.820  1.00 26.73 ? 167 ALA A C   1 
ATOM   1162 O O   . ALA A 1 163 ? -8.759  14.293  -4.383  1.00 26.76 ? 167 ALA A O   1 
ATOM   1163 C CB  . ALA A 1 163 ? -10.800 11.840  -5.216  1.00 25.44 ? 167 ALA A CB  1 
ATOM   1164 N N   . PRO A 1 164 ? -10.418 14.069  -2.875  1.00 28.10 ? 168 PRO A N   1 
ATOM   1165 C CA  . PRO A 1 164 ? -10.284 15.501  -2.527  1.00 28.57 ? 168 PRO A CA  1 
ATOM   1166 C C   . PRO A 1 164 ? -8.928  15.872  -1.922  1.00 29.08 ? 168 PRO A C   1 
ATOM   1167 O O   . PRO A 1 164 ? -8.385  16.938  -2.235  1.00 28.72 ? 168 PRO A O   1 
ATOM   1168 C CB  . PRO A 1 164 ? -11.429 15.739  -1.522  1.00 29.02 ? 168 PRO A CB  1 
ATOM   1169 C CG  . PRO A 1 164 ? -12.413 14.595  -1.771  1.00 28.72 ? 168 PRO A CG  1 
ATOM   1170 C CD  . PRO A 1 164 ? -11.521 13.426  -2.134  1.00 27.96 ? 168 PRO A CD  1 
ATOM   1171 N N   . LEU A 1 165 ? -8.384  14.990  -1.084  1.00 29.27 ? 169 LEU A N   1 
ATOM   1172 C CA  . LEU A 1 165 ? -7.041  15.144  -0.525  1.00 30.12 ? 169 LEU A CA  1 
ATOM   1173 C C   . LEU A 1 165 ? -5.988  15.065  -1.635  1.00 29.78 ? 169 LEU A C   1 
ATOM   1174 O O   . LEU A 1 165 ? -5.090  15.905  -1.728  1.00 29.80 ? 169 LEU A O   1 
ATOM   1175 C CB  . LEU A 1 165 ? -6.783  14.025  0.490   1.00 30.81 ? 169 LEU A CB  1 
ATOM   1176 C CG  . LEU A 1 165 ? -6.701  14.234  1.998   1.00 33.44 ? 169 LEU A CG  1 
ATOM   1177 C CD1 . LEU A 1 165 ? -7.278  13.038  2.753   1.00 33.70 ? 169 LEU A CD1 1 
ATOM   1178 C CD2 . LEU A 1 165 ? -5.240  14.423  2.364   1.00 35.64 ? 169 LEU A CD2 1 
ATOM   1179 N N   . TYR A 1 166 ? -6.113  14.041  -2.474  1.00 29.51 ? 170 TYR A N   1 
ATOM   1180 C CA  . TYR A 1 166 ? -5.171  13.815  -3.566  1.00 29.44 ? 170 TYR A CA  1 
ATOM   1181 C C   . TYR A 1 166 ? -5.103  15.036  -4.494  1.00 30.29 ? 170 TYR A C   1 
ATOM   1182 O O   . TYR A 1 166 ? -4.021  15.478  -4.865  1.00 29.77 ? 170 TYR A O   1 
ATOM   1183 C CB  . TYR A 1 166 ? -5.566  12.556  -4.331  1.00 28.79 ? 170 TYR A CB  1 
ATOM   1184 C CG  . TYR A 1 166 ? -4.741  12.266  -5.566  1.00 27.74 ? 170 TYR A CG  1 
ATOM   1185 C CD1 . TYR A 1 166 ? -3.443  11.755  -5.466  1.00 26.84 ? 170 TYR A CD1 1 
ATOM   1186 C CD2 . TYR A 1 166 ? -5.270  12.490  -6.836  1.00 27.25 ? 170 TYR A CD2 1 
ATOM   1187 C CE1 . TYR A 1 166 ? -2.683  11.477  -6.617  1.00 26.60 ? 170 TYR A CE1 1 
ATOM   1188 C CE2 . TYR A 1 166 ? -4.521  12.220  -7.987  1.00 26.15 ? 170 TYR A CE2 1 
ATOM   1189 C CZ  . TYR A 1 166 ? -3.236  11.712  -7.870  1.00 26.81 ? 170 TYR A CZ  1 
ATOM   1190 O OH  . TYR A 1 166 ? -2.514  11.442  -9.023  1.00 26.20 ? 170 TYR A OH  1 
ATOM   1191 N N   . GLN A 1 167 ? -6.264  15.584  -4.840  1.00 31.60 ? 171 GLN A N   1 
ATOM   1192 C CA  . GLN A 1 167 ? -6.339  16.776  -5.683  1.00 33.62 ? 171 GLN A CA  1 
ATOM   1193 C C   . GLN A 1 167 ? -5.626  17.988  -5.071  1.00 33.76 ? 171 GLN A C   1 
ATOM   1194 O O   . GLN A 1 167 ? -4.968  18.758  -5.787  1.00 34.18 ? 171 GLN A O   1 
ATOM   1195 C CB  . GLN A 1 167 ? -7.801  17.110  -5.997  1.00 33.96 ? 171 GLN A CB  1 
ATOM   1196 C CG  . GLN A 1 167 ? -7.985  18.256  -7.008  1.00 37.61 ? 171 GLN A CG  1 
ATOM   1197 C CD  . GLN A 1 167 ? -7.203  18.041  -8.301  1.00 41.10 ? 171 GLN A CD  1 
ATOM   1198 O OE1 . GLN A 1 167 ? -7.315  16.993  -8.946  1.00 44.42 ? 171 GLN A OE1 1 
ATOM   1199 N NE2 . GLN A 1 167 ? -6.398  19.031  -8.679  1.00 43.09 ? 171 GLN A NE2 1 
ATOM   1200 N N   . GLN A 1 168 ? -5.761  18.153  -3.755  1.00 33.93 ? 172 GLN A N   1 
ATOM   1201 C CA  . GLN A 1 168 ? -5.077  19.222  -3.028  1.00 34.16 ? 172 GLN A CA  1 
ATOM   1202 C C   . GLN A 1 168 ? -3.555  19.057  -3.059  1.00 34.36 ? 172 GLN A C   1 
ATOM   1203 O O   . GLN A 1 168 ? -2.820  20.043  -3.138  1.00 34.32 ? 172 GLN A O   1 
ATOM   1204 C CB  . GLN A 1 168 ? -5.576  19.289  -1.594  1.00 34.23 ? 172 GLN A CB  1 
ATOM   1205 N N   . LEU A 1 169 ? -3.086  17.810  -3.009  1.00 34.12 ? 173 LEU A N   1 
ATOM   1206 C CA  . LEU A 1 169 ? -1.659  17.521  -3.049  1.00 34.31 ? 173 LEU A CA  1 
ATOM   1207 C C   . LEU A 1 169 ? -1.040  17.741  -4.433  1.00 35.02 ? 173 LEU A C   1 
ATOM   1208 O O   . LEU A 1 169 ? 0.151   18.056  -4.528  1.00 34.36 ? 173 LEU A O   1 
ATOM   1209 C CB  . LEU A 1 169 ? -1.372  16.090  -2.577  1.00 34.05 ? 173 LEU A CB  1 
ATOM   1210 C CG  . LEU A 1 169 ? -1.771  15.656  -1.158  1.00 33.90 ? 173 LEU A CG  1 
ATOM   1211 C CD1 . LEU A 1 169 ? -1.357  14.217  -0.945  1.00 33.43 ? 173 LEU A CD1 1 
ATOM   1212 C CD2 . LEU A 1 169 ? -1.141  16.549  -0.092  1.00 34.09 ? 173 LEU A CD2 1 
ATOM   1213 N N   . LEU A 1 170 ? -1.836  17.554  -5.487  1.00 35.88 ? 174 LEU A N   1 
ATOM   1214 C CA  . LEU A 1 170 ? -1.399  17.819  -6.864  1.00 37.41 ? 174 LEU A CA  1 
ATOM   1215 C C   . LEU A 1 170 ? -1.170  19.318  -7.092  1.00 38.73 ? 174 LEU A C   1 
ATOM   1216 O O   . LEU A 1 170 ? -0.157  19.723  -7.683  1.00 39.38 ? 174 LEU A O   1 
ATOM   1217 C CB  . LEU A 1 170 ? -2.418  17.289  -7.886  1.00 37.28 ? 174 LEU A CB  1 
ATOM   1218 C CG  . LEU A 1 170 ? -2.522  15.781  -8.167  1.00 37.22 ? 174 LEU A CG  1 
ATOM   1219 C CD1 . LEU A 1 170 ? -3.548  15.513  -9.257  1.00 37.18 ? 174 LEU A CD1 1 
ATOM   1220 C CD2 . LEU A 1 170 ? -1.181  15.178  -8.559  1.00 36.76 ? 174 LEU A CD2 1 
ATOM   1221 N N   . ASP A 1 171 ? -2.114  20.120  -6.601  1.00 39.68 ? 175 ASP A N   1 
ATOM   1222 C CA  . ASP A 1 171 ? -2.114  21.575  -6.780  1.00 40.40 ? 175 ASP A CA  1 
ATOM   1223 C C   . ASP A 1 171 ? -1.041  22.285  -5.941  1.00 40.82 ? 175 ASP A C   1 
ATOM   1224 O O   . ASP A 1 171 ? -0.653  21.817  -4.863  1.00 41.43 ? 175 ASP A O   1 
ATOM   1225 C CB  . ASP A 1 171 ? -3.506  22.137  -6.470  1.00 40.37 ? 175 ASP A CB  1 
HETATM 1226 O O   . HOH B 2 .   ? -6.820  -0.622  0.428   1.00 14.84 ? 1   HOH A O   1 
HETATM 1227 O O   . HOH B 2 .   ? 6.080   -10.587 0.896   1.00 17.61 ? 2   HOH A O   1 
HETATM 1228 O O   . HOH B 2 .   ? -4.710  -4.649  -3.233  1.00 14.57 ? 3   HOH A O   1 
HETATM 1229 O O   . HOH B 2 .   ? 0.494   3.697   -10.736 1.00 16.98 ? 4   HOH A O   1 
HETATM 1230 O O   . HOH B 2 .   ? -10.485 3.091   6.581   1.00 19.56 ? 181 HOH A O   1 
HETATM 1231 O O   . HOH B 2 .   ? -1.778  2.731   10.728  1.00 22.53 ? 182 HOH A O   1 
HETATM 1232 O O   . HOH B 2 .   ? 6.531   8.741   -12.190 1.00 22.50 ? 183 HOH A O   1 
HETATM 1233 O O   . HOH B 2 .   ? 18.196  -11.453 -9.441  1.00 19.38 ? 184 HOH A O   1 
HETATM 1234 O O   . HOH B 2 .   ? 7.456   -10.818 -2.468  1.00 20.46 ? 185 HOH A O   1 
HETATM 1235 O O   . HOH B 2 .   ? 6.011   9.664   -5.314  1.00 18.76 ? 186 HOH A O   1 
HETATM 1236 O O   . HOH B 2 .   ? 3.385   -4.505  -5.781  1.00 21.90 ? 187 HOH A O   1 
HETATM 1237 O O   . HOH B 2 .   ? 13.999  -2.381  5.812   1.00 18.59 ? 188 HOH A O   1 
HETATM 1238 O O   . HOH B 2 .   ? -0.018  10.649  -8.748  1.00 21.49 ? 189 HOH A O   1 
HETATM 1239 O O   . HOH B 2 .   ? 16.275  -5.729  -12.489 1.00 20.00 ? 190 HOH A O   1 
HETATM 1240 O O   . HOH B 2 .   ? 10.025  8.948   4.102   1.00 21.38 ? 191 HOH A O   1 
HETATM 1241 O O   . HOH B 2 .   ? -1.549  6.163   9.599   1.00 19.28 ? 192 HOH A O   1 
HETATM 1242 O O   . HOH B 2 .   ? -7.542  0.249   11.902  1.00 19.73 ? 193 HOH A O   1 
HETATM 1243 O O   . HOH B 2 .   ? -12.758 -1.891  -5.428  1.00 20.98 ? 194 HOH A O   1 
HETATM 1244 O O   . HOH B 2 .   ? 14.500  -11.310 -11.927 1.00 19.92 ? 195 HOH A O   1 
HETATM 1245 O O   . HOH B 2 .   ? 12.485  -10.545 -4.650  1.00 28.11 ? 196 HOH A O   1 
HETATM 1246 O O   . HOH B 2 .   ? 15.858  -13.077 -10.220 1.00 24.41 ? 197 HOH A O   1 
HETATM 1247 O O   . HOH B 2 .   ? -11.138 -14.021 24.290  1.00 23.22 ? 198 HOH A O   1 
HETATM 1248 O O   . HOH B 2 .   ? -5.130  -5.550  -5.822  1.00 18.90 ? 199 HOH A O   1 
HETATM 1249 O O   . HOH B 2 .   ? -6.262  8.545   7.721   1.00 24.89 ? 200 HOH A O   1 
HETATM 1250 O O   . HOH B 2 .   ? 10.537  -0.452  7.857   1.00 23.23 ? 201 HOH A O   1 
HETATM 1251 O O   . HOH B 2 .   ? 7.591   12.500  -14.458 1.00 20.48 ? 202 HOH A O   1 
HETATM 1252 O O   . HOH B 2 .   ? 10.251  -7.739  5.357   1.00 21.68 ? 203 HOH A O   1 
HETATM 1253 O O   . HOH B 2 .   ? -7.670  8.536   16.091  1.00 23.44 ? 204 HOH A O   1 
HETATM 1254 O O   . HOH B 2 .   ? -3.546  8.427   16.159  1.00 23.84 ? 205 HOH A O   1 
HETATM 1255 O O   . HOH B 2 .   ? -12.354 5.457   -9.225  1.00 29.46 ? 206 HOH A O   1 
HETATM 1256 O O   . HOH B 2 .   ? 5.712   -2.930  -10.154 1.00 22.08 ? 207 HOH A O   1 
HETATM 1257 O O   . HOH B 2 .   ? 2.989   11.669  -13.731 1.00 28.85 ? 208 HOH A O   1 
HETATM 1258 O O   . HOH B 2 .   ? -9.657  -1.492  18.753  1.00 22.38 ? 209 HOH A O   1 
HETATM 1259 O O   . HOH B 2 .   ? 11.591  -2.669  6.972   1.00 28.15 ? 210 HOH A O   1 
HETATM 1260 O O   . HOH B 2 .   ? -12.085 -3.200  -7.815  1.00 22.86 ? 211 HOH A O   1 
HETATM 1261 O O   . HOH B 2 .   ? 11.576  -8.870  1.969   1.00 20.80 ? 212 HOH A O   1 
HETATM 1262 O O   . HOH B 2 .   ? 6.467   -17.183 -10.147 1.00 23.09 ? 213 HOH A O   1 
HETATM 1263 O O   . HOH B 2 .   ? -9.699  5.742   7.054   1.00 23.29 ? 214 HOH A O   1 
HETATM 1264 O O   . HOH B 2 .   ? 2.547   16.781  -2.776  1.00 30.21 ? 215 HOH A O   1 
HETATM 1265 O O   . HOH B 2 .   ? -11.070 -12.703 -4.130  1.00 29.23 ? 216 HOH A O   1 
HETATM 1266 O O   . HOH B 2 .   ? -14.153 -3.013  -9.432  1.00 27.55 ? 217 HOH A O   1 
HETATM 1267 O O   . HOH B 2 .   ? -11.155 7.341   5.334   1.00 27.57 ? 218 HOH A O   1 
HETATM 1268 O O   . HOH B 2 .   ? 2.627   -5.482  10.649  1.00 22.02 ? 219 HOH A O   1 
HETATM 1269 O O   . HOH B 2 .   ? -2.545  -6.347  -6.150  1.00 28.77 ? 220 HOH A O   1 
HETATM 1270 O O   . HOH B 2 .   ? -9.538  -6.851  17.225  1.00 23.33 ? 221 HOH A O   1 
HETATM 1271 O O   . HOH B 2 .   ? 9.556   -2.671  -8.435  1.00 18.76 ? 222 HOH A O   1 
HETATM 1272 O O   . HOH B 2 .   ? 11.216  -4.406  -13.563 1.00 29.32 ? 223 HOH A O   1 
HETATM 1273 O O   . HOH B 2 .   ? 11.504  -11.032 -0.480  1.00 31.28 ? 224 HOH A O   1 
HETATM 1274 O O   . HOH B 2 .   ? -6.129  1.795   18.933  1.00 25.44 ? 225 HOH A O   1 
HETATM 1275 O O   . HOH B 2 .   ? -5.803  3.765   20.732  1.00 28.01 ? 226 HOH A O   1 
HETATM 1276 O O   . HOH B 2 .   ? -2.550  6.168   17.070  1.00 28.81 ? 227 HOH A O   1 
HETATM 1277 O O   . HOH B 2 .   ? 7.921   -12.680 -0.512  1.00 28.31 ? 228 HOH A O   1 
HETATM 1278 O O   . HOH B 2 .   ? 8.908   11.673  4.053   1.00 25.53 ? 229 HOH A O   1 
HETATM 1279 O O   . HOH B 2 .   ? -11.491 -16.631 22.565  1.00 29.04 ? 230 HOH A O   1 
HETATM 1280 O O   . HOH B 2 .   ? -13.272 -3.577  22.991  1.00 28.16 ? 231 HOH A O   1 
HETATM 1281 O O   . HOH B 2 .   ? 6.856   -14.276 3.220   1.00 23.06 ? 232 HOH A O   1 
HETATM 1282 O O   . HOH B 2 .   ? -7.416  9.686   9.605   1.00 35.36 ? 233 HOH A O   1 
HETATM 1283 O O   . HOH B 2 .   ? 1.234   -9.615  10.346  1.00 30.28 ? 234 HOH A O   1 
HETATM 1284 O O   . HOH B 2 .   ? 10.427  -0.591  -11.974 1.00 34.57 ? 235 HOH A O   1 
HETATM 1285 O O   . HOH B 2 .   ? 13.711  -13.746 -8.621  1.00 34.37 ? 236 HOH A O   1 
HETATM 1286 O O   . HOH B 2 .   ? 7.610   -11.892 10.501  1.00 30.09 ? 237 HOH A O   1 
HETATM 1287 O O   . HOH B 2 .   ? -3.542  15.050  5.828   1.00 33.88 ? 238 HOH A O   1 
HETATM 1288 O O   . HOH B 2 .   ? 2.410   -6.174  13.161  0.50 31.10 ? 239 HOH A O   1 
HETATM 1289 O O   . HOH B 2 .   ? 10.482  -13.645 -0.133  1.00 31.32 ? 240 HOH A O   1 
HETATM 1290 O O   . HOH B 2 .   ? -6.700  -15.208 -2.185  1.00 31.05 ? 241 HOH A O   1 
HETATM 1291 O O   . HOH B 2 .   ? 9.332   -17.029 -9.394  1.00 34.94 ? 242 HOH A O   1 
HETATM 1292 O O   . HOH B 2 .   ? 10.159  -2.930  11.566  1.00 27.64 ? 243 HOH A O   1 
HETATM 1293 O O   . HOH B 2 .   ? -12.717 -9.321  20.246  1.00 26.73 ? 244 HOH A O   1 
HETATM 1294 O O   . HOH B 2 .   ? 0.714   -4.142  13.256  1.00 28.36 ? 245 HOH A O   1 
HETATM 1295 O O   . HOH B 2 .   ? 12.183  -12.536 -6.755  1.00 29.77 ? 246 HOH A O   1 
HETATM 1296 O O   . HOH B 2 .   ? 16.590  3.318   3.882   1.00 34.84 ? 247 HOH A O   1 
HETATM 1297 O O   . HOH B 2 .   ? 17.362  -3.369  -11.474 1.00 33.96 ? 248 HOH A O   1 
HETATM 1298 O O   . HOH B 2 .   ? 9.532   8.793   1.476   1.00 37.90 ? 249 HOH A O   1 
HETATM 1299 O O   . HOH B 2 .   ? -6.458  12.577  6.746   1.00 30.66 ? 250 HOH A O   1 
HETATM 1300 O O   . HOH B 2 .   ? -9.999  -1.721  -14.230 1.00 32.31 ? 251 HOH A O   1 
HETATM 1301 O O   . HOH B 2 .   ? 0.539   11.533  -12.865 1.00 32.23 ? 252 HOH A O   1 
HETATM 1302 O O   . HOH B 2 .   ? 11.434  8.117   7.544   1.00 33.45 ? 253 HOH A O   1 
HETATM 1303 O O   . HOH B 2 .   ? 1.780   3.243   12.349  1.00 28.20 ? 254 HOH A O   1 
HETATM 1304 O O   . HOH B 2 .   ? 13.047  4.470   -8.264  1.00 34.60 ? 255 HOH A O   1 
HETATM 1305 O O   . HOH B 2 .   ? 8.705   -17.974 -3.705  1.00 36.21 ? 256 HOH A O   1 
HETATM 1306 O O   . HOH B 2 .   ? -3.810  11.875  -11.529 1.00 34.87 ? 257 HOH A O   1 
HETATM 1307 O O   . HOH B 2 .   ? 10.854  6.457   -7.835  1.00 33.23 ? 258 HOH A O   1 
HETATM 1308 O O   . HOH B 2 .   ? 4.823   -13.706 10.422  1.00 30.68 ? 259 HOH A O   1 
HETATM 1309 O O   . HOH B 2 .   ? -1.277  15.790  7.284   1.00 38.79 ? 260 HOH A O   1 
HETATM 1310 O O   . HOH B 2 .   ? 1.097   -16.521 0.782   1.00 33.75 ? 261 HOH A O   1 
HETATM 1311 O O   . HOH B 2 .   ? 11.759  5.533   9.949   1.00 42.38 ? 262 HOH A O   1 
HETATM 1312 O O   . HOH B 2 .   ? 19.481  -0.120  -0.939  1.00 43.37 ? 263 HOH A O   1 
HETATM 1313 O O   . HOH B 2 .   ? 13.391  -11.474 -2.247  1.00 28.70 ? 264 HOH A O   1 
HETATM 1314 O O   . HOH B 2 .   ? -0.096  4.014   9.815   1.00 29.44 ? 265 HOH A O   1 
HETATM 1315 O O   . HOH B 2 .   ? 1.009   -5.342  -16.508 1.00 39.49 ? 266 HOH A O   1 
HETATM 1316 O O   . HOH B 2 .   ? 7.666   7.710   10.446  1.00 39.39 ? 267 HOH A O   1 
HETATM 1317 O O   . HOH B 2 .   ? -0.216  -16.131 -7.790  1.00 35.11 ? 268 HOH A O   1 
HETATM 1318 O O   . HOH B 2 .   ? 8.454   -13.035 -14.292 1.00 38.35 ? 269 HOH A O   1 
HETATM 1319 O O   . HOH B 2 .   ? -5.306  -16.585 2.911   1.00 32.16 ? 270 HOH A O   1 
HETATM 1320 O O   . HOH B 2 .   ? 0.240   11.260  13.499  1.00 33.15 ? 271 HOH A O   1 
HETATM 1321 O O   . HOH B 2 .   ? -14.235 7.343   -8.157  1.00 37.28 ? 272 HOH A O   1 
HETATM 1322 O O   . HOH B 2 .   ? 14.544  -1.173  -12.313 1.00 33.24 ? 273 HOH A O   1 
HETATM 1323 O O   . HOH B 2 .   ? -17.016 -15.579 19.570  1.00 36.30 ? 274 HOH A O   1 
HETATM 1324 O O   . HOH B 2 .   ? -4.642  6.063   19.859  1.00 30.80 ? 275 HOH A O   1 
HETATM 1325 O O   . HOH B 2 .   ? -0.809  -17.488 -2.487  1.00 35.02 ? 276 HOH A O   1 
HETATM 1326 O O   . HOH B 2 .   ? 5.382   17.774  2.451   1.00 40.69 ? 277 HOH A O   1 
HETATM 1327 O O   . HOH B 2 .   ? 1.457   12.260  -10.323 1.00 33.57 ? 278 HOH A O   1 
HETATM 1328 O O   . HOH B 2 .   ? 10.318  -16.333 -6.758  1.00 35.39 ? 279 HOH A O   1 
HETATM 1329 O O   . HOH B 2 .   ? -2.992  11.766  13.774  1.00 36.79 ? 280 HOH A O   1 
HETATM 1330 O O   . HOH B 2 .   ? -11.448 -9.423  17.921  1.00 38.82 ? 281 HOH A O   1 
HETATM 1331 O O   . HOH B 2 .   ? 4.248   -15.327 -14.393 1.00 43.01 ? 282 HOH A O   1 
HETATM 1332 O O   . HOH B 2 .   ? 8.554   -2.413  -10.823 1.00 33.64 ? 283 HOH A O   1 
HETATM 1333 O O   . HOH B 2 .   ? 16.823  4.000   -2.722  1.00 36.42 ? 284 HOH A O   1 
HETATM 1334 O O   . HOH B 2 .   ? -15.723 -5.007  23.868  1.00 37.83 ? 285 HOH A O   1 
HETATM 1335 O O   . HOH B 2 .   ? 9.452   -4.368  -12.063 1.00 37.99 ? 286 HOH A O   1 
HETATM 1336 O O   . HOH B 2 .   ? 4.678   -6.385  -14.070 1.00 30.45 ? 287 HOH A O   1 
HETATM 1337 O O   . HOH B 2 .   ? -12.827 -11.510 16.187  1.00 40.13 ? 288 HOH A O   1 
HETATM 1338 O O   . HOH B 2 .   ? 7.277   7.373   -9.640  1.00 32.87 ? 289 HOH A O   1 
HETATM 1339 O O   . HOH B 2 .   ? -10.421 -3.417  11.685  1.00 35.71 ? 290 HOH A O   1 
HETATM 1340 O O   . HOH B 2 .   ? -1.219  16.503  10.106  1.00 45.19 ? 291 HOH A O   1 
HETATM 1341 O O   . HOH B 2 .   ? 11.906  -4.596  12.325  1.00 37.52 ? 292 HOH A O   1 
HETATM 1342 O O   . HOH B 2 .   ? -17.885 -18.632 18.441  1.00 47.05 ? 293 HOH A O   1 
HETATM 1343 O O   . HOH B 2 .   ? -18.238 2.347   -5.362  1.00 39.26 ? 294 HOH A O   1 
HETATM 1344 O O   . HOH B 2 .   ? 16.034  -7.765  2.820   1.00 40.97 ? 295 HOH A O   1 
HETATM 1345 O O   . HOH B 2 .   ? -10.487 -4.701  17.232  1.00 42.49 ? 296 HOH A O   1 
HETATM 1346 O O   . HOH B 2 .   ? -3.138  -18.129 2.881   1.00 39.60 ? 297 HOH A O   1 
HETATM 1347 O O   . HOH B 2 .   ? 6.530   -13.854 6.905   1.00 43.62 ? 298 HOH A O   1 
HETATM 1348 O O   . HOH B 2 .   ? 11.428  1.731   -11.991 1.00 39.37 ? 299 HOH A O   1 
HETATM 1349 O O   . HOH B 2 .   ? 19.688  -2.206  -5.884  1.00 37.32 ? 300 HOH A O   1 
HETATM 1350 O O   . HOH B 2 .   ? -9.744  19.024  -3.328  1.00 40.44 ? 301 HOH A O   1 
HETATM 1351 O O   . HOH B 2 .   ? -12.872 -6.717  20.628  1.00 38.70 ? 302 HOH A O   1 
HETATM 1352 O O   . HOH B 2 .   ? 17.334  5.988   0.756   1.00 35.32 ? 303 HOH A O   1 
HETATM 1353 O O   . HOH B 2 .   ? -10.817 11.852  3.808   1.00 36.18 ? 304 HOH A O   1 
HETATM 1354 O O   . HOH B 2 .   ? -15.071 -10.144 19.095  1.00 33.91 ? 305 HOH A O   1 
HETATM 1355 O O   . HOH B 2 .   ? 10.478  13.504  5.405   1.00 41.84 ? 306 HOH A O   1 
HETATM 1356 O O   . HOH B 2 .   ? 18.291  1.561   -3.042  1.00 41.14 ? 307 HOH A O   1 
HETATM 1357 O O   . HOH B 2 .   ? 8.602   -16.535 -1.087  1.00 38.17 ? 308 HOH A O   1 
HETATM 1358 O O   . HOH B 2 .   ? 16.319  1.273   6.498   1.00 44.99 ? 309 HOH A O   1 
HETATM 1359 O O   . HOH B 2 .   ? 9.391   -14.053 8.961   1.00 48.72 ? 310 HOH A O   1 
HETATM 1360 O O   . HOH B 2 .   ? 4.388   -20.449 -5.039  1.00 37.53 ? 311 HOH A O   1 
HETATM 1361 O O   . HOH B 2 .   ? -4.966  -0.123  -18.356 1.00 37.21 ? 312 HOH A O   1 
HETATM 1362 O O   . HOH B 2 .   ? 0.548   -18.983 -7.904  1.00 49.72 ? 313 HOH A O   1 
HETATM 1363 O O   . HOH B 2 .   ? 6.334   -16.731 -12.801 1.00 42.42 ? 314 HOH A O   1 
HETATM 1364 O O   . HOH B 2 .   ? -1.274  17.709  3.026   1.00 40.56 ? 315 HOH A O   1 
HETATM 1365 O O   . HOH B 2 .   ? -17.825 2.857   -0.162  1.00 49.07 ? 316 HOH A O   1 
HETATM 1366 O O   . HOH B 2 .   ? -7.718  -8.103  -11.780 1.00 45.89 ? 317 HOH A O   1 
HETATM 1367 O O   . HOH B 2 .   ? -7.728  -9.266  -9.454  1.00 37.96 ? 318 HOH A O   1 
HETATM 1368 O O   . HOH B 2 .   ? 2.386   -11.081 12.204  1.00 31.59 ? 319 HOH A O   1 
HETATM 1369 O O   . HOH B 2 .   ? -17.586 -1.596  -4.792  1.00 43.33 ? 320 HOH A O   1 
HETATM 1370 O O   . HOH B 2 .   ? -15.572 0.231   -7.884  1.00 47.06 ? 321 HOH A O   1 
# 
loop_
_pdbx_poly_seq_scheme.asym_id 
_pdbx_poly_seq_scheme.entity_id 
_pdbx_poly_seq_scheme.seq_id 
_pdbx_poly_seq_scheme.mon_id 
_pdbx_poly_seq_scheme.ndb_seq_num 
_pdbx_poly_seq_scheme.pdb_seq_num 
_pdbx_poly_seq_scheme.auth_seq_num 
_pdbx_poly_seq_scheme.pdb_mon_id 
_pdbx_poly_seq_scheme.auth_mon_id 
_pdbx_poly_seq_scheme.pdb_strand_id 
_pdbx_poly_seq_scheme.pdb_ins_code 
_pdbx_poly_seq_scheme.hetero 
A 1 1   MET 1   5   ?   ?   ?   A . n 
A 1 2   GLY 2   6   ?   ?   ?   A . n 
A 1 3   SER 3   7   ?   ?   ?   A . n 
A 1 4   SER 4   8   ?   ?   ?   A . n 
A 1 5   HIS 5   9   ?   ?   ?   A . n 
A 1 6   HIS 6   10  ?   ?   ?   A . n 
A 1 7   HIS 7   11  ?   ?   ?   A . n 
A 1 8   HIS 8   12  ?   ?   ?   A . n 
A 1 9   HIS 9   13  ?   ?   ?   A . n 
A 1 10  HIS 10  14  ?   ?   ?   A . n 
A 1 11  SER 11  15  ?   ?   ?   A . n 
A 1 12  SER 12  16  ?   ?   ?   A . n 
A 1 13  GLY 13  17  ?   ?   ?   A . n 
A 1 14  LEU 14  18  ?   ?   ?   A . n 
A 1 15  VAL 15  19  19  VAL VAL A . n 
A 1 16  PRO 16  20  20  PRO PRO A . n 
A 1 17  ARG 17  21  21  ARG ARG A . n 
A 1 18  GLY 18  22  22  GLY GLY A . n 
A 1 19  SER 19  23  23  SER SER A . n 
A 1 20  HIS 20  24  24  HIS HIS A . n 
A 1 21  MET 21  25  25  MET MET A . n 
A 1 22  LEU 22  26  26  LEU LEU A . n 
A 1 23  ASP 23  27  27  ASP ASP A . n 
A 1 24  PRO 24  28  28  PRO PRO A . n 
A 1 25  SER 25  29  29  SER SER A . n 
A 1 26  GLU 26  30  30  GLU GLU A . n 
A 1 27  LEU 27  31  31  LEU LEU A . n 
A 1 28  PRO 28  32  32  PRO PRO A . n 
A 1 29  SER 29  33  33  SER SER A . n 
A 1 30  ALA 30  34  34  ALA ALA A . n 
A 1 31  LEU 31  35  35  LEU LEU A . n 
A 1 32  ILE 32  36  36  ILE ILE A . n 
A 1 33  GLY 33  37  37  GLY GLY A . n 
A 1 34  LYS 34  38  38  LYS LYS A . n 
A 1 35  PRO 35  39  39  PRO PRO A . n 
A 1 36  PHE 36  40  40  PHE PHE A . n 
A 1 37  PRO 37  41  41  PRO PRO A . n 
A 1 38  ALA 38  42  42  ALA ALA A . n 
A 1 39  PHE 39  43  43  PHE PHE A . n 
A 1 40  ASP 40  44  44  ASP ASP A . n 
A 1 41  LEU 41  45  45  LEU LEU A . n 
A 1 42  PRO 42  46  46  PRO PRO A . n 
A 1 43  SER 43  47  47  SER SER A . n 
A 1 44  VAL 44  48  48  VAL VAL A . n 
A 1 45  GLN 45  49  49  GLN GLN A . n 
A 1 46  ASP 46  50  50  ASP ASP A . n 
A 1 47  PRO 47  51  51  PRO PRO A . n 
A 1 48  ALA 48  52  52  ALA ALA A . n 
A 1 49  ARG 49  53  53  ARG ARG A . n 
A 1 50  ARG 50  54  54  ARG ARG A . n 
A 1 51  LEU 51  55  55  LEU LEU A . n 
A 1 52  THR 52  56  56  THR THR A . n 
A 1 53  GLU 53  57  57  GLU GLU A . n 
A 1 54  ALA 54  58  58  ALA ALA A . n 
A 1 55  ASP 55  59  59  ASP ASP A . n 
A 1 56  LEU 56  60  60  LEU LEU A . n 
A 1 57  LYS 57  61  61  LYS LYS A . n 
A 1 58  GLY 58  62  62  GLY GLY A . n 
A 1 59  LYS 59  63  63  LYS LYS A . n 
A 1 60  PRO 60  64  64  PRO PRO A . n 
A 1 61  ALA 61  65  65  ALA ALA A . n 
A 1 62  LEU 62  66  66  LEU LEU A . n 
A 1 63  VAL 63  67  67  VAL VAL A . n 
A 1 64  ASN 64  68  68  ASN ASN A . n 
A 1 65  VAL 65  69  69  VAL VAL A . n 
A 1 66  TRP 66  70  70  TRP TRP A . n 
A 1 67  GLY 67  71  71  GLY GLY A . n 
A 1 68  THR 68  72  72  THR THR A . n 
A 1 69  TRP 69  73  73  TRP TRP A . n 
A 1 70  CYS 70  74  74  CYS CYS A . n 
A 1 71  PRO 71  75  75  PRO PRO A . n 
A 1 72  SER 72  76  76  SER SER A . n 
A 1 73  CYS 73  77  77  CYS CYS A . n 
A 1 74  ARG 74  78  78  ARG ARG A . n 
A 1 75  VAL 75  79  79  VAL VAL A . n 
A 1 76  GLU 76  80  80  GLU GLU A . n 
A 1 77  HIS 77  81  81  HIS HIS A . n 
A 1 78  PRO 78  82  82  PRO PRO A . n 
A 1 79  GLU 79  83  83  GLU GLU A . n 
A 1 80  LEU 80  84  84  LEU LEU A . n 
A 1 81  THR 81  85  85  THR THR A . n 
A 1 82  ARG 82  86  86  ARG ARG A . n 
A 1 83  LEU 83  87  87  LEU LEU A . n 
A 1 84  ALA 84  88  88  ALA ALA A . n 
A 1 85  GLU 85  89  89  GLU GLU A . n 
A 1 86  GLN 86  90  90  GLN GLN A . n 
A 1 87  GLY 87  91  91  GLY GLY A . n 
A 1 88  VAL 88  92  92  VAL VAL A . n 
A 1 89  VAL 89  93  93  VAL VAL A . n 
A 1 90  ILE 90  94  94  ILE ILE A . n 
A 1 91  TYR 91  95  95  TYR TYR A . n 
A 1 92  GLY 92  96  96  GLY GLY A . n 
A 1 93  ILE 93  97  97  ILE ILE A . n 
A 1 94  ASN 94  98  98  ASN ASN A . n 
A 1 95  TYR 95  99  99  TYR TYR A . n 
A 1 96  LYS 96  100 100 LYS LYS A . n 
A 1 97  ASP 97  101 101 ASP ASP A . n 
A 1 98  ASP 98  102 102 ASP ASP A . n 
A 1 99  ASN 99  103 103 ASN ASN A . n 
A 1 100 ALA 100 104 104 ALA ALA A . n 
A 1 101 ALA 101 105 105 ALA ALA A . n 
A 1 102 ALA 102 106 106 ALA ALA A . n 
A 1 103 ILE 103 107 107 ILE ILE A . n 
A 1 104 LYS 104 108 108 LYS LYS A . n 
A 1 105 TRP 105 109 109 TRP TRP A . n 
A 1 106 LEU 106 110 110 LEU LEU A . n 
A 1 107 ASN 107 111 111 ASN ASN A . n 
A 1 108 GLU 108 112 112 GLU ALA A . n 
A 1 109 LEU 109 113 113 LEU LEU A . n 
A 1 110 HIS 110 114 114 HIS ALA A . n 
A 1 111 ASN 111 115 115 ASN ASN A . n 
A 1 112 PRO 112 116 116 PRO PRO A . n 
A 1 113 TYR 113 117 117 TYR TYR A . n 
A 1 114 LEU 114 118 118 LEU LEU A . n 
A 1 115 LEU 115 119 119 LEU LEU A . n 
A 1 116 SER 116 120 120 SER SER A . n 
A 1 117 ILE 117 121 121 ILE ILE A . n 
A 1 118 SER 118 122 122 SER SER A . n 
A 1 119 ASP 119 123 123 ASP ASP A . n 
A 1 120 ALA 120 124 124 ALA ALA A . n 
A 1 121 ASP 121 125 125 ASP ASP A . n 
A 1 122 GLY 122 126 126 GLY GLY A . n 
A 1 123 THR 123 127 127 THR THR A . n 
A 1 124 LEU 124 128 128 LEU LEU A . n 
A 1 125 GLY 125 129 129 GLY GLY A . n 
A 1 126 LEU 126 130 130 LEU LEU A . n 
A 1 127 ASP 127 131 131 ASP ASP A . n 
A 1 128 LEU 128 132 132 LEU LEU A . n 
A 1 129 GLY 129 133 133 GLY GLY A . n 
A 1 130 VAL 130 134 134 VAL VAL A . n 
A 1 131 TYR 131 135 135 TYR TYR A . n 
A 1 132 GLY 132 136 136 GLY GLY A . n 
A 1 133 ALA 133 137 137 ALA ALA A . n 
A 1 134 PRO 134 138 138 PRO PRO A . n 
A 1 135 GLU 135 139 139 GLU GLU A . n 
A 1 136 THR 136 140 140 THR THR A . n 
A 1 137 TYR 137 141 141 TYR TYR A . n 
A 1 138 LEU 138 142 142 LEU LEU A . n 
A 1 139 ILE 139 143 143 ILE ILE A . n 
A 1 140 ASP 140 144 144 ASP ASP A . n 
A 1 141 LYS 141 145 145 LYS ALA A . n 
A 1 142 GLN 142 146 146 GLN GLN A . n 
A 1 143 GLY 143 147 147 GLY GLY A . n 
A 1 144 ILE 144 148 148 ILE ILE A . n 
A 1 145 ILE 145 149 149 ILE ILE A . n 
A 1 146 ARG 146 150 150 ARG ARG A . n 
A 1 147 HIS 147 151 151 HIS HIS A . n 
A 1 148 LYS 148 152 152 LYS LYS A . n 
A 1 149 ILE 149 153 153 ILE ILE A . n 
A 1 150 VAL 150 154 154 VAL VAL A . n 
A 1 151 GLY 151 155 155 GLY GLY A . n 
A 1 152 VAL 152 156 156 VAL VAL A . n 
A 1 153 VAL 153 157 157 VAL VAL A . n 
A 1 154 ASP 154 158 158 ASP ASP A . n 
A 1 155 GLN 155 159 159 GLN GLN A . n 
A 1 156 LYS 156 160 160 LYS ALA A . n 
A 1 157 VAL 157 161 161 VAL VAL A . n 
A 1 158 TRP 158 162 162 TRP TRP A . n 
A 1 159 ARG 159 163 163 ARG ARG A . n 
A 1 160 GLU 160 164 164 GLU GLU A . n 
A 1 161 GLN 161 165 165 GLN GLN A . n 
A 1 162 LEU 162 166 166 LEU LEU A . n 
A 1 163 ALA 163 167 167 ALA ALA A . n 
A 1 164 PRO 164 168 168 PRO PRO A . n 
A 1 165 LEU 165 169 169 LEU LEU A . n 
A 1 166 TYR 166 170 170 TYR TYR A . n 
A 1 167 GLN 167 171 171 GLN GLN A . n 
A 1 168 GLN 168 172 172 GLN ALA A . n 
A 1 169 LEU 169 173 173 LEU LEU A . n 
A 1 170 LEU 170 174 174 LEU LEU A . n 
A 1 171 ASP 171 175 175 ASP ASP A . n 
A 1 172 GLU 172 176 ?   ?   ?   A . n 
A 1 173 PRO 173 177 ?   ?   ?   A . n 
A 1 174 GLU 174 178 ?   ?   ?   A . n 
A 1 175 ALA 175 179 ?   ?   ?   A . n 
A 1 176 ARG 176 180 ?   ?   ?   A . n 
# 
loop_
_pdbx_nonpoly_scheme.asym_id 
_pdbx_nonpoly_scheme.entity_id 
_pdbx_nonpoly_scheme.mon_id 
_pdbx_nonpoly_scheme.ndb_seq_num 
_pdbx_nonpoly_scheme.pdb_seq_num 
_pdbx_nonpoly_scheme.auth_seq_num 
_pdbx_nonpoly_scheme.pdb_mon_id 
_pdbx_nonpoly_scheme.auth_mon_id 
_pdbx_nonpoly_scheme.pdb_strand_id 
_pdbx_nonpoly_scheme.pdb_ins_code 
B 2 HOH 1   1   1   HOH HOH A . 
B 2 HOH 2   2   2   HOH HOH A . 
B 2 HOH 3   3   3   HOH HOH A . 
B 2 HOH 4   4   4   HOH HOH A . 
B 2 HOH 5   181 5   HOH HOH A . 
B 2 HOH 6   182 6   HOH HOH A . 
B 2 HOH 7   183 7   HOH HOH A . 
B 2 HOH 8   184 8   HOH HOH A . 
B 2 HOH 9   185 9   HOH HOH A . 
B 2 HOH 10  186 10  HOH HOH A . 
B 2 HOH 11  187 11  HOH HOH A . 
B 2 HOH 12  188 12  HOH HOH A . 
B 2 HOH 13  189 13  HOH HOH A . 
B 2 HOH 14  190 14  HOH HOH A . 
B 2 HOH 15  191 15  HOH HOH A . 
B 2 HOH 16  192 16  HOH HOH A . 
B 2 HOH 17  193 17  HOH HOH A . 
B 2 HOH 18  194 18  HOH HOH A . 
B 2 HOH 19  195 19  HOH HOH A . 
B 2 HOH 20  196 20  HOH HOH A . 
B 2 HOH 21  197 21  HOH HOH A . 
B 2 HOH 22  198 22  HOH HOH A . 
B 2 HOH 23  199 23  HOH HOH A . 
B 2 HOH 24  200 24  HOH HOH A . 
B 2 HOH 25  201 25  HOH HOH A . 
B 2 HOH 26  202 26  HOH HOH A . 
B 2 HOH 27  203 27  HOH HOH A . 
B 2 HOH 28  204 28  HOH HOH A . 
B 2 HOH 29  205 29  HOH HOH A . 
B 2 HOH 30  206 30  HOH HOH A . 
B 2 HOH 31  207 31  HOH HOH A . 
B 2 HOH 32  208 32  HOH HOH A . 
B 2 HOH 33  209 33  HOH HOH A . 
B 2 HOH 34  210 34  HOH HOH A . 
B 2 HOH 35  211 35  HOH HOH A . 
B 2 HOH 36  212 36  HOH HOH A . 
B 2 HOH 37  213 37  HOH HOH A . 
B 2 HOH 38  214 38  HOH HOH A . 
B 2 HOH 39  215 39  HOH HOH A . 
B 2 HOH 40  216 40  HOH HOH A . 
B 2 HOH 41  217 41  HOH HOH A . 
B 2 HOH 42  218 42  HOH HOH A . 
B 2 HOH 43  219 43  HOH HOH A . 
B 2 HOH 44  220 44  HOH HOH A . 
B 2 HOH 45  221 45  HOH HOH A . 
B 2 HOH 46  222 46  HOH HOH A . 
B 2 HOH 47  223 47  HOH HOH A . 
B 2 HOH 48  224 48  HOH HOH A . 
B 2 HOH 49  225 49  HOH HOH A . 
B 2 HOH 50  226 50  HOH HOH A . 
B 2 HOH 51  227 51  HOH HOH A . 
B 2 HOH 52  228 52  HOH HOH A . 
B 2 HOH 53  229 53  HOH HOH A . 
B 2 HOH 54  230 54  HOH HOH A . 
B 2 HOH 55  231 55  HOH HOH A . 
B 2 HOH 56  232 56  HOH HOH A . 
B 2 HOH 57  233 57  HOH HOH A . 
B 2 HOH 58  234 58  HOH HOH A . 
B 2 HOH 59  235 59  HOH HOH A . 
B 2 HOH 60  236 60  HOH HOH A . 
B 2 HOH 61  237 61  HOH HOH A . 
B 2 HOH 62  238 62  HOH HOH A . 
B 2 HOH 63  239 63  HOH HOH A . 
B 2 HOH 64  240 64  HOH HOH A . 
B 2 HOH 65  241 65  HOH HOH A . 
B 2 HOH 66  242 67  HOH HOH A . 
B 2 HOH 67  243 68  HOH HOH A . 
B 2 HOH 68  244 69  HOH HOH A . 
B 2 HOH 69  245 70  HOH HOH A . 
B 2 HOH 70  246 71  HOH HOH A . 
B 2 HOH 71  247 72  HOH HOH A . 
B 2 HOH 72  248 73  HOH HOH A . 
B 2 HOH 73  249 74  HOH HOH A . 
B 2 HOH 74  250 75  HOH HOH A . 
B 2 HOH 75  251 76  HOH HOH A . 
B 2 HOH 76  252 79  HOH HOH A . 
B 2 HOH 77  253 80  HOH HOH A . 
B 2 HOH 78  254 81  HOH HOH A . 
B 2 HOH 79  255 82  HOH HOH A . 
B 2 HOH 80  256 83  HOH HOH A . 
B 2 HOH 81  257 84  HOH HOH A . 
B 2 HOH 82  258 85  HOH HOH A . 
B 2 HOH 83  259 86  HOH HOH A . 
B 2 HOH 84  260 87  HOH HOH A . 
B 2 HOH 85  261 88  HOH HOH A . 
B 2 HOH 86  262 89  HOH HOH A . 
B 2 HOH 87  263 93  HOH HOH A . 
B 2 HOH 88  264 94  HOH HOH A . 
B 2 HOH 89  265 95  HOH HOH A . 
B 2 HOH 90  266 96  HOH HOH A . 
B 2 HOH 91  267 97  HOH HOH A . 
B 2 HOH 92  268 98  HOH HOH A . 
B 2 HOH 93  269 99  HOH HOH A . 
B 2 HOH 94  270 100 HOH HOH A . 
B 2 HOH 95  271 101 HOH HOH A . 
B 2 HOH 96  272 102 HOH HOH A . 
B 2 HOH 97  273 103 HOH HOH A . 
B 2 HOH 98  274 104 HOH HOH A . 
B 2 HOH 99  275 105 HOH HOH A . 
B 2 HOH 100 276 107 HOH HOH A . 
B 2 HOH 101 277 108 HOH HOH A . 
B 2 HOH 102 278 109 HOH HOH A . 
B 2 HOH 103 279 110 HOH HOH A . 
B 2 HOH 104 280 111 HOH HOH A . 
B 2 HOH 105 281 114 HOH HOH A . 
B 2 HOH 106 282 115 HOH HOH A . 
B 2 HOH 107 283 116 HOH HOH A . 
B 2 HOH 108 284 117 HOH HOH A . 
B 2 HOH 109 285 118 HOH HOH A . 
B 2 HOH 110 286 119 HOH HOH A . 
B 2 HOH 111 287 121 HOH HOH A . 
B 2 HOH 112 288 122 HOH HOH A . 
B 2 HOH 113 289 123 HOH HOH A . 
B 2 HOH 114 290 124 HOH HOH A . 
B 2 HOH 115 291 125 HOH HOH A . 
B 2 HOH 116 292 126 HOH HOH A . 
B 2 HOH 117 293 128 HOH HOH A . 
B 2 HOH 118 294 129 HOH HOH A . 
B 2 HOH 119 295 130 HOH HOH A . 
B 2 HOH 120 296 132 HOH HOH A . 
B 2 HOH 121 297 134 HOH HOH A . 
B 2 HOH 122 298 135 HOH HOH A . 
B 2 HOH 123 299 136 HOH HOH A . 
B 2 HOH 124 300 137 HOH HOH A . 
B 2 HOH 125 301 138 HOH HOH A . 
B 2 HOH 126 302 140 HOH HOH A . 
B 2 HOH 127 303 141 HOH HOH A . 
B 2 HOH 128 304 144 HOH HOH A . 
B 2 HOH 129 305 148 HOH HOH A . 
B 2 HOH 130 306 151 HOH HOH A . 
B 2 HOH 131 307 152 HOH HOH A . 
B 2 HOH 132 308 153 HOH HOH A . 
B 2 HOH 133 309 158 HOH HOH A . 
B 2 HOH 134 310 159 HOH HOH A . 
B 2 HOH 135 311 161 HOH HOH A . 
B 2 HOH 136 312 162 HOH HOH A . 
B 2 HOH 137 313 163 HOH HOH A . 
B 2 HOH 138 314 164 HOH HOH A . 
B 2 HOH 139 315 165 HOH HOH A . 
B 2 HOH 140 316 167 HOH HOH A . 
B 2 HOH 141 317 168 HOH HOH A . 
B 2 HOH 142 318 170 HOH HOH A . 
B 2 HOH 143 319 172 HOH HOH A . 
B 2 HOH 144 320 173 HOH HOH A . 
B 2 HOH 145 321 174 HOH HOH A . 
# 
_pdbx_struct_assembly.id                   1 
_pdbx_struct_assembly.details              author_and_software_defined_assembly 
_pdbx_struct_assembly.method_details       PISA 
_pdbx_struct_assembly.oligomeric_details   monomeric 
_pdbx_struct_assembly.oligomeric_count     1 
# 
_pdbx_struct_assembly_gen.assembly_id       1 
_pdbx_struct_assembly_gen.oper_expression   1 
_pdbx_struct_assembly_gen.asym_id_list      A,B 
# 
_pdbx_struct_oper_list.id                   1 
_pdbx_struct_oper_list.type                 'identity operation' 
_pdbx_struct_oper_list.name                 1_555 
_pdbx_struct_oper_list.symmetry_operation   x,y,z 
_pdbx_struct_oper_list.matrix[1][1]         1.0000000000 
_pdbx_struct_oper_list.matrix[1][2]         0.0000000000 
_pdbx_struct_oper_list.matrix[1][3]         0.0000000000 
_pdbx_struct_oper_list.vector[1]            0.0000000000 
_pdbx_struct_oper_list.matrix[2][1]         0.0000000000 
_pdbx_struct_oper_list.matrix[2][2]         1.0000000000 
_pdbx_struct_oper_list.matrix[2][3]         0.0000000000 
_pdbx_struct_oper_list.vector[2]            0.0000000000 
_pdbx_struct_oper_list.matrix[3][1]         0.0000000000 
_pdbx_struct_oper_list.matrix[3][2]         0.0000000000 
_pdbx_struct_oper_list.matrix[3][3]         1.0000000000 
_pdbx_struct_oper_list.vector[3]            0.0000000000 
# 
loop_
_pdbx_audit_revision_history.ordinal 
_pdbx_audit_revision_history.data_content_type 
_pdbx_audit_revision_history.major_revision 
_pdbx_audit_revision_history.minor_revision 
_pdbx_audit_revision_history.revision_date 
1 'Structure model' 1 0 2010-04-07 
2 'Structure model' 1 1 2011-07-13 
3 'Structure model' 1 2 2017-11-01 
4 'Structure model' 1 3 2023-09-06 
# 
_pdbx_audit_revision_details.ordinal             1 
_pdbx_audit_revision_details.revision_ordinal    1 
_pdbx_audit_revision_details.data_content_type   'Structure model' 
_pdbx_audit_revision_details.provider            repository 
_pdbx_audit_revision_details.type                'Initial release' 
_pdbx_audit_revision_details.description         ? 
_pdbx_audit_revision_details.details             ? 
# 
loop_
_pdbx_audit_revision_group.ordinal 
_pdbx_audit_revision_group.revision_ordinal 
_pdbx_audit_revision_group.data_content_type 
_pdbx_audit_revision_group.group 
1 2 'Structure model' 'Version format compliance' 
2 3 'Structure model' Advisory                    
3 3 'Structure model' 'Refinement description'    
4 4 'Structure model' Advisory                    
5 4 'Structure model' 'Data collection'           
6 4 'Structure model' 'Database references'       
7 4 'Structure model' 'Refinement description'    
# 
loop_
_pdbx_audit_revision_category.ordinal 
_pdbx_audit_revision_category.revision_ordinal 
_pdbx_audit_revision_category.data_content_type 
_pdbx_audit_revision_category.category 
1 3 'Structure model' pdbx_unobs_or_zero_occ_atoms  
2 3 'Structure model' software                      
3 4 'Structure model' chem_comp_atom                
4 4 'Structure model' chem_comp_bond                
5 4 'Structure model' database_2                    
6 4 'Structure model' pdbx_initial_refinement_model 
7 4 'Structure model' pdbx_unobs_or_zero_occ_atoms  
8 4 'Structure model' struct_ref_seq_dif            
# 
loop_
_pdbx_audit_revision_item.ordinal 
_pdbx_audit_revision_item.revision_ordinal 
_pdbx_audit_revision_item.data_content_type 
_pdbx_audit_revision_item.item 
1 4 'Structure model' '_database_2.pdbx_DOI'                
2 4 'Structure model' '_database_2.pdbx_database_accession' 
3 4 'Structure model' '_struct_ref_seq_dif.details'         
# 
loop_
_software.pdbx_ordinal 
_software.name 
_software.version 
_software.date 
_software.type 
_software.contact_author 
_software.contact_author_email 
_software.classification 
_software.location 
_software.language 
_software.citation_id 
1 MOSFLM      .        ?               package 'Andrew G.W. Leslie' andrew@mrc-lmb.cam.ac.uk 'data reduction'  
http://www.mrc-lmb.cam.ac.uk/harry/mosflm/   ?          ? 
2 DENZO       .        ?               package 'Zbyszek Otwinowski' hkl@hkl-xray.com         'data reduction'  
http://www.hkl-xray.com/                     ?          ? 
3 SCALEPACK   .        ?               package 'Zbyszek Otwinowski' hkl@hkl-xray.com         'data scaling'    
http://www.hkl-xray.com/                     ?          ? 
4 REFMAC      5.2.0005 ?               program 'Garib N. Murshudov' garib@ysbl.york.ac.uk    refinement        
http://www.ccp4.ac.uk/dist/html/refmac5.html Fortran_77 ? 
5 PDB_EXTRACT 3.005    'June 11, 2008' package PDB                  help@deposit.rcsb.org    'data extraction' 
http://sw-tools.pdb.org/apps/PDB_EXTRACT/    C++        ? 
6 ADSC        Quantum  ?               ?       ?                    ?                        'data collection' ? ?          ? 
7 MOLREP      .        ?               ?       ?                    ?                        phasing           ? ?          ? 
# 
_pdbx_validate_torsion.id              1 
_pdbx_validate_torsion.PDB_model_num   1 
_pdbx_validate_torsion.auth_comp_id    ASP 
_pdbx_validate_torsion.auth_asym_id    A 
_pdbx_validate_torsion.auth_seq_id     123 
_pdbx_validate_torsion.PDB_ins_code    ? 
_pdbx_validate_torsion.label_alt_id    ? 
_pdbx_validate_torsion.phi             -104.18 
_pdbx_validate_torsion.psi             65.95 
# 
loop_
_pdbx_unobs_or_zero_occ_atoms.id 
_pdbx_unobs_or_zero_occ_atoms.PDB_model_num 
_pdbx_unobs_or_zero_occ_atoms.polymer_flag 
_pdbx_unobs_or_zero_occ_atoms.occupancy_flag 
_pdbx_unobs_or_zero_occ_atoms.auth_asym_id 
_pdbx_unobs_or_zero_occ_atoms.auth_comp_id 
_pdbx_unobs_or_zero_occ_atoms.auth_seq_id 
_pdbx_unobs_or_zero_occ_atoms.PDB_ins_code 
_pdbx_unobs_or_zero_occ_atoms.auth_atom_id 
_pdbx_unobs_or_zero_occ_atoms.label_alt_id 
_pdbx_unobs_or_zero_occ_atoms.label_asym_id 
_pdbx_unobs_or_zero_occ_atoms.label_comp_id 
_pdbx_unobs_or_zero_occ_atoms.label_seq_id 
_pdbx_unobs_or_zero_occ_atoms.label_atom_id 
1  1 Y 0 A LYS 38  ? CD  ? A LYS 34  CD  
2  1 Y 0 A LYS 38  ? CE  ? A LYS 34  CE  
3  1 Y 0 A LYS 38  ? NZ  ? A LYS 34  NZ  
4  1 Y 0 A LYS 108 ? CE  ? A LYS 104 CE  
5  1 Y 0 A LYS 108 ? NZ  ? A LYS 104 NZ  
6  1 Y 1 A GLU 112 ? CG  ? A GLU 108 CG  
7  1 Y 1 A GLU 112 ? CD  ? A GLU 108 CD  
8  1 Y 1 A GLU 112 ? OE1 ? A GLU 108 OE1 
9  1 Y 1 A GLU 112 ? OE2 ? A GLU 108 OE2 
10 1 Y 1 A HIS 114 ? CG  ? A HIS 110 CG  
11 1 Y 1 A HIS 114 ? ND1 ? A HIS 110 ND1 
12 1 Y 1 A HIS 114 ? CD2 ? A HIS 110 CD2 
13 1 Y 1 A HIS 114 ? CE1 ? A HIS 110 CE1 
14 1 Y 1 A HIS 114 ? NE2 ? A HIS 110 NE2 
15 1 Y 1 A LYS 145 ? CG  ? A LYS 141 CG  
16 1 Y 1 A LYS 145 ? CD  ? A LYS 141 CD  
17 1 Y 1 A LYS 145 ? CE  ? A LYS 141 CE  
18 1 Y 1 A LYS 145 ? NZ  ? A LYS 141 NZ  
19 1 Y 1 A LYS 160 ? CG  ? A LYS 156 CG  
20 1 Y 1 A LYS 160 ? CD  ? A LYS 156 CD  
21 1 Y 1 A LYS 160 ? CE  ? A LYS 156 CE  
22 1 Y 1 A LYS 160 ? NZ  ? A LYS 156 NZ  
23 1 Y 1 A GLN 172 ? CG  ? A GLN 168 CG  
24 1 Y 1 A GLN 172 ? CD  ? A GLN 168 CD  
25 1 Y 1 A GLN 172 ? OE1 ? A GLN 168 OE1 
26 1 Y 1 A GLN 172 ? NE2 ? A GLN 168 NE2 
27 1 Y 1 A ASP 175 ? CG  ? A ASP 171 CG  
28 1 Y 1 A ASP 175 ? OD1 ? A ASP 171 OD1 
29 1 Y 1 A ASP 175 ? OD2 ? A ASP 171 OD2 
# 
loop_
_pdbx_unobs_or_zero_occ_residues.id 
_pdbx_unobs_or_zero_occ_residues.PDB_model_num 
_pdbx_unobs_or_zero_occ_residues.polymer_flag 
_pdbx_unobs_or_zero_occ_residues.occupancy_flag 
_pdbx_unobs_or_zero_occ_residues.auth_asym_id 
_pdbx_unobs_or_zero_occ_residues.auth_comp_id 
_pdbx_unobs_or_zero_occ_residues.auth_seq_id 
_pdbx_unobs_or_zero_occ_residues.PDB_ins_code 
_pdbx_unobs_or_zero_occ_residues.label_asym_id 
_pdbx_unobs_or_zero_occ_residues.label_comp_id 
_pdbx_unobs_or_zero_occ_residues.label_seq_id 
1  1 Y 1 A MET 5   ? A MET 1   
2  1 Y 1 A GLY 6   ? A GLY 2   
3  1 Y 1 A SER 7   ? A SER 3   
4  1 Y 1 A SER 8   ? A SER 4   
5  1 Y 1 A HIS 9   ? A HIS 5   
6  1 Y 1 A HIS 10  ? A HIS 6   
7  1 Y 1 A HIS 11  ? A HIS 7   
8  1 Y 1 A HIS 12  ? A HIS 8   
9  1 Y 1 A HIS 13  ? A HIS 9   
10 1 Y 1 A HIS 14  ? A HIS 10  
11 1 Y 1 A SER 15  ? A SER 11  
12 1 Y 1 A SER 16  ? A SER 12  
13 1 Y 1 A GLY 17  ? A GLY 13  
14 1 Y 1 A LEU 18  ? A LEU 14  
15 1 Y 1 A GLU 176 ? A GLU 172 
16 1 Y 1 A PRO 177 ? A PRO 173 
17 1 Y 1 A GLU 178 ? A GLU 174 
18 1 Y 1 A ALA 179 ? A ALA 175 
19 1 Y 1 A ARG 180 ? A ARG 176 
# 
loop_
_chem_comp_atom.comp_id 
_chem_comp_atom.atom_id 
_chem_comp_atom.type_symbol 
_chem_comp_atom.pdbx_aromatic_flag 
_chem_comp_atom.pdbx_stereo_config 
_chem_comp_atom.pdbx_ordinal 
ALA N    N N N 1   
ALA CA   C N S 2   
ALA C    C N N 3   
ALA O    O N N 4   
ALA CB   C N N 5   
ALA OXT  O N N 6   
ALA H    H N N 7   
ALA H2   H N N 8   
ALA HA   H N N 9   
ALA HB1  H N N 10  
ALA HB2  H N N 11  
ALA HB3  H N N 12  
ALA HXT  H N N 13  
ARG N    N N N 14  
ARG CA   C N S 15  
ARG C    C N N 16  
ARG O    O N N 17  
ARG CB   C N N 18  
ARG CG   C N N 19  
ARG CD   C N N 20  
ARG NE   N N N 21  
ARG CZ   C N N 22  
ARG NH1  N N N 23  
ARG NH2  N N N 24  
ARG OXT  O N N 25  
ARG H    H N N 26  
ARG H2   H N N 27  
ARG HA   H N N 28  
ARG HB2  H N N 29  
ARG HB3  H N N 30  
ARG HG2  H N N 31  
ARG HG3  H N N 32  
ARG HD2  H N N 33  
ARG HD3  H N N 34  
ARG HE   H N N 35  
ARG HH11 H N N 36  
ARG HH12 H N N 37  
ARG HH21 H N N 38  
ARG HH22 H N N 39  
ARG HXT  H N N 40  
ASN N    N N N 41  
ASN CA   C N S 42  
ASN C    C N N 43  
ASN O    O N N 44  
ASN CB   C N N 45  
ASN CG   C N N 46  
ASN OD1  O N N 47  
ASN ND2  N N N 48  
ASN OXT  O N N 49  
ASN H    H N N 50  
ASN H2   H N N 51  
ASN HA   H N N 52  
ASN HB2  H N N 53  
ASN HB3  H N N 54  
ASN HD21 H N N 55  
ASN HD22 H N N 56  
ASN HXT  H N N 57  
ASP N    N N N 58  
ASP CA   C N S 59  
ASP C    C N N 60  
ASP O    O N N 61  
ASP CB   C N N 62  
ASP CG   C N N 63  
ASP OD1  O N N 64  
ASP OD2  O N N 65  
ASP OXT  O N N 66  
ASP H    H N N 67  
ASP H2   H N N 68  
ASP HA   H N N 69  
ASP HB2  H N N 70  
ASP HB3  H N N 71  
ASP HD2  H N N 72  
ASP HXT  H N N 73  
CYS N    N N N 74  
CYS CA   C N R 75  
CYS C    C N N 76  
CYS O    O N N 77  
CYS CB   C N N 78  
CYS SG   S N N 79  
CYS OXT  O N N 80  
CYS H    H N N 81  
CYS H2   H N N 82  
CYS HA   H N N 83  
CYS HB2  H N N 84  
CYS HB3  H N N 85  
CYS HG   H N N 86  
CYS HXT  H N N 87  
GLN N    N N N 88  
GLN CA   C N S 89  
GLN C    C N N 90  
GLN O    O N N 91  
GLN CB   C N N 92  
GLN CG   C N N 93  
GLN CD   C N N 94  
GLN OE1  O N N 95  
GLN NE2  N N N 96  
GLN OXT  O N N 97  
GLN H    H N N 98  
GLN H2   H N N 99  
GLN HA   H N N 100 
GLN HB2  H N N 101 
GLN HB3  H N N 102 
GLN HG2  H N N 103 
GLN HG3  H N N 104 
GLN HE21 H N N 105 
GLN HE22 H N N 106 
GLN HXT  H N N 107 
GLU N    N N N 108 
GLU CA   C N S 109 
GLU C    C N N 110 
GLU O    O N N 111 
GLU CB   C N N 112 
GLU CG   C N N 113 
GLU CD   C N N 114 
GLU OE1  O N N 115 
GLU OE2  O N N 116 
GLU OXT  O N N 117 
GLU H    H N N 118 
GLU H2   H N N 119 
GLU HA   H N N 120 
GLU HB2  H N N 121 
GLU HB3  H N N 122 
GLU HG2  H N N 123 
GLU HG3  H N N 124 
GLU HE2  H N N 125 
GLU HXT  H N N 126 
GLY N    N N N 127 
GLY CA   C N N 128 
GLY C    C N N 129 
GLY O    O N N 130 
GLY OXT  O N N 131 
GLY H    H N N 132 
GLY H2   H N N 133 
GLY HA2  H N N 134 
GLY HA3  H N N 135 
GLY HXT  H N N 136 
HIS N    N N N 137 
HIS CA   C N S 138 
HIS C    C N N 139 
HIS O    O N N 140 
HIS CB   C N N 141 
HIS CG   C Y N 142 
HIS ND1  N Y N 143 
HIS CD2  C Y N 144 
HIS CE1  C Y N 145 
HIS NE2  N Y N 146 
HIS OXT  O N N 147 
HIS H    H N N 148 
HIS H2   H N N 149 
HIS HA   H N N 150 
HIS HB2  H N N 151 
HIS HB3  H N N 152 
HIS HD1  H N N 153 
HIS HD2  H N N 154 
HIS HE1  H N N 155 
HIS HE2  H N N 156 
HIS HXT  H N N 157 
HOH O    O N N 158 
HOH H1   H N N 159 
HOH H2   H N N 160 
ILE N    N N N 161 
ILE CA   C N S 162 
ILE C    C N N 163 
ILE O    O N N 164 
ILE CB   C N S 165 
ILE CG1  C N N 166 
ILE CG2  C N N 167 
ILE CD1  C N N 168 
ILE OXT  O N N 169 
ILE H    H N N 170 
ILE H2   H N N 171 
ILE HA   H N N 172 
ILE HB   H N N 173 
ILE HG12 H N N 174 
ILE HG13 H N N 175 
ILE HG21 H N N 176 
ILE HG22 H N N 177 
ILE HG23 H N N 178 
ILE HD11 H N N 179 
ILE HD12 H N N 180 
ILE HD13 H N N 181 
ILE HXT  H N N 182 
LEU N    N N N 183 
LEU CA   C N S 184 
LEU C    C N N 185 
LEU O    O N N 186 
LEU CB   C N N 187 
LEU CG   C N N 188 
LEU CD1  C N N 189 
LEU CD2  C N N 190 
LEU OXT  O N N 191 
LEU H    H N N 192 
LEU H2   H N N 193 
LEU HA   H N N 194 
LEU HB2  H N N 195 
LEU HB3  H N N 196 
LEU HG   H N N 197 
LEU HD11 H N N 198 
LEU HD12 H N N 199 
LEU HD13 H N N 200 
LEU HD21 H N N 201 
LEU HD22 H N N 202 
LEU HD23 H N N 203 
LEU HXT  H N N 204 
LYS N    N N N 205 
LYS CA   C N S 206 
LYS C    C N N 207 
LYS O    O N N 208 
LYS CB   C N N 209 
LYS CG   C N N 210 
LYS CD   C N N 211 
LYS CE   C N N 212 
LYS NZ   N N N 213 
LYS OXT  O N N 214 
LYS H    H N N 215 
LYS H2   H N N 216 
LYS HA   H N N 217 
LYS HB2  H N N 218 
LYS HB3  H N N 219 
LYS HG2  H N N 220 
LYS HG3  H N N 221 
LYS HD2  H N N 222 
LYS HD3  H N N 223 
LYS HE2  H N N 224 
LYS HE3  H N N 225 
LYS HZ1  H N N 226 
LYS HZ2  H N N 227 
LYS HZ3  H N N 228 
LYS HXT  H N N 229 
MET N    N N N 230 
MET CA   C N S 231 
MET C    C N N 232 
MET O    O N N 233 
MET CB   C N N 234 
MET CG   C N N 235 
MET SD   S N N 236 
MET CE   C N N 237 
MET OXT  O N N 238 
MET H    H N N 239 
MET H2   H N N 240 
MET HA   H N N 241 
MET HB2  H N N 242 
MET HB3  H N N 243 
MET HG2  H N N 244 
MET HG3  H N N 245 
MET HE1  H N N 246 
MET HE2  H N N 247 
MET HE3  H N N 248 
MET HXT  H N N 249 
PHE N    N N N 250 
PHE CA   C N S 251 
PHE C    C N N 252 
PHE O    O N N 253 
PHE CB   C N N 254 
PHE CG   C Y N 255 
PHE CD1  C Y N 256 
PHE CD2  C Y N 257 
PHE CE1  C Y N 258 
PHE CE2  C Y N 259 
PHE CZ   C Y N 260 
PHE OXT  O N N 261 
PHE H    H N N 262 
PHE H2   H N N 263 
PHE HA   H N N 264 
PHE HB2  H N N 265 
PHE HB3  H N N 266 
PHE HD1  H N N 267 
PHE HD2  H N N 268 
PHE HE1  H N N 269 
PHE HE2  H N N 270 
PHE HZ   H N N 271 
PHE HXT  H N N 272 
PRO N    N N N 273 
PRO CA   C N S 274 
PRO C    C N N 275 
PRO O    O N N 276 
PRO CB   C N N 277 
PRO CG   C N N 278 
PRO CD   C N N 279 
PRO OXT  O N N 280 
PRO H    H N N 281 
PRO HA   H N N 282 
PRO HB2  H N N 283 
PRO HB3  H N N 284 
PRO HG2  H N N 285 
PRO HG3  H N N 286 
PRO HD2  H N N 287 
PRO HD3  H N N 288 
PRO HXT  H N N 289 
SER N    N N N 290 
SER CA   C N S 291 
SER C    C N N 292 
SER O    O N N 293 
SER CB   C N N 294 
SER OG   O N N 295 
SER OXT  O N N 296 
SER H    H N N 297 
SER H2   H N N 298 
SER HA   H N N 299 
SER HB2  H N N 300 
SER HB3  H N N 301 
SER HG   H N N 302 
SER HXT  H N N 303 
THR N    N N N 304 
THR CA   C N S 305 
THR C    C N N 306 
THR O    O N N 307 
THR CB   C N R 308 
THR OG1  O N N 309 
THR CG2  C N N 310 
THR OXT  O N N 311 
THR H    H N N 312 
THR H2   H N N 313 
THR HA   H N N 314 
THR HB   H N N 315 
THR HG1  H N N 316 
THR HG21 H N N 317 
THR HG22 H N N 318 
THR HG23 H N N 319 
THR HXT  H N N 320 
TRP N    N N N 321 
TRP CA   C N S 322 
TRP C    C N N 323 
TRP O    O N N 324 
TRP CB   C N N 325 
TRP CG   C Y N 326 
TRP CD1  C Y N 327 
TRP CD2  C Y N 328 
TRP NE1  N Y N 329 
TRP CE2  C Y N 330 
TRP CE3  C Y N 331 
TRP CZ2  C Y N 332 
TRP CZ3  C Y N 333 
TRP CH2  C Y N 334 
TRP OXT  O N N 335 
TRP H    H N N 336 
TRP H2   H N N 337 
TRP HA   H N N 338 
TRP HB2  H N N 339 
TRP HB3  H N N 340 
TRP HD1  H N N 341 
TRP HE1  H N N 342 
TRP HE3  H N N 343 
TRP HZ2  H N N 344 
TRP HZ3  H N N 345 
TRP HH2  H N N 346 
TRP HXT  H N N 347 
TYR N    N N N 348 
TYR CA   C N S 349 
TYR C    C N N 350 
TYR O    O N N 351 
TYR CB   C N N 352 
TYR CG   C Y N 353 
TYR CD1  C Y N 354 
TYR CD2  C Y N 355 
TYR CE1  C Y N 356 
TYR CE2  C Y N 357 
TYR CZ   C Y N 358 
TYR OH   O N N 359 
TYR OXT  O N N 360 
TYR H    H N N 361 
TYR H2   H N N 362 
TYR HA   H N N 363 
TYR HB2  H N N 364 
TYR HB3  H N N 365 
TYR HD1  H N N 366 
TYR HD2  H N N 367 
TYR HE1  H N N 368 
TYR HE2  H N N 369 
TYR HH   H N N 370 
TYR HXT  H N N 371 
VAL N    N N N 372 
VAL CA   C N S 373 
VAL C    C N N 374 
VAL O    O N N 375 
VAL CB   C N N 376 
VAL CG1  C N N 377 
VAL CG2  C N N 378 
VAL OXT  O N N 379 
VAL H    H N N 380 
VAL H2   H N N 381 
VAL HA   H N N 382 
VAL HB   H N N 383 
VAL HG11 H N N 384 
VAL HG12 H N N 385 
VAL HG13 H N N 386 
VAL HG21 H N N 387 
VAL HG22 H N N 388 
VAL HG23 H N N 389 
VAL HXT  H N N 390 
# 
loop_
_chem_comp_bond.comp_id 
_chem_comp_bond.atom_id_1 
_chem_comp_bond.atom_id_2 
_chem_comp_bond.value_order 
_chem_comp_bond.pdbx_aromatic_flag 
_chem_comp_bond.pdbx_stereo_config 
_chem_comp_bond.pdbx_ordinal 
ALA N   CA   sing N N 1   
ALA N   H    sing N N 2   
ALA N   H2   sing N N 3   
ALA CA  C    sing N N 4   
ALA CA  CB   sing N N 5   
ALA CA  HA   sing N N 6   
ALA C   O    doub N N 7   
ALA C   OXT  sing N N 8   
ALA CB  HB1  sing N N 9   
ALA CB  HB2  sing N N 10  
ALA CB  HB3  sing N N 11  
ALA OXT HXT  sing N N 12  
ARG N   CA   sing N N 13  
ARG N   H    sing N N 14  
ARG N   H2   sing N N 15  
ARG CA  C    sing N N 16  
ARG CA  CB   sing N N 17  
ARG CA  HA   sing N N 18  
ARG C   O    doub N N 19  
ARG C   OXT  sing N N 20  
ARG CB  CG   sing N N 21  
ARG CB  HB2  sing N N 22  
ARG CB  HB3  sing N N 23  
ARG CG  CD   sing N N 24  
ARG CG  HG2  sing N N 25  
ARG CG  HG3  sing N N 26  
ARG CD  NE   sing N N 27  
ARG CD  HD2  sing N N 28  
ARG CD  HD3  sing N N 29  
ARG NE  CZ   sing N N 30  
ARG NE  HE   sing N N 31  
ARG CZ  NH1  sing N N 32  
ARG CZ  NH2  doub N N 33  
ARG NH1 HH11 sing N N 34  
ARG NH1 HH12 sing N N 35  
ARG NH2 HH21 sing N N 36  
ARG NH2 HH22 sing N N 37  
ARG OXT HXT  sing N N 38  
ASN N   CA   sing N N 39  
ASN N   H    sing N N 40  
ASN N   H2   sing N N 41  
ASN CA  C    sing N N 42  
ASN CA  CB   sing N N 43  
ASN CA  HA   sing N N 44  
ASN C   O    doub N N 45  
ASN C   OXT  sing N N 46  
ASN CB  CG   sing N N 47  
ASN CB  HB2  sing N N 48  
ASN CB  HB3  sing N N 49  
ASN CG  OD1  doub N N 50  
ASN CG  ND2  sing N N 51  
ASN ND2 HD21 sing N N 52  
ASN ND2 HD22 sing N N 53  
ASN OXT HXT  sing N N 54  
ASP N   CA   sing N N 55  
ASP N   H    sing N N 56  
ASP N   H2   sing N N 57  
ASP CA  C    sing N N 58  
ASP CA  CB   sing N N 59  
ASP CA  HA   sing N N 60  
ASP C   O    doub N N 61  
ASP C   OXT  sing N N 62  
ASP CB  CG   sing N N 63  
ASP CB  HB2  sing N N 64  
ASP CB  HB3  sing N N 65  
ASP CG  OD1  doub N N 66  
ASP CG  OD2  sing N N 67  
ASP OD2 HD2  sing N N 68  
ASP OXT HXT  sing N N 69  
CYS N   CA   sing N N 70  
CYS N   H    sing N N 71  
CYS N   H2   sing N N 72  
CYS CA  C    sing N N 73  
CYS CA  CB   sing N N 74  
CYS CA  HA   sing N N 75  
CYS C   O    doub N N 76  
CYS C   OXT  sing N N 77  
CYS CB  SG   sing N N 78  
CYS CB  HB2  sing N N 79  
CYS CB  HB3  sing N N 80  
CYS SG  HG   sing N N 81  
CYS OXT HXT  sing N N 82  
GLN N   CA   sing N N 83  
GLN N   H    sing N N 84  
GLN N   H2   sing N N 85  
GLN CA  C    sing N N 86  
GLN CA  CB   sing N N 87  
GLN CA  HA   sing N N 88  
GLN C   O    doub N N 89  
GLN C   OXT  sing N N 90  
GLN CB  CG   sing N N 91  
GLN CB  HB2  sing N N 92  
GLN CB  HB3  sing N N 93  
GLN CG  CD   sing N N 94  
GLN CG  HG2  sing N N 95  
GLN CG  HG3  sing N N 96  
GLN CD  OE1  doub N N 97  
GLN CD  NE2  sing N N 98  
GLN NE2 HE21 sing N N 99  
GLN NE2 HE22 sing N N 100 
GLN OXT HXT  sing N N 101 
GLU N   CA   sing N N 102 
GLU N   H    sing N N 103 
GLU N   H2   sing N N 104 
GLU CA  C    sing N N 105 
GLU CA  CB   sing N N 106 
GLU CA  HA   sing N N 107 
GLU C   O    doub N N 108 
GLU C   OXT  sing N N 109 
GLU CB  CG   sing N N 110 
GLU CB  HB2  sing N N 111 
GLU CB  HB3  sing N N 112 
GLU CG  CD   sing N N 113 
GLU CG  HG2  sing N N 114 
GLU CG  HG3  sing N N 115 
GLU CD  OE1  doub N N 116 
GLU CD  OE2  sing N N 117 
GLU OE2 HE2  sing N N 118 
GLU OXT HXT  sing N N 119 
GLY N   CA   sing N N 120 
GLY N   H    sing N N 121 
GLY N   H2   sing N N 122 
GLY CA  C    sing N N 123 
GLY CA  HA2  sing N N 124 
GLY CA  HA3  sing N N 125 
GLY C   O    doub N N 126 
GLY C   OXT  sing N N 127 
GLY OXT HXT  sing N N 128 
HIS N   CA   sing N N 129 
HIS N   H    sing N N 130 
HIS N   H2   sing N N 131 
HIS CA  C    sing N N 132 
HIS CA  CB   sing N N 133 
HIS CA  HA   sing N N 134 
HIS C   O    doub N N 135 
HIS C   OXT  sing N N 136 
HIS CB  CG   sing N N 137 
HIS CB  HB2  sing N N 138 
HIS CB  HB3  sing N N 139 
HIS CG  ND1  sing Y N 140 
HIS CG  CD2  doub Y N 141 
HIS ND1 CE1  doub Y N 142 
HIS ND1 HD1  sing N N 143 
HIS CD2 NE2  sing Y N 144 
HIS CD2 HD2  sing N N 145 
HIS CE1 NE2  sing Y N 146 
HIS CE1 HE1  sing N N 147 
HIS NE2 HE2  sing N N 148 
HIS OXT HXT  sing N N 149 
HOH O   H1   sing N N 150 
HOH O   H2   sing N N 151 
ILE N   CA   sing N N 152 
ILE N   H    sing N N 153 
ILE N   H2   sing N N 154 
ILE CA  C    sing N N 155 
ILE CA  CB   sing N N 156 
ILE CA  HA   sing N N 157 
ILE C   O    doub N N 158 
ILE C   OXT  sing N N 159 
ILE CB  CG1  sing N N 160 
ILE CB  CG2  sing N N 161 
ILE CB  HB   sing N N 162 
ILE CG1 CD1  sing N N 163 
ILE CG1 HG12 sing N N 164 
ILE CG1 HG13 sing N N 165 
ILE CG2 HG21 sing N N 166 
ILE CG2 HG22 sing N N 167 
ILE CG2 HG23 sing N N 168 
ILE CD1 HD11 sing N N 169 
ILE CD1 HD12 sing N N 170 
ILE CD1 HD13 sing N N 171 
ILE OXT HXT  sing N N 172 
LEU N   CA   sing N N 173 
LEU N   H    sing N N 174 
LEU N   H2   sing N N 175 
LEU CA  C    sing N N 176 
LEU CA  CB   sing N N 177 
LEU CA  HA   sing N N 178 
LEU C   O    doub N N 179 
LEU C   OXT  sing N N 180 
LEU CB  CG   sing N N 181 
LEU CB  HB2  sing N N 182 
LEU CB  HB3  sing N N 183 
LEU CG  CD1  sing N N 184 
LEU CG  CD2  sing N N 185 
LEU CG  HG   sing N N 186 
LEU CD1 HD11 sing N N 187 
LEU CD1 HD12 sing N N 188 
LEU CD1 HD13 sing N N 189 
LEU CD2 HD21 sing N N 190 
LEU CD2 HD22 sing N N 191 
LEU CD2 HD23 sing N N 192 
LEU OXT HXT  sing N N 193 
LYS N   CA   sing N N 194 
LYS N   H    sing N N 195 
LYS N   H2   sing N N 196 
LYS CA  C    sing N N 197 
LYS CA  CB   sing N N 198 
LYS CA  HA   sing N N 199 
LYS C   O    doub N N 200 
LYS C   OXT  sing N N 201 
LYS CB  CG   sing N N 202 
LYS CB  HB2  sing N N 203 
LYS CB  HB3  sing N N 204 
LYS CG  CD   sing N N 205 
LYS CG  HG2  sing N N 206 
LYS CG  HG3  sing N N 207 
LYS CD  CE   sing N N 208 
LYS CD  HD2  sing N N 209 
LYS CD  HD3  sing N N 210 
LYS CE  NZ   sing N N 211 
LYS CE  HE2  sing N N 212 
LYS CE  HE3  sing N N 213 
LYS NZ  HZ1  sing N N 214 
LYS NZ  HZ2  sing N N 215 
LYS NZ  HZ3  sing N N 216 
LYS OXT HXT  sing N N 217 
MET N   CA   sing N N 218 
MET N   H    sing N N 219 
MET N   H2   sing N N 220 
MET CA  C    sing N N 221 
MET CA  CB   sing N N 222 
MET CA  HA   sing N N 223 
MET C   O    doub N N 224 
MET C   OXT  sing N N 225 
MET CB  CG   sing N N 226 
MET CB  HB2  sing N N 227 
MET CB  HB3  sing N N 228 
MET CG  SD   sing N N 229 
MET CG  HG2  sing N N 230 
MET CG  HG3  sing N N 231 
MET SD  CE   sing N N 232 
MET CE  HE1  sing N N 233 
MET CE  HE2  sing N N 234 
MET CE  HE3  sing N N 235 
MET OXT HXT  sing N N 236 
PHE N   CA   sing N N 237 
PHE N   H    sing N N 238 
PHE N   H2   sing N N 239 
PHE CA  C    sing N N 240 
PHE CA  CB   sing N N 241 
PHE CA  HA   sing N N 242 
PHE C   O    doub N N 243 
PHE C   OXT  sing N N 244 
PHE CB  CG   sing N N 245 
PHE CB  HB2  sing N N 246 
PHE CB  HB3  sing N N 247 
PHE CG  CD1  doub Y N 248 
PHE CG  CD2  sing Y N 249 
PHE CD1 CE1  sing Y N 250 
PHE CD1 HD1  sing N N 251 
PHE CD2 CE2  doub Y N 252 
PHE CD2 HD2  sing N N 253 
PHE CE1 CZ   doub Y N 254 
PHE CE1 HE1  sing N N 255 
PHE CE2 CZ   sing Y N 256 
PHE CE2 HE2  sing N N 257 
PHE CZ  HZ   sing N N 258 
PHE OXT HXT  sing N N 259 
PRO N   CA   sing N N 260 
PRO N   CD   sing N N 261 
PRO N   H    sing N N 262 
PRO CA  C    sing N N 263 
PRO CA  CB   sing N N 264 
PRO CA  HA   sing N N 265 
PRO C   O    doub N N 266 
PRO C   OXT  sing N N 267 
PRO CB  CG   sing N N 268 
PRO CB  HB2  sing N N 269 
PRO CB  HB3  sing N N 270 
PRO CG  CD   sing N N 271 
PRO CG  HG2  sing N N 272 
PRO CG  HG3  sing N N 273 
PRO CD  HD2  sing N N 274 
PRO CD  HD3  sing N N 275 
PRO OXT HXT  sing N N 276 
SER N   CA   sing N N 277 
SER N   H    sing N N 278 
SER N   H2   sing N N 279 
SER CA  C    sing N N 280 
SER CA  CB   sing N N 281 
SER CA  HA   sing N N 282 
SER C   O    doub N N 283 
SER C   OXT  sing N N 284 
SER CB  OG   sing N N 285 
SER CB  HB2  sing N N 286 
SER CB  HB3  sing N N 287 
SER OG  HG   sing N N 288 
SER OXT HXT  sing N N 289 
THR N   CA   sing N N 290 
THR N   H    sing N N 291 
THR N   H2   sing N N 292 
THR CA  C    sing N N 293 
THR CA  CB   sing N N 294 
THR CA  HA   sing N N 295 
THR C   O    doub N N 296 
THR C   OXT  sing N N 297 
THR CB  OG1  sing N N 298 
THR CB  CG2  sing N N 299 
THR CB  HB   sing N N 300 
THR OG1 HG1  sing N N 301 
THR CG2 HG21 sing N N 302 
THR CG2 HG22 sing N N 303 
THR CG2 HG23 sing N N 304 
THR OXT HXT  sing N N 305 
TRP N   CA   sing N N 306 
TRP N   H    sing N N 307 
TRP N   H2   sing N N 308 
TRP CA  C    sing N N 309 
TRP CA  CB   sing N N 310 
TRP CA  HA   sing N N 311 
TRP C   O    doub N N 312 
TRP C   OXT  sing N N 313 
TRP CB  CG   sing N N 314 
TRP CB  HB2  sing N N 315 
TRP CB  HB3  sing N N 316 
TRP CG  CD1  doub Y N 317 
TRP CG  CD2  sing Y N 318 
TRP CD1 NE1  sing Y N 319 
TRP CD1 HD1  sing N N 320 
TRP CD2 CE2  doub Y N 321 
TRP CD2 CE3  sing Y N 322 
TRP NE1 CE2  sing Y N 323 
TRP NE1 HE1  sing N N 324 
TRP CE2 CZ2  sing Y N 325 
TRP CE3 CZ3  doub Y N 326 
TRP CE3 HE3  sing N N 327 
TRP CZ2 CH2  doub Y N 328 
TRP CZ2 HZ2  sing N N 329 
TRP CZ3 CH2  sing Y N 330 
TRP CZ3 HZ3  sing N N 331 
TRP CH2 HH2  sing N N 332 
TRP OXT HXT  sing N N 333 
TYR N   CA   sing N N 334 
TYR N   H    sing N N 335 
TYR N   H2   sing N N 336 
TYR CA  C    sing N N 337 
TYR CA  CB   sing N N 338 
TYR CA  HA   sing N N 339 
TYR C   O    doub N N 340 
TYR C   OXT  sing N N 341 
TYR CB  CG   sing N N 342 
TYR CB  HB2  sing N N 343 
TYR CB  HB3  sing N N 344 
TYR CG  CD1  doub Y N 345 
TYR CG  CD2  sing Y N 346 
TYR CD1 CE1  sing Y N 347 
TYR CD1 HD1  sing N N 348 
TYR CD2 CE2  doub Y N 349 
TYR CD2 HD2  sing N N 350 
TYR CE1 CZ   doub Y N 351 
TYR CE1 HE1  sing N N 352 
TYR CE2 CZ   sing Y N 353 
TYR CE2 HE2  sing N N 354 
TYR CZ  OH   sing N N 355 
TYR OH  HH   sing N N 356 
TYR OXT HXT  sing N N 357 
VAL N   CA   sing N N 358 
VAL N   H    sing N N 359 
VAL N   H2   sing N N 360 
VAL CA  C    sing N N 361 
VAL CA  CB   sing N N 362 
VAL CA  HA   sing N N 363 
VAL C   O    doub N N 364 
VAL C   OXT  sing N N 365 
VAL CB  CG1  sing N N 366 
VAL CB  CG2  sing N N 367 
VAL CB  HB   sing N N 368 
VAL CG1 HG11 sing N N 369 
VAL CG1 HG12 sing N N 370 
VAL CG1 HG13 sing N N 371 
VAL CG2 HG21 sing N N 372 
VAL CG2 HG22 sing N N 373 
VAL CG2 HG23 sing N N 374 
VAL OXT HXT  sing N N 375 
# 
_pdbx_entity_nonpoly.entity_id   2 
_pdbx_entity_nonpoly.name        water 
_pdbx_entity_nonpoly.comp_id     HOH 
# 
_pdbx_initial_refinement_model.id               1 
_pdbx_initial_refinement_model.entity_id_list   ? 
_pdbx_initial_refinement_model.type             'experimental model' 
_pdbx_initial_refinement_model.source_name      PDB 
_pdbx_initial_refinement_model.accession_code   1KNG 
_pdbx_initial_refinement_model.details          ? 
# 
